data_5AMR
#
_entry.id   5AMR
#
_cell.length_a   102.000
_cell.length_b   140.700
_cell.length_c   162.400
_cell.angle_alpha   90.00
_cell.angle_beta   90.00
_cell.angle_gamma   90.00
#
_symmetry.space_group_name_H-M   'P 21 21 21'
#
loop_
_entity.id
_entity.type
_entity.pdbx_description
1 polymer 'RNA POLYMERASE L'
2 polymer RNA
3 polymer RNA
4 water water
#
loop_
_entity_poly.entity_id
_entity_poly.type
_entity_poly.pdbx_seq_one_letter_code
_entity_poly.pdbx_strand_id
1 'polypeptide(L)'
;GMDYQEYQQFLARINTARDACVAKDIDVDLLMARHDYFGRELCKSLNIEYRNDVPFIDIILDIRPEVDPLTIDAPHITPD
NYLYINNVLYIIDYKVSVSNESSVITYDKYYELTRDISDRLSIPIEIVIIRIDPVSRDLHINSDRFKELYPTIVVDINFN
QFFDLKQLLYEKFGDDEEFLLKVAHGDFTLTAPWCKTGCPEFWKHPIYKEFKMSMPVPERRLFEESVKFNAYESERWNTN
LVKIREYTKKDYSEHISKSAKNIFLASGFYKQPNKNEISEGWTLMVERVQDQREISKSLHDQKPSIHFIWGAHNPGNSNN
ATFKLILLSKSLQSIKGISTYTEAFKSLGKMMDIGDKAIEYEEFCMSLKSKARSSWKQIMNKKLEPKQINNALVLWEQQF
MINNDLIDKSEKLKLFKNFCGIGKHKQFKNKMLEDLEVSKPKILDFDDANMYLASLTMMEQSKKILSKSNGLKPDNFILN
EFGSRIKDANKETYDNMHKIFETGYWQCISDFSTLMKNILSVSQYNRHNTFRIAMCANNNVFAIVFPSADIKTKKATVVY
SIIVLHKEEENIFNPGCLHGTFKCMNGYISISRAIRLDKERCQRIVSSPGLFLTTCLLFKHDNPTLVMSDIMNFSIYTSL
SITKSVLSLTEPARYMIMNSLAISSNVKDYIAEKFSPYTKTLFSVYMTRLIKNACFDAYDQRQRVQLRDIYLSDYDITQK
GIKDNRELTSIWFPGSVTLKEYLTQIYLPFYFNAKGLHEKHHVMVDLAKTILEIECEQRENIKEIWSTNCTKQTVNLKIL
IHSLCKNLLADTSRHNHLRNRIENRNNFRRSITTISTFTSSKSCLKIGDFRKEKELQSVKQKKILEVQSRKMRLANPMFV
TDEQVCLEVGHCNYEMLRNAMPNYTDYISTKVFDRLYELLDKKVLTDKPVIEQIMDMMIDHKKFYFTFFNKGQKTSKDRE
IFVGEYEAKMCMYAVERIAKERCKLNPDEMISEPGDGKLKVLEQKSEQEIRFLVETTRQKNREIDEAIEALATEGYESNL
GKIEKLSLGKAKGLKMEINADMSKWSAQDVFYKYFWLIALDPILYPQEKERILYFMCNYMDKELILPDELLFNLLDQKVA
YQNDIIATMTNQLNSNTVLIKRNWLQGNFNYTSSYVHSCAMSVYKEILKEAITLLDGSILVNSLVHSDDNQTSITIVQDK
MENDKIIDFAMKEFERACLTFGCQANMKKTYVTNCIKEFVSLFNLYGEPFSIYGRFLLTSVGDCAYIGPYEDLASRISSA
QTAIKHGCPPSLAWVSIAISHWMTSLTYNMLPGQSNDPIDYFPAENRKDIPIELNGVLDAPLSMISTVGLESGNLYFLIK
LLSKYTPVMQKRESVVNQIAEVKNWKVEDLTDNEIFRLKILRYLVLDAEMDPSDIMGETSDMRGRSILTPRKFTTAGSLR
KLYSFSKYQDRLSSPGGMVELFTYLLEKPELLVTKGEDMKDYMESVIFRYNSKRFKESLSIQNPAQLFIEQILFSHKPVI
DFSGIRDKYINLHDSRALEKEPDILGKVTFTEAYRLLMRDLSSLELTNDDIQVIYSYIILNDPMMITIANTHILSIYGSP
QRRMGMSCSTMPEFRNLKLIHHSPALVLRAYSKNNPDIQGADPTEMARDLVHLKEFVENTNLEEKMKVRIAMNEAEKGQR
DIVFELKEMTRFYQVCYEYVKSTEHKIKVFILPAKSYTTTDFCSLMQGNLIKDKEWYTVHYLKQILSGGHKAIMQHNATS
EQNIAFECFKLITHFADSFIDSLSRSAFLQLIIDEFSYKDVKVSKLYDIIKNGYNRTDFIPLLFRTGDLRQADLDKYDAM
KSHERVTWNDWQTSRHLDMGSINLTITGYNRSITIIGEDNKLTYAELCLTRKTPENITISGRKLLGSRHGLKFENMSKIQ
TYPGNYYITYRKKDRHQFVYQIHSHESITRRNEEHMAIRTRIYNEITPVCVVNVAEVDGDQRILIRSLDYLNNDIFSLSR
IKVGLDEFATIKKAHFSKMVSFEGPPIKTGLLDLTELMKSQDLLNLNYDNIRNSNLISFSKLICCEGSDNINDGLEFLSD
DPMNFTEGEAIHSTPIFNIYYSKRGERHMTYRNAIKLLIERETKIFEEAFTFSENGFISPENLGCLEAVVSLIKLLKTNE
WSTVIDKCIHICLIKNGMDHMYHSFDVPKCFMGNPITRDINWVMFREFINSLPGTDIPPWNVMTENFKKKCIALINSKFE
TQRDFSEFTKLMKKEGGRSNIEFD
;
A
2 'polyribonucleotide' UUGGUAGUACACUACU B
3 'polyribonucleotide' GCUACCAA C
#
loop_
_chem_comp.id
_chem_comp.type
_chem_comp.name
_chem_comp.formula
A RNA linking ADENOSINE-5'-MONOPHOSPHATE 'C10 H14 N5 O7 P'
C RNA linking CYTIDINE-5'-MONOPHOSPHATE 'C9 H14 N3 O8 P'
G RNA linking GUANOSINE-5'-MONOPHOSPHATE 'C10 H14 N5 O8 P'
U RNA linking URIDINE-5'-MONOPHOSPHATE 'C9 H13 N2 O9 P'
#
# COMPACT_ATOMS: atom_id res chain seq x y z
N GLY A 1 62.22 7.34 11.09
CA GLY A 1 61.39 6.68 10.03
C GLY A 1 61.73 7.15 8.63
N MET A 2 61.01 8.14 8.13
CA MET A 2 61.23 8.64 6.79
C MET A 2 62.29 9.74 6.79
N ASP A 3 62.62 10.24 5.60
CA ASP A 3 63.58 11.33 5.45
C ASP A 3 62.99 12.60 6.05
N TYR A 4 63.84 13.41 6.69
CA TYR A 4 63.35 14.58 7.42
C TYR A 4 63.10 15.77 6.50
N GLN A 5 64.00 16.02 5.55
CA GLN A 5 63.79 17.07 4.56
C GLN A 5 62.47 16.78 3.84
N GLU A 6 62.30 15.52 3.45
CA GLU A 6 61.11 15.07 2.74
C GLU A 6 59.87 15.27 3.59
N TYR A 7 59.99 15.01 4.89
CA TYR A 7 58.87 15.14 5.81
C TYR A 7 58.40 16.59 5.93
N GLN A 8 59.35 17.50 6.11
CA GLN A 8 59.02 18.92 6.27
C GLN A 8 58.41 19.50 4.99
N GLN A 9 58.79 18.94 3.85
CA GLN A 9 58.23 19.37 2.57
C GLN A 9 56.76 18.99 2.48
N PHE A 10 56.44 17.75 2.84
CA PHE A 10 55.06 17.29 2.89
C PHE A 10 54.24 18.17 3.83
N LEU A 11 54.85 18.56 4.95
CA LEU A 11 54.15 19.34 5.96
C LEU A 11 53.88 20.75 5.45
N ALA A 12 54.72 21.22 4.53
CA ALA A 12 54.54 22.55 3.96
C ALA A 12 53.44 22.53 2.90
N ARG A 13 53.45 21.49 2.08
CA ARG A 13 52.44 21.34 1.02
C ARG A 13 51.03 21.24 1.61
N ILE A 14 50.90 20.45 2.67
CA ILE A 14 49.62 20.28 3.35
C ILE A 14 49.13 21.62 3.89
N ASN A 15 50.02 22.38 4.50
CA ASN A 15 49.68 23.68 5.07
C ASN A 15 49.31 24.69 3.98
N THR A 16 49.88 24.51 2.79
CA THR A 16 49.69 25.46 1.70
C THR A 16 48.46 25.12 0.86
N ALA A 17 48.16 23.82 0.75
CA ALA A 17 47.12 23.33 -0.14
C ALA A 17 45.78 24.03 0.06
N ARG A 18 45.12 24.34 -1.05
CA ARG A 18 43.79 24.94 -1.03
C ARG A 18 42.86 24.24 -2.03
N ASP A 19 43.35 23.17 -2.65
CA ASP A 19 42.59 22.46 -3.67
C ASP A 19 42.53 20.97 -3.43
N ALA A 20 41.42 20.36 -3.81
CA ALA A 20 41.32 18.90 -3.83
C ALA A 20 42.35 18.35 -4.80
N CYS A 21 42.61 19.11 -5.86
CA CYS A 21 43.61 18.76 -6.84
C CYS A 21 45.00 18.68 -6.21
N VAL A 22 45.38 19.75 -5.52
CA VAL A 22 46.69 19.82 -4.87
C VAL A 22 46.77 18.77 -3.77
N ALA A 23 45.70 18.67 -2.97
CA ALA A 23 45.65 17.73 -1.86
C ALA A 23 45.70 16.29 -2.36
N LYS A 24 45.04 16.03 -3.48
CA LYS A 24 45.04 14.69 -4.09
C LYS A 24 46.47 14.29 -4.47
N ASP A 25 47.21 15.22 -5.05
CA ASP A 25 48.58 14.95 -5.45
C ASP A 25 49.45 14.62 -4.24
N ILE A 26 49.22 15.32 -3.13
CA ILE A 26 49.96 15.04 -1.91
C ILE A 26 49.68 13.61 -1.45
N ASP A 27 48.43 13.20 -1.53
CA ASP A 27 48.02 11.85 -1.14
C ASP A 27 48.81 10.81 -1.93
N VAL A 28 48.86 11.01 -3.25
CA VAL A 28 49.59 10.11 -4.14
C VAL A 28 51.07 10.09 -3.78
N ASP A 29 51.63 11.26 -3.48
CA ASP A 29 53.05 11.36 -3.17
C ASP A 29 53.37 10.68 -1.83
N LEU A 30 52.47 10.82 -0.86
CA LEU A 30 52.64 10.15 0.42
C LEU A 30 52.66 8.64 0.24
N LEU A 31 51.72 8.13 -0.56
CA LEU A 31 51.63 6.71 -0.84
C LEU A 31 52.89 6.22 -1.55
N MET A 32 53.33 7.00 -2.53
CA MET A 32 54.50 6.62 -3.31
C MET A 32 55.77 6.74 -2.46
N ALA A 33 55.80 7.72 -1.56
CA ALA A 33 56.90 7.85 -0.63
C ALA A 33 56.93 6.66 0.32
N ARG A 34 55.77 6.31 0.87
CA ARG A 34 55.67 5.19 1.80
C ARG A 34 56.10 3.89 1.14
N HIS A 35 55.75 3.73 -0.14
CA HIS A 35 56.12 2.54 -0.89
C HIS A 35 57.63 2.46 -1.10
N ASP A 36 58.24 3.58 -1.48
CA ASP A 36 59.68 3.64 -1.66
C ASP A 36 60.39 3.36 -0.34
N TYR A 37 59.93 4.02 0.71
CA TYR A 37 60.52 3.87 2.05
C TYR A 37 60.57 2.40 2.48
N PHE A 38 59.51 1.65 2.17
CA PHE A 38 59.47 0.24 2.48
C PHE A 38 60.53 -0.52 1.69
N GLY A 39 60.50 -0.34 0.37
CA GLY A 39 61.45 -1.01 -0.51
C GLY A 39 62.91 -0.84 -0.07
N ARG A 40 63.29 0.38 0.25
CA ARG A 40 64.66 0.66 0.67
C ARG A 40 65.02 -0.15 1.92
N GLU A 41 64.11 -0.16 2.88
CA GLU A 41 64.34 -0.88 4.14
C GLU A 41 64.26 -2.39 3.91
N LEU A 42 63.42 -2.80 2.97
CA LEU A 42 63.29 -4.21 2.63
C LEU A 42 64.59 -4.73 2.00
N CYS A 43 65.13 -3.96 1.06
CA CYS A 43 66.35 -4.36 0.36
C CYS A 43 67.54 -4.42 1.30
N LYS A 44 67.56 -3.54 2.31
CA LYS A 44 68.63 -3.54 3.30
C LYS A 44 68.62 -4.83 4.11
N SER A 45 67.42 -5.36 4.35
CA SER A 45 67.27 -6.60 5.10
C SER A 45 67.65 -7.81 4.26
N LEU A 46 67.23 -7.78 2.98
CA LEU A 46 67.60 -8.85 2.06
C LEU A 46 69.06 -8.71 1.63
N ASN A 47 69.66 -7.57 1.95
CA ASN A 47 71.04 -7.28 1.54
C ASN A 47 71.19 -7.41 0.03
N ILE A 48 70.27 -6.79 -0.70
CA ILE A 48 70.37 -6.72 -2.15
C ILE A 48 70.33 -5.26 -2.59
N GLU A 49 70.59 -5.03 -3.86
CA GLU A 49 70.60 -3.68 -4.42
C GLU A 49 69.18 -3.14 -4.55
N TYR A 50 68.97 -1.92 -4.06
CA TYR A 50 67.66 -1.27 -4.19
C TYR A 50 67.48 -0.72 -5.60
N ARG A 51 66.30 -0.98 -6.17
CA ARG A 51 65.94 -0.47 -7.47
C ARG A 51 64.47 -0.13 -7.41
N ASN A 52 64.15 1.10 -7.80
CA ASN A 52 62.78 1.57 -7.73
C ASN A 52 61.92 0.89 -8.78
N ASP A 53 62.28 1.08 -10.05
CA ASP A 53 61.60 0.41 -11.15
C ASP A 53 62.63 -0.12 -12.14
N VAL A 54 62.34 -1.27 -12.73
CA VAL A 54 63.29 -1.93 -13.62
C VAL A 54 62.56 -2.44 -14.87
N PRO A 55 63.00 -1.98 -16.06
CA PRO A 55 62.43 -2.56 -17.28
C PRO A 55 62.77 -4.04 -17.40
N PHE A 56 61.88 -4.83 -18.01
CA PHE A 56 62.08 -6.27 -18.08
C PHE A 56 63.20 -6.64 -19.05
N ILE A 57 63.47 -5.76 -20.01
CA ILE A 57 64.52 -6.03 -20.99
C ILE A 57 65.88 -5.98 -20.29
N ASP A 58 66.00 -5.10 -19.29
CA ASP A 58 67.25 -4.97 -18.55
C ASP A 58 67.53 -6.21 -17.72
N ILE A 59 66.47 -6.83 -17.20
CA ILE A 59 66.61 -8.05 -16.44
C ILE A 59 67.21 -9.12 -17.35
N ILE A 60 66.72 -9.18 -18.59
CA ILE A 60 67.18 -10.16 -19.56
C ILE A 60 68.62 -9.85 -19.98
N LEU A 61 68.88 -8.60 -20.36
CA LEU A 61 70.22 -8.18 -20.77
C LEU A 61 71.26 -8.53 -19.70
N ASP A 62 70.84 -8.52 -18.44
CA ASP A 62 71.73 -8.79 -17.33
C ASP A 62 71.99 -10.29 -17.15
N ILE A 63 70.93 -11.09 -17.10
CA ILE A 63 71.07 -12.51 -16.82
C ILE A 63 71.41 -13.28 -18.10
N ARG A 64 71.16 -12.66 -19.24
CA ARG A 64 71.50 -13.26 -20.53
C ARG A 64 72.04 -12.20 -21.49
N PRO A 65 73.32 -11.83 -21.34
CA PRO A 65 73.91 -10.79 -22.18
C PRO A 65 73.94 -11.18 -23.66
N GLU A 66 73.91 -12.48 -23.94
CA GLU A 66 73.99 -12.98 -25.30
C GLU A 66 72.64 -12.94 -26.02
N VAL A 67 71.57 -12.68 -25.28
CA VAL A 67 70.24 -12.62 -25.87
C VAL A 67 70.08 -11.34 -26.69
N ASP A 68 69.37 -11.46 -27.80
CA ASP A 68 69.19 -10.36 -28.73
C ASP A 68 67.98 -9.51 -28.36
N PRO A 69 68.20 -8.26 -27.90
CA PRO A 69 67.05 -7.45 -27.47
C PRO A 69 66.07 -7.10 -28.59
N LEU A 70 66.46 -7.34 -29.84
CA LEU A 70 65.62 -6.96 -30.97
C LEU A 70 64.73 -8.10 -31.48
N THR A 71 64.98 -9.31 -30.99
CA THR A 71 64.26 -10.48 -31.49
C THR A 71 63.55 -11.26 -30.40
N ILE A 72 63.67 -10.80 -29.15
CA ILE A 72 63.17 -11.59 -28.02
C ILE A 72 61.72 -11.27 -27.70
N ASP A 73 61.29 -10.04 -27.99
CA ASP A 73 59.92 -9.63 -27.71
C ASP A 73 59.58 -9.80 -26.24
N ALA A 74 60.32 -9.11 -25.38
CA ALA A 74 60.08 -9.17 -23.95
C ALA A 74 58.75 -8.48 -23.59
N PRO A 75 58.13 -8.90 -22.47
CA PRO A 75 56.90 -8.22 -22.04
C PRO A 75 57.15 -6.77 -21.66
N HIS A 76 56.09 -5.97 -21.57
CA HIS A 76 56.21 -4.57 -21.20
C HIS A 76 55.77 -4.35 -19.76
N ILE A 77 56.49 -4.96 -18.82
CA ILE A 77 56.22 -4.78 -17.40
C ILE A 77 57.46 -4.23 -16.73
N THR A 78 57.28 -3.55 -15.60
CA THR A 78 58.37 -2.91 -14.88
C THR A 78 58.37 -3.29 -13.41
N PRO A 79 58.93 -4.46 -13.08
CA PRO A 79 58.99 -4.88 -11.67
C PRO A 79 59.86 -3.95 -10.82
N ASP A 80 59.58 -3.91 -9.52
CA ASP A 80 60.34 -3.07 -8.61
C ASP A 80 61.78 -3.58 -8.47
N ASN A 81 61.97 -4.89 -8.54
CA ASN A 81 63.29 -5.47 -8.34
C ASN A 81 63.30 -6.93 -8.78
N TYR A 82 64.48 -7.56 -8.72
CA TYR A 82 64.61 -8.95 -9.12
C TYR A 82 65.83 -9.60 -8.48
N LEU A 83 65.97 -10.90 -8.69
CA LEU A 83 67.05 -11.67 -8.09
C LEU A 83 67.28 -12.96 -8.87
N TYR A 84 68.39 -13.02 -9.60
CA TYR A 84 68.73 -14.20 -10.37
C TYR A 84 69.74 -15.06 -9.62
N ILE A 85 69.28 -16.21 -9.12
CA ILE A 85 70.14 -17.09 -8.35
C ILE A 85 69.76 -18.56 -8.59
N ASN A 86 70.77 -19.38 -8.85
CA ASN A 86 70.59 -20.81 -9.06
C ASN A 86 69.73 -21.07 -10.28
N ASN A 87 69.89 -20.24 -11.31
CA ASN A 87 69.15 -20.37 -12.56
C ASN A 87 67.64 -20.30 -12.32
N VAL A 88 67.24 -19.44 -11.40
CA VAL A 88 65.82 -19.13 -11.19
C VAL A 88 65.69 -17.61 -11.13
N LEU A 89 64.79 -17.07 -11.93
CA LEU A 89 64.56 -15.63 -11.93
C LEU A 89 63.39 -15.28 -11.03
N TYR A 90 63.70 -14.61 -9.91
CA TYR A 90 62.67 -14.13 -8.99
C TYR A 90 62.30 -12.69 -9.33
N ILE A 91 61.07 -12.48 -9.78
CA ILE A 91 60.57 -11.15 -10.02
C ILE A 91 59.97 -10.64 -8.72
N ILE A 92 60.38 -9.45 -8.30
CA ILE A 92 59.96 -8.90 -7.02
C ILE A 92 59.09 -7.65 -7.22
N ASP A 93 58.13 -7.47 -6.32
CA ASP A 93 57.33 -6.27 -6.25
C ASP A 93 57.01 -5.97 -4.79
N TYR A 94 57.11 -4.71 -4.39
CA TYR A 94 56.74 -4.33 -3.02
C TYR A 94 55.32 -3.79 -2.99
N LYS A 95 54.59 -4.13 -1.93
CA LYS A 95 53.28 -3.55 -1.68
C LYS A 95 53.17 -3.12 -0.22
N VAL A 96 52.60 -1.94 0.01
CA VAL A 96 52.19 -1.55 1.35
C VAL A 96 50.67 -1.48 1.35
N SER A 97 50.04 -2.55 1.82
CA SER A 97 48.59 -2.66 1.80
C SER A 97 48.11 -3.63 2.85
N VAL A 98 46.98 -3.32 3.46
CA VAL A 98 46.38 -4.21 4.44
C VAL A 98 45.56 -5.30 3.73
N SER A 99 45.58 -5.26 2.40
CA SER A 99 44.80 -6.21 1.60
C SER A 99 45.68 -6.90 0.55
N ASN A 100 45.25 -8.09 0.14
CA ASN A 100 46.02 -8.92 -0.79
C ASN A 100 45.57 -8.69 -2.24
N GLU A 101 44.60 -7.81 -2.43
CA GLU A 101 43.98 -7.62 -3.74
C GLU A 101 44.94 -7.07 -4.78
N SER A 102 45.66 -6.01 -4.42
CA SER A 102 46.69 -5.46 -5.31
C SER A 102 47.67 -6.54 -5.72
N SER A 103 48.02 -7.39 -4.76
CA SER A 103 48.99 -8.45 -4.98
C SER A 103 48.50 -9.49 -5.99
N VAL A 104 47.21 -9.82 -5.92
CA VAL A 104 46.64 -10.83 -6.81
C VAL A 104 46.73 -10.38 -8.26
N ILE A 105 46.32 -9.14 -8.52
CA ILE A 105 46.33 -8.59 -9.87
C ILE A 105 47.76 -8.49 -10.39
N THR A 106 48.66 -7.97 -9.56
CA THR A 106 50.07 -7.84 -9.93
C THR A 106 50.66 -9.20 -10.27
N TYR A 107 50.29 -10.22 -9.49
CA TYR A 107 50.79 -11.57 -9.72
C TYR A 107 50.25 -12.16 -11.02
N ASP A 108 48.93 -12.11 -11.19
CA ASP A 108 48.29 -12.67 -12.36
C ASP A 108 48.81 -12.03 -13.64
N LYS A 109 49.04 -10.72 -13.60
CA LYS A 109 49.54 -9.99 -14.75
C LYS A 109 50.96 -10.43 -15.07
N TYR A 110 51.84 -10.34 -14.08
CA TYR A 110 53.25 -10.70 -14.26
C TYR A 110 53.41 -12.17 -14.66
N TYR A 111 52.70 -13.06 -13.97
CA TYR A 111 52.82 -14.48 -14.22
C TYR A 111 52.44 -14.83 -15.67
N GLU A 112 51.28 -14.33 -16.10
CA GLU A 112 50.77 -14.63 -17.43
C GLU A 112 51.71 -14.14 -18.53
N LEU A 113 52.27 -12.95 -18.32
CA LEU A 113 53.10 -12.31 -19.34
C LEU A 113 54.51 -12.87 -19.41
N THR A 114 54.93 -13.58 -18.37
CA THR A 114 56.27 -14.15 -18.33
C THR A 114 56.30 -15.63 -18.70
N ARG A 115 55.17 -16.15 -19.15
CA ARG A 115 55.08 -17.56 -19.54
C ARG A 115 55.80 -17.78 -20.88
N ASP A 116 55.47 -16.98 -21.88
CA ASP A 116 56.06 -17.13 -23.20
C ASP A 116 57.58 -17.09 -23.14
N ILE A 117 58.13 -16.11 -22.46
CA ILE A 117 59.57 -15.89 -22.46
C ILE A 117 60.27 -16.96 -21.61
N SER A 118 59.56 -17.48 -20.62
CA SER A 118 60.09 -18.55 -19.78
C SER A 118 60.36 -19.80 -20.61
N ASP A 119 59.37 -20.20 -21.42
CA ASP A 119 59.49 -21.39 -22.24
C ASP A 119 60.53 -21.24 -23.34
N ARG A 120 60.80 -20.00 -23.75
CA ARG A 120 61.72 -19.73 -24.84
C ARG A 120 63.17 -19.78 -24.37
N LEU A 121 63.43 -19.23 -23.20
CA LEU A 121 64.79 -19.17 -22.67
C LEU A 121 65.11 -20.36 -21.77
N SER A 122 64.09 -21.19 -21.51
CA SER A 122 64.24 -22.28 -20.55
C SER A 122 64.72 -21.74 -19.20
N ILE A 123 64.05 -20.69 -18.73
CA ILE A 123 64.34 -20.12 -17.42
C ILE A 123 63.05 -20.11 -16.59
N PRO A 124 63.06 -20.80 -15.44
CA PRO A 124 61.90 -20.67 -14.55
C PRO A 124 61.79 -19.26 -13.97
N ILE A 125 60.64 -18.62 -14.14
CA ILE A 125 60.44 -17.27 -13.64
C ILE A 125 59.41 -17.27 -12.52
N GLU A 126 59.85 -16.95 -11.32
CA GLU A 126 58.98 -16.93 -10.15
C GLU A 126 58.54 -15.51 -9.82
N ILE A 127 57.23 -15.32 -9.67
CA ILE A 127 56.67 -14.01 -9.34
C ILE A 127 56.53 -13.88 -7.84
N VAL A 128 57.25 -12.92 -7.25
CA VAL A 128 57.27 -12.75 -5.81
C VAL A 128 56.68 -11.40 -5.42
N ILE A 129 55.60 -11.42 -4.65
CA ILE A 129 55.01 -10.21 -4.11
C ILE A 129 55.31 -10.13 -2.63
N ILE A 130 56.08 -9.13 -2.23
CA ILE A 130 56.40 -8.93 -0.82
C ILE A 130 55.58 -7.77 -0.30
N ARG A 131 54.56 -8.09 0.50
CA ARG A 131 53.64 -7.09 1.03
C ARG A 131 53.90 -6.87 2.51
N ILE A 132 53.65 -5.64 2.97
CA ILE A 132 53.71 -5.35 4.40
C ILE A 132 52.43 -4.63 4.83
N ASP A 133 51.80 -5.17 5.86
CA ASP A 133 50.63 -4.52 6.44
C ASP A 133 51.08 -3.30 7.23
N PRO A 134 50.70 -2.09 6.79
CA PRO A 134 51.19 -0.90 7.48
C PRO A 134 50.62 -0.72 8.89
N VAL A 135 49.69 -1.57 9.29
CA VAL A 135 49.09 -1.50 10.62
C VAL A 135 49.81 -2.46 11.55
N SER A 136 49.83 -3.74 11.17
CA SER A 136 50.46 -4.78 12.00
C SER A 136 51.97 -4.85 11.76
N ARG A 137 52.40 -4.39 10.58
CA ARG A 137 53.81 -4.44 10.18
C ARG A 137 54.25 -5.86 9.82
N ASP A 138 53.29 -6.78 9.72
CA ASP A 138 53.59 -8.15 9.32
C ASP A 138 53.89 -8.21 7.82
N LEU A 139 54.81 -9.08 7.44
CA LEU A 139 55.12 -9.31 6.03
C LEU A 139 54.34 -10.49 5.48
N HIS A 140 54.01 -10.42 4.20
CA HIS A 140 53.29 -11.51 3.53
C HIS A 140 53.93 -11.78 2.16
N ILE A 141 54.42 -13.00 1.97
CA ILE A 141 55.03 -13.38 0.71
C ILE A 141 54.40 -14.67 0.20
N ASN A 142 53.96 -14.63 -1.05
CA ASN A 142 53.28 -15.76 -1.67
C ASN A 142 54.24 -16.89 -2.02
N SER A 143 55.40 -16.53 -2.56
CA SER A 143 56.34 -17.50 -3.10
C SER A 143 56.95 -18.40 -2.03
N ASP A 144 56.57 -19.67 -2.04
CA ASP A 144 57.14 -20.65 -1.13
C ASP A 144 58.63 -20.82 -1.37
N ARG A 145 59.04 -20.74 -2.63
CA ARG A 145 60.45 -20.94 -2.96
C ARG A 145 61.32 -19.75 -2.58
N PHE A 146 60.73 -18.56 -2.56
CA PHE A 146 61.48 -17.36 -2.18
C PHE A 146 61.68 -17.31 -0.67
N LYS A 147 60.76 -17.90 0.08
CA LYS A 147 60.85 -17.96 1.53
C LYS A 147 61.94 -18.94 1.95
N GLU A 148 62.29 -19.86 1.05
CA GLU A 148 63.36 -20.81 1.31
C GLU A 148 64.72 -20.12 1.19
N LEU A 149 64.80 -19.09 0.37
CA LEU A 149 66.04 -18.31 0.24
C LEU A 149 66.14 -17.28 1.36
N TYR A 150 64.99 -16.86 1.88
CA TYR A 150 64.94 -15.89 2.96
C TYR A 150 63.93 -16.32 4.02
N PRO A 151 64.26 -17.38 4.77
CA PRO A 151 63.35 -17.92 5.79
C PRO A 151 63.19 -17.02 7.01
N THR A 152 64.08 -16.03 7.14
CA THR A 152 64.04 -15.11 8.26
C THR A 152 64.26 -13.67 7.77
N ILE A 153 63.17 -12.95 7.54
CA ILE A 153 63.25 -11.56 7.12
C ILE A 153 62.80 -10.67 8.26
N VAL A 154 63.64 -9.70 8.63
CA VAL A 154 63.35 -8.79 9.71
C VAL A 154 63.43 -7.36 9.19
N VAL A 155 62.32 -6.62 9.30
CA VAL A 155 62.26 -5.26 8.81
C VAL A 155 61.74 -4.33 9.90
N ASP A 156 62.65 -3.87 10.77
CA ASP A 156 62.27 -2.87 11.77
C ASP A 156 61.91 -1.58 11.05
N ILE A 157 60.63 -1.41 10.78
CA ILE A 157 60.14 -0.29 9.99
C ILE A 157 58.95 0.36 10.68
N ASN A 158 58.87 1.68 10.61
CA ASN A 158 57.83 2.45 11.30
C ASN A 158 57.13 3.41 10.35
N PHE A 159 55.81 3.28 10.24
CA PHE A 159 55.03 4.09 9.31
C PHE A 159 54.31 5.24 10.01
N ASN A 160 54.64 5.50 11.26
CA ASN A 160 53.92 6.47 12.08
C ASN A 160 53.92 7.88 11.47
N GLN A 161 55.01 8.24 10.80
CA GLN A 161 55.14 9.58 10.24
C GLN A 161 54.24 9.78 9.03
N PHE A 162 54.02 8.70 8.28
CA PHE A 162 53.14 8.76 7.12
C PHE A 162 51.68 8.81 7.56
N PHE A 163 51.37 8.14 8.66
CA PHE A 163 50.02 8.15 9.21
C PHE A 163 49.63 9.55 9.69
N ASP A 164 50.58 10.24 10.34
CA ASP A 164 50.33 11.57 10.86
C ASP A 164 50.11 12.58 9.74
N LEU A 165 50.90 12.45 8.67
CA LEU A 165 50.79 13.35 7.53
C LEU A 165 49.46 13.14 6.80
N LYS A 166 49.09 11.88 6.60
CA LYS A 166 47.83 11.55 5.95
C LYS A 166 46.66 12.08 6.77
N GLN A 167 46.76 11.93 8.09
CA GLN A 167 45.69 12.33 9.00
C GLN A 167 45.49 13.84 8.96
N LEU A 168 46.60 14.59 8.87
CA LEU A 168 46.52 16.04 8.83
C LEU A 168 45.93 16.53 7.51
N LEU A 169 46.32 15.89 6.42
CA LEU A 169 45.78 16.20 5.10
C LEU A 169 44.28 15.94 5.06
N TYR A 170 43.86 14.81 5.62
CA TYR A 170 42.47 14.38 5.52
C TYR A 170 41.56 15.18 6.45
N GLU A 171 42.07 15.58 7.61
CA GLU A 171 41.30 16.40 8.53
C GLU A 171 40.99 17.76 7.89
N LYS A 172 41.98 18.32 7.21
CA LYS A 172 41.84 19.64 6.59
C LYS A 172 40.87 19.62 5.43
N PHE A 173 40.83 18.52 4.69
CA PHE A 173 40.00 18.42 3.49
C PHE A 173 38.84 17.45 3.68
N GLY A 174 38.51 17.17 4.94
CA GLY A 174 37.43 16.25 5.26
C GLY A 174 36.07 16.70 4.76
N ASP A 175 35.83 18.00 4.78
CA ASP A 175 34.56 18.56 4.31
C ASP A 175 34.55 18.81 2.81
N ASP A 176 35.72 18.74 2.19
CA ASP A 176 35.84 18.99 0.76
C ASP A 176 35.29 17.81 -0.03
N GLU A 177 34.08 17.99 -0.57
CA GLU A 177 33.40 16.93 -1.30
C GLU A 177 34.26 16.41 -2.45
N GLU A 178 34.93 17.33 -3.14
CA GLU A 178 35.74 16.98 -4.30
C GLU A 178 36.94 16.12 -3.88
N PHE A 179 37.50 16.42 -2.71
CA PHE A 179 38.62 15.66 -2.19
C PHE A 179 38.22 14.20 -2.00
N LEU A 180 37.07 13.99 -1.36
CA LEU A 180 36.60 12.64 -1.07
C LEU A 180 36.39 11.84 -2.35
N LEU A 181 35.95 12.51 -3.41
CA LEU A 181 35.74 11.86 -4.70
C LEU A 181 37.05 11.34 -5.30
N LYS A 182 38.08 12.17 -5.23
CA LYS A 182 39.35 11.86 -5.88
C LYS A 182 40.18 10.88 -5.07
N VAL A 183 40.30 11.14 -3.77
CA VAL A 183 41.02 10.25 -2.88
C VAL A 183 40.37 8.87 -2.91
N ALA A 184 39.07 8.83 -2.64
CA ALA A 184 38.32 7.57 -2.64
C ALA A 184 38.64 6.79 -3.90
N HIS A 185 38.91 5.51 -3.75
CA HIS A 185 39.22 4.65 -4.89
C HIS A 185 39.10 3.19 -4.49
N GLY A 186 38.26 2.40 -5.16
CA GLY A 186 37.36 2.85 -6.21
C GLY A 186 36.06 2.05 -6.15
N ASP A 187 35.86 1.40 -5.02
CA ASP A 187 34.65 0.64 -4.78
C ASP A 187 33.91 1.22 -3.56
N PHE A 188 34.42 2.34 -3.04
CA PHE A 188 33.86 2.96 -1.86
C PHE A 188 34.10 4.47 -1.88
N THR A 189 33.01 5.23 -1.84
CA THR A 189 33.11 6.69 -1.85
C THR A 189 32.21 7.28 -0.76
N LEU A 190 32.76 8.17 0.04
CA LEU A 190 32.00 8.84 1.09
C LEU A 190 31.63 10.26 0.67
N THR A 191 30.87 10.93 1.53
CA THR A 191 30.55 12.33 1.37
C THR A 191 30.93 13.06 2.66
N ALA A 192 30.66 14.35 2.72
CA ALA A 192 30.98 15.13 3.91
C ALA A 192 30.15 14.64 5.10
N PRO A 193 30.74 14.65 6.32
CA PRO A 193 29.95 14.38 7.52
C PRO A 193 28.68 15.22 7.61
N TRP A 194 27.67 14.70 8.29
CA TRP A 194 26.40 15.41 8.46
C TRP A 194 26.44 16.31 9.70
N CYS A 195 27.45 16.10 10.55
CA CYS A 195 27.63 16.91 11.74
C CYS A 195 29.10 16.93 12.17
N LYS A 196 29.49 17.96 12.91
CA LYS A 196 30.86 18.12 13.32
C LYS A 196 31.18 17.31 14.60
N THR A 197 30.39 17.51 15.65
CA THR A 197 30.62 16.80 16.90
C THR A 197 29.74 15.56 17.02
N GLY A 198 30.17 14.64 17.88
CA GLY A 198 29.40 13.44 18.17
C GLY A 198 28.47 13.64 19.34
N CYS A 199 28.30 12.60 20.16
CA CYS A 199 27.41 12.67 21.30
C CYS A 199 27.99 11.97 22.53
N PRO A 200 28.64 12.74 23.43
CA PRO A 200 29.19 12.12 24.64
C PRO A 200 28.14 11.54 25.57
N GLU A 201 26.91 12.06 25.50
CA GLU A 201 25.85 11.60 26.40
C GLU A 201 25.49 10.14 26.13
N PHE A 202 25.74 9.70 24.91
CA PHE A 202 25.46 8.33 24.52
C PHE A 202 26.16 7.32 25.44
N TRP A 203 27.44 7.56 25.68
CA TRP A 203 28.26 6.61 26.44
C TRP A 203 27.86 6.53 27.91
N LYS A 204 27.10 7.52 28.38
CA LYS A 204 26.65 7.55 29.77
C LYS A 204 25.19 7.10 29.89
N HIS A 205 24.52 6.96 28.76
CA HIS A 205 23.11 6.60 28.73
C HIS A 205 22.87 5.25 29.40
N PRO A 206 22.00 5.21 30.44
CA PRO A 206 21.74 3.95 31.14
C PRO A 206 21.38 2.78 30.23
N ILE A 207 20.72 3.06 29.12
CA ILE A 207 20.30 2.00 28.20
C ILE A 207 21.51 1.47 27.43
N TYR A 208 22.47 2.33 27.14
CA TYR A 208 23.70 1.85 26.54
C TYR A 208 24.47 1.01 27.55
N LYS A 209 24.49 1.46 28.80
CA LYS A 209 25.17 0.74 29.87
C LYS A 209 24.54 -0.62 30.09
N GLU A 210 23.23 -0.70 29.88
CA GLU A 210 22.50 -1.96 29.93
C GLU A 210 22.94 -2.86 28.77
N PHE A 211 22.97 -2.27 27.59
CA PHE A 211 23.41 -2.96 26.38
C PHE A 211 24.86 -3.43 26.50
N LYS A 212 25.68 -2.64 27.19
CA LYS A 212 27.09 -2.94 27.36
C LYS A 212 27.30 -4.09 28.34
N MET A 213 26.85 -3.90 29.58
CA MET A 213 27.02 -4.90 30.63
C MET A 213 26.50 -6.28 30.22
N SER A 214 25.58 -6.32 29.26
CA SER A 214 24.95 -7.57 28.85
C SER A 214 25.84 -8.38 27.92
N MET A 215 26.87 -7.74 27.37
CA MET A 215 27.77 -8.43 26.45
C MET A 215 29.04 -8.91 27.14
N PRO A 216 29.68 -9.94 26.58
CA PRO A 216 31.01 -10.30 27.10
C PRO A 216 31.99 -9.17 26.87
N VAL A 217 33.11 -9.18 27.59
CA VAL A 217 34.07 -8.07 27.54
C VAL A 217 34.62 -7.84 26.13
N PRO A 218 34.98 -8.91 25.42
CA PRO A 218 35.50 -8.69 24.06
C PRO A 218 34.52 -7.93 23.16
N GLU A 219 33.25 -8.30 23.20
CA GLU A 219 32.25 -7.66 22.34
C GLU A 219 32.02 -6.20 22.73
N ARG A 220 32.23 -5.88 24.01
CA ARG A 220 32.18 -4.49 24.45
C ARG A 220 33.24 -3.67 23.72
N ARG A 221 34.49 -4.10 23.81
CA ARG A 221 35.60 -3.42 23.15
C ARG A 221 35.34 -3.29 21.65
N LEU A 222 34.84 -4.35 21.05
CA LEU A 222 34.62 -4.37 19.60
C LEU A 222 33.51 -3.40 19.20
N PHE A 223 32.55 -3.20 20.08
CA PHE A 223 31.45 -2.28 19.79
C PHE A 223 31.95 -0.83 19.90
N GLU A 224 32.66 -0.53 20.99
CA GLU A 224 33.21 0.81 21.19
C GLU A 224 34.25 1.12 20.12
N GLU A 225 34.97 0.08 19.72
CA GLU A 225 35.96 0.21 18.65
C GLU A 225 35.28 0.45 17.32
N SER A 226 34.13 -0.20 17.12
CA SER A 226 33.40 -0.11 15.86
C SER A 226 32.68 1.24 15.72
N VAL A 227 32.25 1.82 16.83
CA VAL A 227 31.58 3.11 16.81
C VAL A 227 32.59 4.20 16.41
N LYS A 228 33.78 4.12 16.97
CA LYS A 228 34.80 5.15 16.78
C LYS A 228 35.54 5.00 15.45
N PHE A 229 35.30 3.90 14.75
CA PHE A 229 35.89 3.66 13.44
C PHE A 229 35.28 4.59 12.40
N ASN A 230 36.08 5.03 11.44
CA ASN A 230 35.55 5.75 10.28
C ASN A 230 36.35 5.43 9.02
N ALA A 231 35.64 5.00 7.99
CA ALA A 231 36.24 4.49 6.77
C ALA A 231 37.12 5.53 6.07
N TYR A 232 36.79 6.81 6.26
CA TYR A 232 37.48 7.88 5.57
C TYR A 232 38.96 7.94 5.94
N GLU A 233 39.25 7.85 7.23
CA GLU A 233 40.61 8.02 7.73
C GLU A 233 41.39 6.70 7.73
N SER A 234 40.69 5.59 7.55
CA SER A 234 41.32 4.27 7.62
C SER A 234 41.97 3.85 6.31
N GLU A 235 42.89 2.90 6.39
CA GLU A 235 43.55 2.34 5.22
C GLU A 235 42.52 1.87 4.20
N ARG A 236 41.63 0.99 4.65
CA ARG A 236 40.52 0.51 3.82
C ARG A 236 39.21 0.74 4.55
N TRP A 237 38.12 0.76 3.80
CA TRP A 237 36.80 1.01 4.37
C TRP A 237 36.26 -0.21 5.13
N ASN A 238 36.82 -1.37 4.83
CA ASN A 238 36.25 -2.63 5.31
C ASN A 238 37.04 -3.28 6.44
N THR A 239 38.10 -2.63 6.90
CA THR A 239 38.97 -3.22 7.92
C THR A 239 38.20 -3.59 9.17
N ASN A 240 37.37 -2.66 9.66
CA ASN A 240 36.59 -2.90 10.87
C ASN A 240 35.68 -4.11 10.69
N LEU A 241 34.93 -4.12 9.60
CA LEU A 241 34.04 -5.24 9.28
C LEU A 241 34.82 -6.56 9.24
N VAL A 242 35.89 -6.58 8.46
CA VAL A 242 36.71 -7.78 8.31
C VAL A 242 37.26 -8.23 9.67
N LYS A 243 37.72 -7.29 10.47
CA LYS A 243 38.27 -7.61 11.79
C LYS A 243 37.23 -8.32 12.65
N ILE A 244 36.04 -7.74 12.72
CA ILE A 244 35.00 -8.26 13.60
C ILE A 244 34.43 -9.57 13.04
N ARG A 245 34.37 -9.67 11.72
CA ARG A 245 33.94 -10.90 11.07
C ARG A 245 34.85 -12.06 11.46
N GLU A 246 36.16 -11.83 11.36
CA GLU A 246 37.14 -12.87 11.63
C GLU A 246 37.15 -13.26 13.11
N TYR A 247 36.92 -12.29 13.99
CA TYR A 247 36.90 -12.57 15.42
C TYR A 247 35.75 -13.52 15.78
N THR A 248 34.67 -13.45 15.02
CA THR A 248 33.47 -14.23 15.33
C THR A 248 33.33 -15.47 14.45
N LYS A 249 34.31 -15.69 13.58
CA LYS A 249 34.22 -16.74 12.58
C LYS A 249 34.18 -18.15 13.19
N LYS A 250 34.90 -18.35 14.29
CA LYS A 250 34.96 -19.68 14.90
C LYS A 250 33.61 -20.12 15.43
N ASP A 251 32.97 -19.26 16.22
CA ASP A 251 31.69 -19.60 16.81
C ASP A 251 30.59 -19.64 15.75
N TYR A 252 30.75 -18.83 14.72
CA TYR A 252 29.79 -18.81 13.63
C TYR A 252 29.80 -20.14 12.89
N SER A 253 30.97 -20.51 12.36
CA SER A 253 31.12 -21.72 11.58
C SER A 253 30.69 -22.96 12.37
N GLU A 254 30.92 -22.93 13.68
CA GLU A 254 30.52 -24.03 14.54
C GLU A 254 29.00 -24.11 14.65
N HIS A 255 28.33 -22.96 14.67
CA HIS A 255 26.88 -22.92 14.67
C HIS A 255 26.32 -23.49 13.38
N ILE A 256 26.93 -23.08 12.26
CA ILE A 256 26.50 -23.56 10.95
C ILE A 256 26.61 -25.08 10.88
N SER A 257 27.74 -25.60 11.34
CA SER A 257 28.02 -27.03 11.27
C SER A 257 27.18 -27.83 12.27
N LYS A 258 27.17 -27.38 13.52
CA LYS A 258 26.35 -28.01 14.56
C LYS A 258 24.89 -28.08 14.12
N SER A 259 24.42 -27.03 13.46
CA SER A 259 23.04 -26.97 12.99
C SER A 259 22.85 -27.86 11.77
N ALA A 260 23.84 -27.88 10.89
CA ALA A 260 23.77 -28.68 9.67
C ALA A 260 23.76 -30.17 9.99
N LYS A 261 24.45 -30.55 11.06
CA LYS A 261 24.54 -31.96 11.44
C LYS A 261 23.22 -32.47 12.00
N ASN A 262 22.29 -31.55 12.30
CA ASN A 262 20.99 -31.94 12.82
C ASN A 262 20.16 -32.69 11.78
N ILE A 263 20.59 -32.66 10.53
CA ILE A 263 19.88 -33.35 9.47
C ILE A 263 19.85 -34.85 9.77
N PHE A 264 20.91 -35.34 10.41
CA PHE A 264 20.99 -36.75 10.77
C PHE A 264 20.21 -37.10 12.05
N LEU A 265 19.69 -36.09 12.73
CA LEU A 265 18.89 -36.32 13.94
C LEU A 265 17.39 -36.18 13.68
N ALA A 266 17.01 -35.95 12.43
CA ALA A 266 15.61 -35.75 12.09
C ALA A 266 14.84 -37.07 12.07
N SER A 267 13.79 -37.14 12.89
CA SER A 267 12.96 -38.34 12.95
C SER A 267 12.11 -38.48 11.68
N GLY A 268 11.79 -37.33 11.08
CA GLY A 268 10.98 -37.32 9.86
C GLY A 268 9.51 -37.07 10.13
N PHE A 269 9.14 -37.04 11.41
CA PHE A 269 7.75 -36.81 11.79
C PHE A 269 7.54 -35.34 12.13
N TYR A 270 7.20 -34.56 11.11
CA TYR A 270 6.98 -33.12 11.26
C TYR A 270 5.50 -32.80 11.45
N LYS A 271 5.22 -31.62 12.01
CA LYS A 271 3.85 -31.15 12.16
C LYS A 271 3.12 -31.25 10.83
N GLN A 272 1.95 -31.89 10.84
CA GLN A 272 1.32 -32.34 9.61
C GLN A 272 -0.19 -32.49 9.77
N PRO A 273 -0.97 -32.04 8.76
CA PRO A 273 -2.43 -32.04 8.92
C PRO A 273 -3.08 -33.40 8.70
N ASN A 274 -4.18 -33.66 9.41
CA ASN A 274 -4.98 -34.86 9.21
C ASN A 274 -6.30 -34.75 9.96
N LYS A 275 -7.16 -35.75 9.78
CA LYS A 275 -8.49 -35.77 10.39
C LYS A 275 -8.44 -35.43 11.89
N ASN A 276 -7.54 -36.08 12.61
CA ASN A 276 -7.50 -35.95 14.06
C ASN A 276 -7.02 -34.56 14.49
N GLU A 277 -6.01 -34.04 13.79
CA GLU A 277 -5.50 -32.71 14.09
C GLU A 277 -6.60 -31.67 14.03
N ILE A 278 -7.43 -31.75 12.99
CA ILE A 278 -8.54 -30.83 12.81
C ILE A 278 -9.55 -31.03 13.93
N SER A 279 -9.93 -32.28 14.18
CA SER A 279 -10.90 -32.60 15.23
C SER A 279 -10.46 -32.10 16.59
N GLU A 280 -9.22 -32.39 16.97
CA GLU A 280 -8.71 -32.03 18.29
C GLU A 280 -8.59 -30.51 18.42
N GLY A 281 -8.22 -29.85 17.33
CA GLY A 281 -8.14 -28.40 17.33
C GLY A 281 -9.52 -27.80 17.55
N TRP A 282 -10.50 -28.34 16.85
CA TRP A 282 -11.89 -27.91 16.98
C TRP A 282 -12.38 -28.09 18.42
N THR A 283 -12.07 -29.25 18.99
CA THR A 283 -12.44 -29.55 20.36
C THR A 283 -11.92 -28.49 21.31
N LEU A 284 -10.64 -28.18 21.19
CA LEU A 284 -10.00 -27.18 22.04
C LEU A 284 -10.56 -25.79 21.77
N MET A 285 -11.03 -25.57 20.54
CA MET A 285 -11.60 -24.28 20.17
C MET A 285 -12.93 -24.06 20.90
N VAL A 286 -13.76 -25.09 20.93
CA VAL A 286 -15.06 -24.99 21.57
C VAL A 286 -14.90 -24.76 23.07
N GLU A 287 -13.91 -25.39 23.67
CA GLU A 287 -13.63 -25.20 25.09
C GLU A 287 -13.29 -23.75 25.38
N ARG A 288 -12.34 -23.20 24.63
CA ARG A 288 -11.92 -21.82 24.79
C ARG A 288 -13.08 -20.85 24.60
N VAL A 289 -13.88 -21.10 23.57
CA VAL A 289 -14.98 -20.22 23.23
C VAL A 289 -16.00 -20.14 24.37
N GLN A 290 -16.25 -21.26 25.03
CA GLN A 290 -17.22 -21.31 26.11
C GLN A 290 -16.78 -20.47 27.31
N ASP A 291 -15.48 -20.49 27.60
CA ASP A 291 -14.92 -19.68 28.67
C ASP A 291 -15.10 -18.19 28.38
N GLN A 292 -15.04 -17.84 27.08
CA GLN A 292 -14.98 -16.45 26.66
C GLN A 292 -16.35 -15.92 26.21
N ARG A 293 -17.32 -16.80 26.06
CA ARG A 293 -18.64 -16.39 25.58
C ARG A 293 -19.76 -16.94 26.47
N GLU A 294 -20.99 -16.54 26.15
CA GLU A 294 -22.18 -17.16 26.72
C GLU A 294 -22.92 -17.85 25.59
N ILE A 295 -22.79 -19.17 25.53
CA ILE A 295 -23.35 -19.95 24.43
C ILE A 295 -24.85 -20.17 24.63
N SER A 296 -25.64 -19.80 23.62
CA SER A 296 -27.07 -20.03 23.65
C SER A 296 -27.51 -21.05 22.60
N LYS A 297 -28.46 -21.90 22.98
CA LYS A 297 -29.05 -22.86 22.04
C LYS A 297 -30.45 -22.41 21.64
N SER A 298 -30.80 -21.18 22.00
CA SER A 298 -32.15 -20.66 21.77
C SER A 298 -32.21 -19.79 20.52
N LEU A 299 -33.19 -20.07 19.66
CA LEU A 299 -33.32 -19.34 18.41
C LEU A 299 -33.69 -17.88 18.62
N HIS A 300 -34.34 -17.55 19.72
CA HIS A 300 -34.82 -16.17 19.92
C HIS A 300 -33.66 -15.24 20.29
N ASP A 301 -32.50 -15.81 20.59
CA ASP A 301 -31.31 -15.02 20.86
C ASP A 301 -30.63 -14.63 19.53
N GLN A 302 -31.04 -15.32 18.47
CA GLN A 302 -30.59 -15.03 17.11
C GLN A 302 -30.51 -13.55 16.81
N LYS A 303 -29.52 -13.16 16.02
CA LYS A 303 -29.42 -11.81 15.47
C LYS A 303 -29.70 -11.84 13.97
N PRO A 304 -30.06 -10.69 13.40
CA PRO A 304 -30.32 -10.61 11.95
C PRO A 304 -29.14 -11.05 11.09
N SER A 305 -29.33 -12.12 10.32
CA SER A 305 -28.35 -12.54 9.34
C SER A 305 -28.27 -11.48 8.24
N ILE A 306 -29.42 -10.86 7.98
CA ILE A 306 -29.48 -9.68 7.12
C ILE A 306 -30.43 -8.69 7.79
N HIS A 307 -30.13 -7.41 7.65
CA HIS A 307 -30.95 -6.37 8.27
C HIS A 307 -32.09 -5.98 7.34
N PHE A 308 -32.93 -6.95 7.01
CA PHE A 308 -33.89 -6.78 5.93
C PHE A 308 -34.89 -7.92 5.83
N ILE A 309 -36.17 -7.57 5.69
CA ILE A 309 -37.19 -8.54 5.26
C ILE A 309 -37.69 -8.06 3.91
N TRP A 310 -38.21 -8.98 3.10
CA TRP A 310 -38.59 -8.65 1.73
C TRP A 310 -39.79 -9.43 1.24
N GLY A 311 -40.51 -8.86 0.29
CA GLY A 311 -41.61 -9.53 -0.36
C GLY A 311 -41.71 -9.11 -1.82
N ALA A 312 -42.35 -9.95 -2.63
CA ALA A 312 -42.52 -9.65 -4.05
C ALA A 312 -43.43 -8.44 -4.22
N HIS A 313 -43.40 -7.85 -5.41
CA HIS A 313 -44.21 -6.67 -5.71
C HIS A 313 -45.67 -7.07 -6.01
N ASN A 314 -46.51 -6.07 -6.21
CA ASN A 314 -47.94 -6.27 -6.51
C ASN A 314 -48.33 -5.51 -7.77
N PRO A 315 -48.37 -6.19 -8.92
CA PRO A 315 -48.71 -5.48 -10.16
C PRO A 315 -50.17 -5.04 -10.22
N GLY A 316 -50.98 -5.53 -9.27
CA GLY A 316 -52.38 -5.15 -9.21
C GLY A 316 -52.58 -3.75 -8.68
N ASN A 317 -51.59 -3.25 -7.94
CA ASN A 317 -51.69 -1.94 -7.31
C ASN A 317 -50.81 -0.91 -8.03
N SER A 318 -50.98 0.35 -7.65
CA SER A 318 -50.25 1.44 -8.28
C SER A 318 -48.85 1.58 -7.68
N ASN A 319 -47.95 2.21 -8.43
CA ASN A 319 -46.59 2.44 -7.96
C ASN A 319 -46.35 3.93 -7.78
N ASN A 320 -47.44 4.66 -7.56
CA ASN A 320 -47.38 6.09 -7.25
C ASN A 320 -47.06 6.30 -5.78
N ALA A 321 -46.18 7.26 -5.50
CA ALA A 321 -45.71 7.50 -4.14
C ALA A 321 -46.87 7.76 -3.17
N THR A 322 -47.77 8.66 -3.54
CA THR A 322 -48.86 9.06 -2.65
C THR A 322 -49.79 7.89 -2.39
N PHE A 323 -50.10 7.13 -3.44
CA PHE A 323 -50.90 5.92 -3.29
C PHE A 323 -50.28 5.00 -2.24
N LYS A 324 -48.97 4.74 -2.40
CA LYS A 324 -48.26 3.86 -1.50
C LYS A 324 -48.30 4.36 -0.06
N LEU A 325 -48.21 5.67 0.12
CA LEU A 325 -48.23 6.25 1.45
C LEU A 325 -49.53 5.91 2.15
N ILE A 326 -50.65 6.14 1.48
CA ILE A 326 -51.96 5.86 2.03
C ILE A 326 -52.09 4.36 2.29
N LEU A 327 -51.70 3.57 1.31
CA LEU A 327 -51.77 2.11 1.39
C LEU A 327 -51.12 1.57 2.66
N LEU A 328 -49.97 2.12 3.00
CA LEU A 328 -49.24 1.71 4.20
C LEU A 328 -49.94 2.19 5.46
N SER A 329 -50.36 3.46 5.44
CA SER A 329 -51.10 4.04 6.56
C SER A 329 -52.29 3.18 6.93
N LYS A 330 -53.08 2.80 5.93
CA LYS A 330 -54.28 2.00 6.16
C LYS A 330 -53.89 0.59 6.59
N SER A 331 -52.88 0.03 5.94
CA SER A 331 -52.43 -1.33 6.25
C SER A 331 -51.98 -1.44 7.70
N LEU A 332 -51.37 -0.38 8.21
CA LEU A 332 -50.91 -0.35 9.59
C LEU A 332 -52.06 -0.24 10.58
N GLN A 333 -53.05 0.58 10.24
CA GLN A 333 -54.21 0.80 11.10
C GLN A 333 -55.14 -0.41 11.15
N SER A 334 -55.14 -1.19 10.07
CA SER A 334 -56.05 -2.32 9.96
C SER A 334 -55.43 -3.61 10.48
N ILE A 335 -54.41 -3.48 11.33
CA ILE A 335 -53.78 -4.64 11.93
C ILE A 335 -54.77 -5.28 12.90
N LYS A 336 -54.94 -6.59 12.77
CA LYS A 336 -55.91 -7.32 13.58
C LYS A 336 -55.21 -8.05 14.73
N GLY A 337 -55.96 -8.29 15.80
CA GLY A 337 -55.46 -9.03 16.95
C GLY A 337 -54.80 -8.15 18.00
N ILE A 338 -54.27 -8.79 19.03
CA ILE A 338 -53.58 -8.08 20.10
C ILE A 338 -52.17 -8.63 20.27
N SER A 339 -51.19 -7.72 20.31
CA SER A 339 -49.82 -8.08 20.64
C SER A 339 -49.10 -6.85 21.15
N THR A 340 -48.00 -7.08 21.87
CA THR A 340 -47.33 -6.04 22.64
C THR A 340 -47.15 -4.69 21.95
N TYR A 341 -46.98 -4.67 20.63
CA TYR A 341 -46.71 -3.40 19.94
C TYR A 341 -47.74 -3.01 18.86
N THR A 342 -48.82 -3.77 18.73
CA THR A 342 -49.78 -3.52 17.66
C THR A 342 -50.55 -2.21 17.85
N GLU A 343 -50.68 -1.74 19.09
CA GLU A 343 -51.36 -0.49 19.36
C GLU A 343 -50.51 0.70 18.91
N ALA A 344 -49.22 0.62 19.17
CA ALA A 344 -48.29 1.65 18.73
C ALA A 344 -48.22 1.70 17.19
N PHE A 345 -48.12 0.52 16.58
CA PHE A 345 -48.04 0.45 15.12
C PHE A 345 -49.26 1.08 14.47
N LYS A 346 -50.44 0.75 14.98
CA LYS A 346 -51.67 1.33 14.47
C LYS A 346 -51.65 2.85 14.63
N SER A 347 -51.14 3.31 15.77
CA SER A 347 -51.04 4.75 16.02
C SER A 347 -50.16 5.42 14.97
N LEU A 348 -49.04 4.78 14.62
CA LEU A 348 -48.14 5.32 13.61
C LEU A 348 -48.84 5.51 12.28
N GLY A 349 -49.61 4.52 11.87
CA GLY A 349 -50.38 4.61 10.64
C GLY A 349 -51.40 5.73 10.67
N LYS A 350 -51.91 6.00 11.86
CA LYS A 350 -52.88 7.09 12.04
C LYS A 350 -52.18 8.43 11.87
N MET A 351 -50.92 8.49 12.31
CA MET A 351 -50.15 9.74 12.27
C MET A 351 -49.68 10.08 10.85
N MET A 352 -49.82 9.15 9.92
CA MET A 352 -49.46 9.40 8.53
C MET A 352 -50.68 9.23 7.61
N ASP A 353 -51.86 9.25 8.20
CA ASP A 353 -53.11 9.09 7.44
C ASP A 353 -53.57 10.42 6.87
N ILE A 354 -53.24 10.67 5.61
CA ILE A 354 -53.63 11.91 4.94
C ILE A 354 -55.01 11.77 4.30
N GLY A 355 -55.67 10.63 4.53
CA GLY A 355 -56.96 10.37 3.93
C GLY A 355 -56.94 10.52 2.41
N ASP A 356 -57.90 11.29 1.89
CA ASP A 356 -58.07 11.43 0.46
C ASP A 356 -57.47 12.73 -0.08
N LYS A 357 -56.82 13.49 0.80
CA LYS A 357 -56.32 14.81 0.43
C LYS A 357 -54.91 14.71 -0.16
N ALA A 358 -54.78 13.85 -1.17
CA ALA A 358 -53.51 13.60 -1.81
C ALA A 358 -53.01 14.81 -2.59
N ILE A 359 -53.91 15.52 -3.25
CA ILE A 359 -53.53 16.64 -4.08
C ILE A 359 -53.01 17.77 -3.19
N GLU A 360 -53.52 17.82 -1.96
CA GLU A 360 -53.10 18.84 -1.00
C GLU A 360 -51.72 18.51 -0.48
N TYR A 361 -51.51 17.23 -0.17
CA TYR A 361 -50.21 16.73 0.27
C TYR A 361 -49.14 17.05 -0.76
N GLU A 362 -49.36 16.62 -2.00
CA GLU A 362 -48.39 16.81 -3.06
C GLU A 362 -47.96 18.26 -3.21
N GLU A 363 -48.93 19.17 -3.29
CA GLU A 363 -48.63 20.57 -3.54
C GLU A 363 -47.95 21.23 -2.35
N PHE A 364 -48.29 20.78 -1.14
CA PHE A 364 -47.62 21.25 0.06
C PHE A 364 -46.15 20.85 0.02
N CYS A 365 -45.91 19.60 -0.37
CA CYS A 365 -44.56 19.06 -0.43
C CYS A 365 -43.73 19.77 -1.49
N MET A 366 -44.29 19.93 -2.68
CA MET A 366 -43.56 20.57 -3.78
C MET A 366 -43.30 22.03 -3.47
N SER A 367 -44.09 22.59 -2.57
CA SER A 367 -43.91 23.98 -2.14
C SER A 367 -42.65 24.09 -1.29
N LEU A 368 -42.51 23.17 -0.34
CA LEU A 368 -41.35 23.14 0.55
C LEU A 368 -40.07 22.86 -0.24
N LYS A 369 -40.15 21.87 -1.14
CA LYS A 369 -39.00 21.52 -1.98
C LYS A 369 -38.51 22.70 -2.79
N SER A 370 -39.44 23.39 -3.45
CA SER A 370 -39.10 24.51 -4.32
C SER A 370 -38.34 25.57 -3.54
N LYS A 371 -38.74 25.78 -2.30
CA LYS A 371 -38.08 26.74 -1.43
C LYS A 371 -36.65 26.29 -1.15
N ALA A 372 -36.50 25.06 -0.67
CA ALA A 372 -35.19 24.51 -0.36
C ALA A 372 -34.27 24.50 -1.57
N ARG A 373 -34.86 24.21 -2.74
CA ARG A 373 -34.09 24.15 -3.98
C ARG A 373 -33.73 25.54 -4.50
N SER A 374 -34.31 26.57 -3.89
CA SER A 374 -34.09 27.95 -4.35
C SER A 374 -32.71 28.46 -3.95
N SER A 375 -32.13 27.87 -2.90
CA SER A 375 -30.85 28.33 -2.37
C SER A 375 -29.75 27.28 -2.49
N TRP A 376 -28.52 27.76 -2.66
CA TRP A 376 -27.34 26.90 -2.64
C TRP A 376 -27.09 26.46 -1.20
N LYS A 377 -27.30 27.39 -0.27
CA LYS A 377 -27.15 27.10 1.15
C LYS A 377 -28.49 26.60 1.70
N GLN A 378 -28.51 26.24 2.99
CA GLN A 378 -29.76 25.80 3.63
C GLN A 378 -30.63 26.99 3.99
N ILE A 379 -31.95 26.78 4.01
CA ILE A 379 -32.89 27.85 4.35
C ILE A 379 -32.75 28.17 5.83
N MET A 380 -32.58 29.45 6.13
CA MET A 380 -32.27 29.88 7.49
C MET A 380 -33.33 30.81 8.06
N ASN A 381 -33.61 30.65 9.35
CA ASN A 381 -34.50 31.55 10.07
C ASN A 381 -35.92 31.56 9.49
N LYS A 382 -36.37 30.41 8.99
CA LYS A 382 -37.77 30.23 8.63
C LYS A 382 -38.28 28.91 9.19
N LYS A 383 -39.01 29.00 10.30
CA LYS A 383 -39.46 27.79 11.00
C LYS A 383 -40.31 26.91 10.10
N LEU A 384 -40.15 25.59 10.29
CA LEU A 384 -41.01 24.62 9.62
C LEU A 384 -42.20 24.28 10.52
N GLU A 385 -43.40 24.62 10.06
CA GLU A 385 -44.62 24.37 10.81
C GLU A 385 -45.37 23.18 10.21
N PRO A 386 -45.64 22.14 11.02
CA PRO A 386 -46.35 20.99 10.44
C PRO A 386 -47.78 21.33 10.02
N LYS A 387 -48.17 20.90 8.82
CA LYS A 387 -49.51 21.16 8.31
C LYS A 387 -50.44 20.00 8.65
N GLN A 388 -51.69 20.32 8.99
CA GLN A 388 -52.69 19.31 9.27
C GLN A 388 -53.34 18.83 7.98
N ILE A 389 -53.17 17.56 7.67
CA ILE A 389 -53.74 16.97 6.47
C ILE A 389 -54.45 15.69 6.89
N ASN A 390 -55.77 15.79 7.04
CA ASN A 390 -56.55 14.72 7.62
C ASN A 390 -56.02 14.48 9.04
N ASN A 391 -55.64 13.26 9.37
CA ASN A 391 -55.10 12.97 10.71
C ASN A 391 -53.60 13.23 10.80
N ALA A 392 -52.95 13.44 9.67
CA ALA A 392 -51.50 13.55 9.63
C ALA A 392 -51.02 14.98 9.89
N LEU A 393 -49.94 15.08 10.65
CA LEU A 393 -49.26 16.36 10.86
C LEU A 393 -47.97 16.36 10.04
N VAL A 394 -48.05 16.91 8.83
CA VAL A 394 -46.97 16.80 7.86
C VAL A 394 -45.96 17.94 7.99
N LEU A 395 -44.70 17.58 8.21
CA LEU A 395 -43.62 18.56 8.29
C LEU A 395 -42.91 18.68 6.94
N TRP A 396 -42.80 17.56 6.26
CA TRP A 396 -42.13 17.49 4.96
C TRP A 396 -42.64 16.26 4.23
N GLU A 397 -42.37 16.17 2.95
CA GLU A 397 -42.68 14.97 2.17
C GLU A 397 -42.18 13.74 2.92
N GLN A 398 -43.12 12.90 3.35
CA GLN A 398 -42.82 11.65 4.05
C GLN A 398 -42.16 11.88 5.41
N GLN A 399 -42.43 13.03 6.03
CA GLN A 399 -42.05 13.26 7.42
C GLN A 399 -43.29 13.63 8.22
N PHE A 400 -43.49 12.94 9.34
CA PHE A 400 -44.72 13.07 10.11
C PHE A 400 -44.46 13.26 11.59
N MET A 401 -45.14 14.23 12.19
CA MET A 401 -45.01 14.49 13.62
C MET A 401 -45.49 13.30 14.42
N ILE A 402 -44.87 13.05 15.56
CA ILE A 402 -45.35 12.05 16.49
C ILE A 402 -46.46 12.69 17.31
N ASN A 403 -47.69 12.48 16.88
CA ASN A 403 -48.85 13.11 17.47
C ASN A 403 -49.29 12.37 18.72
N ASN A 404 -49.24 13.06 19.86
CA ASN A 404 -49.58 12.44 21.14
C ASN A 404 -51.09 12.29 21.33
N ASP A 405 -51.87 13.01 20.53
CA ASP A 405 -53.32 12.83 20.54
C ASP A 405 -53.68 11.47 19.94
N LEU A 406 -52.83 10.97 19.05
CA LEU A 406 -53.11 9.74 18.31
C LEU A 406 -52.34 8.54 18.85
N ILE A 407 -51.88 8.63 20.09
CA ILE A 407 -51.18 7.50 20.72
C ILE A 407 -51.12 7.66 22.23
N ASP A 408 -51.32 6.54 22.94
CA ASP A 408 -51.24 6.54 24.40
C ASP A 408 -49.79 6.59 24.85
N LYS A 409 -49.51 7.44 25.84
CA LYS A 409 -48.16 7.64 26.33
C LYS A 409 -47.54 6.33 26.81
N SER A 410 -48.37 5.43 27.33
CA SER A 410 -47.89 4.14 27.81
C SER A 410 -47.40 3.27 26.66
N GLU A 411 -48.11 3.36 25.52
CA GLU A 411 -47.74 2.58 24.35
C GLU A 411 -46.57 3.20 23.62
N LYS A 412 -46.52 4.53 23.61
CA LYS A 412 -45.43 5.26 22.97
C LYS A 412 -44.10 4.89 23.61
N LEU A 413 -44.11 4.76 24.93
CA LEU A 413 -42.89 4.45 25.67
C LEU A 413 -42.36 3.09 25.30
N LYS A 414 -43.25 2.11 25.19
CA LYS A 414 -42.85 0.75 24.83
C LYS A 414 -42.16 0.74 23.47
N LEU A 415 -42.64 1.58 22.57
CA LEU A 415 -42.09 1.63 21.22
C LEU A 415 -40.63 2.09 21.22
N PHE A 416 -40.32 3.10 22.03
CA PHE A 416 -38.97 3.64 22.09
C PHE A 416 -38.06 2.78 22.96
N LYS A 417 -38.44 2.59 24.22
CA LYS A 417 -37.61 1.87 25.17
C LYS A 417 -37.31 0.44 24.73
N ASN A 418 -38.35 -0.26 24.26
CA ASN A 418 -38.27 -1.72 24.11
C ASN A 418 -38.17 -2.18 22.66
N PHE A 419 -38.95 -1.57 21.77
CA PHE A 419 -38.92 -1.97 20.36
C PHE A 419 -37.74 -1.35 19.63
N CYS A 420 -37.60 -0.03 19.75
CA CYS A 420 -36.48 0.68 19.13
C CYS A 420 -35.21 0.54 19.95
N GLY A 421 -35.37 0.22 21.23
CA GLY A 421 -34.24 0.06 22.12
C GLY A 421 -33.61 1.37 22.53
N ILE A 422 -34.39 2.45 22.43
CA ILE A 422 -33.90 3.78 22.72
C ILE A 422 -34.03 4.08 24.22
N GLY A 423 -32.89 4.14 24.90
CA GLY A 423 -32.85 4.51 26.30
C GLY A 423 -33.37 3.45 27.25
N LYS A 424 -32.68 2.32 27.32
CA LYS A 424 -33.02 1.27 28.28
C LYS A 424 -31.75 0.68 28.89
N LYS A 426 -29.86 -1.84 29.32
CA LYS A 426 -29.16 -1.80 30.60
C LYS A 426 -29.83 -2.71 31.62
N GLN A 427 -29.13 -3.79 31.98
CA GLN A 427 -29.60 -4.70 33.03
C GLN A 427 -28.40 -5.22 33.82
N PHE A 428 -27.79 -4.34 34.61
CA PHE A 428 -26.59 -4.68 35.36
C PHE A 428 -26.89 -5.66 36.50
N LYS A 429 -27.01 -6.93 36.16
CA LYS A 429 -27.17 -7.98 37.18
C LYS A 429 -25.79 -8.46 37.61
N ASN A 430 -25.04 -7.57 38.27
CA ASN A 430 -23.63 -7.78 38.56
C ASN A 430 -23.39 -7.88 40.06
N LYS A 431 -22.49 -8.78 40.45
CA LYS A 431 -22.32 -9.15 41.86
C LYS A 431 -21.14 -8.46 42.53
N MET A 432 -20.00 -8.42 41.85
CA MET A 432 -18.80 -7.78 42.40
C MET A 432 -18.46 -6.50 41.65
N LEU A 433 -17.34 -5.89 42.03
CA LEU A 433 -16.83 -4.72 41.31
C LEU A 433 -16.26 -5.15 39.96
N GLU A 434 -15.71 -6.35 39.92
CA GLU A 434 -15.14 -6.90 38.69
C GLU A 434 -15.53 -8.36 38.56
N ASP A 435 -16.60 -8.60 37.80
CA ASP A 435 -17.19 -9.94 37.70
C ASP A 435 -16.85 -10.59 36.37
N SER A 439 -20.70 -11.24 32.76
CA SER A 439 -21.20 -10.49 31.62
C SER A 439 -20.33 -10.69 30.38
N LYS A 440 -20.46 -11.86 29.75
CA LYS A 440 -19.72 -12.18 28.54
C LYS A 440 -20.60 -11.96 27.31
N PRO A 441 -19.99 -11.64 26.15
CA PRO A 441 -20.79 -11.50 24.93
C PRO A 441 -21.50 -12.81 24.57
N LYS A 442 -22.71 -12.70 24.03
CA LYS A 442 -23.56 -13.85 23.78
C LYS A 442 -23.53 -14.27 22.31
N ILE A 443 -23.43 -15.57 22.06
CA ILE A 443 -23.44 -16.09 20.69
C ILE A 443 -24.29 -17.36 20.61
N LEU A 444 -24.61 -17.77 19.39
CA LEU A 444 -25.35 -19.00 19.16
C LEU A 444 -24.40 -20.20 19.18
N ASP A 445 -24.93 -21.36 19.58
CA ASP A 445 -24.13 -22.57 19.67
C ASP A 445 -23.94 -23.17 18.28
N PHE A 446 -22.86 -22.77 17.62
CA PHE A 446 -22.58 -23.19 16.25
C PHE A 446 -22.47 -24.70 16.08
N ASP A 447 -22.14 -25.41 17.17
CA ASP A 447 -21.94 -26.85 17.09
C ASP A 447 -23.11 -27.63 17.70
N ASP A 448 -24.22 -26.95 17.94
CA ASP A 448 -25.44 -27.63 18.34
C ASP A 448 -26.14 -28.18 17.10
N ALA A 449 -26.71 -29.38 17.21
CA ALA A 449 -27.32 -30.04 16.07
C ALA A 449 -28.49 -29.22 15.51
N ASN A 450 -29.48 -28.96 16.36
CA ASN A 450 -30.69 -28.28 15.92
C ASN A 450 -30.42 -26.83 15.51
N MET A 451 -29.51 -26.17 16.21
CA MET A 451 -29.14 -24.79 15.87
C MET A 451 -28.60 -24.75 14.45
N TYR A 452 -27.84 -25.77 14.07
CA TYR A 452 -27.33 -25.83 12.70
C TYR A 452 -28.49 -26.04 11.73
N LEU A 453 -29.37 -27.00 12.06
CA LEU A 453 -30.51 -27.29 11.22
C LEU A 453 -31.38 -26.04 11.08
N ALA A 454 -31.44 -25.24 12.14
CA ALA A 454 -32.16 -23.97 12.10
C ALA A 454 -31.58 -23.08 11.00
N SER A 455 -30.25 -22.99 10.95
CA SER A 455 -29.58 -22.18 9.95
C SER A 455 -29.81 -22.75 8.55
N LEU A 456 -29.83 -24.07 8.45
CA LEU A 456 -29.97 -24.73 7.16
C LEU A 456 -31.35 -24.47 6.54
N THR A 457 -32.38 -24.46 7.37
CA THR A 457 -33.73 -24.22 6.88
C THR A 457 -33.91 -22.78 6.42
N MET A 458 -33.25 -21.85 7.10
CA MET A 458 -33.25 -20.46 6.68
C MET A 458 -32.67 -20.36 5.27
N MET A 459 -31.56 -21.06 5.04
CA MET A 459 -30.90 -21.05 3.74
C MET A 459 -31.75 -21.75 2.71
N GLU A 460 -32.42 -22.82 3.13
CA GLU A 460 -33.33 -23.55 2.25
C GLU A 460 -34.53 -22.68 1.88
N GLN A 461 -35.19 -22.14 2.90
CA GLN A 461 -36.34 -21.28 2.70
C GLN A 461 -36.03 -20.13 1.74
N SER A 462 -34.89 -19.49 1.96
CA SER A 462 -34.51 -18.32 1.18
C SER A 462 -34.24 -18.68 -0.28
N LYS A 463 -33.85 -19.93 -0.53
CA LYS A 463 -33.59 -20.40 -1.88
C LYS A 463 -34.90 -20.66 -2.63
N LYS A 464 -35.88 -21.20 -1.90
CA LYS A 464 -37.19 -21.50 -2.48
C LYS A 464 -37.90 -20.23 -2.92
N ILE A 465 -37.68 -19.15 -2.18
CA ILE A 465 -38.37 -17.89 -2.41
C ILE A 465 -37.65 -17.03 -3.46
N LEU A 466 -36.34 -16.90 -3.31
CA LEU A 466 -35.57 -15.96 -4.12
C LEU A 466 -35.17 -16.52 -5.48
N SER A 467 -35.18 -17.85 -5.60
CA SER A 467 -34.84 -18.49 -6.87
C SER A 467 -35.93 -18.26 -7.90
N LYS A 468 -37.16 -18.11 -7.43
CA LYS A 468 -38.31 -17.90 -8.31
C LYS A 468 -38.14 -16.63 -9.15
N SER A 469 -38.74 -16.62 -10.33
CA SER A 469 -38.68 -15.47 -11.22
C SER A 469 -39.30 -14.25 -10.55
N ASN A 470 -38.70 -13.09 -10.79
CA ASN A 470 -39.18 -11.84 -10.20
C ASN A 470 -40.34 -11.25 -11.00
N GLY A 471 -40.56 -11.78 -12.19
CA GLY A 471 -41.70 -11.36 -13.01
C GLY A 471 -41.56 -9.96 -13.55
N LEU A 472 -40.32 -9.47 -13.61
CA LEU A 472 -40.04 -8.15 -14.14
C LEU A 472 -39.21 -8.26 -15.41
N LYS A 473 -39.12 -7.15 -16.16
CA LYS A 473 -38.17 -7.09 -17.25
C LYS A 473 -36.77 -7.15 -16.64
N PRO A 474 -35.85 -7.90 -17.26
CA PRO A 474 -34.50 -7.95 -16.70
C PRO A 474 -33.75 -6.63 -16.88
N ASP A 475 -34.31 -5.74 -17.70
CA ASP A 475 -33.64 -4.51 -18.09
C ASP A 475 -33.24 -3.65 -16.89
N ASN A 476 -31.98 -3.21 -16.91
CA ASN A 476 -31.46 -2.28 -15.92
C ASN A 476 -30.24 -1.58 -16.52
N PHE A 477 -29.64 -0.66 -15.76
CA PHE A 477 -28.56 0.16 -16.28
C PHE A 477 -27.40 -0.68 -16.81
N ILE A 478 -26.90 -1.58 -15.96
CA ILE A 478 -25.77 -2.41 -16.31
C ILE A 478 -26.05 -3.17 -17.61
N LEU A 479 -27.23 -3.81 -17.67
CA LEU A 479 -27.59 -4.64 -18.81
C LEU A 479 -27.76 -3.84 -20.10
N ASN A 480 -28.43 -2.69 -19.99
CA ASN A 480 -28.78 -1.90 -21.17
C ASN A 480 -27.59 -1.14 -21.74
N GLU A 481 -26.66 -0.73 -20.87
CA GLU A 481 -25.59 0.16 -21.28
C GLU A 481 -24.22 -0.52 -21.43
N PHE A 482 -24.13 -1.79 -21.04
CA PHE A 482 -22.86 -2.51 -21.14
C PHE A 482 -23.03 -3.96 -21.58
N GLY A 483 -24.26 -4.43 -21.68
CA GLY A 483 -24.53 -5.79 -22.08
C GLY A 483 -23.89 -6.16 -23.41
N SER A 484 -23.89 -5.20 -24.34
CA SER A 484 -23.34 -5.41 -25.66
C SER A 484 -21.86 -5.79 -25.61
N ARG A 485 -21.08 -5.03 -24.86
CA ARG A 485 -19.64 -5.26 -24.78
C ARG A 485 -19.33 -6.49 -23.94
N ILE A 486 -20.16 -6.76 -22.94
CA ILE A 486 -19.97 -7.92 -22.09
C ILE A 486 -20.26 -9.19 -22.88
N LYS A 487 -21.24 -9.12 -23.78
CA LYS A 487 -21.61 -10.26 -24.60
C LYS A 487 -20.49 -10.56 -25.60
N ASP A 488 -19.93 -9.52 -26.19
CA ASP A 488 -18.86 -9.67 -27.17
C ASP A 488 -17.57 -10.15 -26.51
N ALA A 489 -17.42 -9.86 -25.23
CA ALA A 489 -16.28 -10.34 -24.47
C ALA A 489 -16.46 -11.83 -24.17
N ASN A 490 -17.65 -12.19 -23.71
CA ASN A 490 -17.97 -13.58 -23.41
C ASN A 490 -19.47 -13.75 -23.23
N LYS A 491 -20.09 -14.50 -24.13
CA LYS A 491 -21.54 -14.68 -24.10
C LYS A 491 -21.98 -15.39 -22.83
N GLU A 492 -21.12 -16.24 -22.28
CA GLU A 492 -21.47 -17.00 -21.08
C GLU A 492 -21.80 -16.06 -19.92
N THR A 493 -20.98 -15.03 -19.74
CA THR A 493 -21.17 -14.10 -18.64
C THR A 493 -22.42 -13.25 -18.86
N TYR A 494 -22.68 -12.89 -20.12
CA TYR A 494 -23.90 -12.18 -20.48
C TYR A 494 -25.12 -13.00 -20.05
N ASP A 495 -25.13 -14.27 -20.45
CA ASP A 495 -26.23 -15.16 -20.08
C ASP A 495 -26.36 -15.27 -18.57
N ASN A 496 -25.23 -15.31 -17.88
CA ASN A 496 -25.22 -15.44 -16.42
C ASN A 496 -25.84 -14.22 -15.76
N MET A 497 -25.58 -13.04 -16.33
CA MET A 497 -26.20 -11.82 -15.85
C MET A 497 -27.72 -11.94 -15.88
N HIS A 498 -28.25 -12.30 -17.05
CA HIS A 498 -29.69 -12.50 -17.23
C HIS A 498 -30.25 -13.46 -16.19
N LYS A 499 -29.54 -14.56 -15.98
CA LYS A 499 -29.96 -15.58 -15.01
C LYS A 499 -30.20 -14.93 -13.65
N ILE A 500 -29.29 -14.05 -13.25
CA ILE A 500 -29.39 -13.35 -11.98
C ILE A 500 -30.51 -12.31 -12.01
N PHE A 501 -30.55 -11.51 -13.07
CA PHE A 501 -31.50 -10.40 -13.16
C PHE A 501 -32.95 -10.86 -13.27
N GLU A 502 -33.15 -12.14 -13.55
CA GLU A 502 -34.50 -12.68 -13.69
C GLU A 502 -35.07 -13.18 -12.37
N THR A 503 -34.24 -13.22 -11.33
CA THR A 503 -34.63 -13.86 -10.08
C THR A 503 -35.03 -12.88 -8.98
N GLY A 504 -35.62 -13.42 -7.92
CA GLY A 504 -35.97 -12.65 -6.74
C GLY A 504 -34.73 -12.15 -6.02
N TYR A 505 -33.65 -12.91 -6.12
CA TYR A 505 -32.36 -12.49 -5.56
C TYR A 505 -32.03 -11.07 -5.97
N TRP A 506 -31.96 -10.86 -7.28
CA TRP A 506 -31.59 -9.55 -7.83
C TRP A 506 -32.57 -8.47 -7.41
N GLN A 507 -33.87 -8.75 -7.55
CA GLN A 507 -34.89 -7.76 -7.21
C GLN A 507 -34.81 -7.42 -5.72
N CYS A 508 -34.70 -8.46 -4.90
CA CYS A 508 -34.62 -8.28 -3.45
C CYS A 508 -33.49 -7.35 -3.07
N ILE A 509 -32.28 -7.64 -3.57
CA ILE A 509 -31.11 -6.87 -3.19
C ILE A 509 -31.19 -5.48 -3.80
N SER A 510 -31.73 -5.38 -5.02
CA SER A 510 -31.92 -4.09 -5.67
C SER A 510 -32.91 -3.23 -4.89
N ASP A 511 -33.93 -3.87 -4.32
CA ASP A 511 -34.91 -3.15 -3.51
C ASP A 511 -34.28 -2.66 -2.21
N PHE A 512 -33.47 -3.52 -1.59
CA PHE A 512 -32.84 -3.16 -0.32
C PHE A 512 -31.93 -1.98 -0.53
N SER A 513 -31.20 -1.99 -1.64
CA SER A 513 -30.30 -0.92 -2.00
C SER A 513 -31.04 0.41 -2.14
N THR A 514 -32.05 0.44 -2.99
CA THR A 514 -32.80 1.66 -3.27
C THR A 514 -33.49 2.19 -2.01
N LEU A 515 -34.05 1.28 -1.23
CA LEU A 515 -34.73 1.66 0.00
C LEU A 515 -33.75 2.25 1.01
N MET A 516 -32.55 1.67 1.07
CA MET A 516 -31.53 2.11 2.02
C MET A 516 -30.99 3.49 1.61
N LYS A 517 -30.77 3.67 0.31
CA LYS A 517 -30.40 4.98 -0.21
C LYS A 517 -31.41 6.00 0.28
N ASN A 518 -32.68 5.61 0.24
CA ASN A 518 -33.78 6.51 0.62
C ASN A 518 -33.89 6.63 2.13
N ILE A 519 -33.67 5.53 2.85
CA ILE A 519 -33.65 5.59 4.31
C ILE A 519 -32.64 6.63 4.76
N LEU A 520 -31.44 6.58 4.18
CA LEU A 520 -30.37 7.49 4.56
C LEU A 520 -30.73 8.93 4.20
N SER A 521 -31.20 9.13 2.98
CA SER A 521 -31.62 10.45 2.51
C SER A 521 -32.61 11.05 3.50
N VAL A 522 -33.51 10.19 3.96
CA VAL A 522 -34.63 10.59 4.80
C VAL A 522 -34.18 10.83 6.24
N SER A 523 -33.17 10.09 6.69
CA SER A 523 -32.72 10.17 8.08
C SER A 523 -32.01 11.49 8.37
N GLN A 524 -31.47 12.11 7.33
CA GLN A 524 -30.62 13.28 7.50
C GLN A 524 -31.30 14.38 8.31
N TYR A 525 -32.50 14.76 7.89
CA TYR A 525 -33.20 15.86 8.55
C TYR A 525 -34.36 15.40 9.41
N ASN A 526 -34.41 14.11 9.71
CA ASN A 526 -35.42 13.60 10.63
C ASN A 526 -35.20 14.24 11.99
N ARG A 527 -36.28 14.50 12.71
CA ARG A 527 -36.19 15.17 14.00
C ARG A 527 -36.53 14.23 15.15
N HIS A 528 -36.27 14.69 16.37
CA HIS A 528 -36.45 13.87 17.56
C HIS A 528 -37.91 13.55 17.84
N ASN A 529 -38.82 14.35 17.28
CA ASN A 529 -40.25 14.15 17.51
C ASN A 529 -41.00 13.92 16.20
N THR A 530 -40.32 13.31 15.25
CA THR A 530 -40.94 12.92 13.99
C THR A 530 -40.42 11.57 13.54
N PHE A 531 -41.22 10.86 12.75
CA PHE A 531 -40.74 9.68 12.06
C PHE A 531 -40.82 9.96 10.56
N ARG A 532 -40.25 9.07 9.76
CA ARG A 532 -40.28 9.27 8.32
C ARG A 532 -40.47 7.95 7.59
N ILE A 533 -40.83 8.04 6.31
CA ILE A 533 -41.21 6.88 5.53
C ILE A 533 -40.35 6.79 4.28
N ALA A 534 -39.70 5.66 4.10
CA ALA A 534 -38.92 5.40 2.89
C ALA A 534 -39.66 4.43 2.01
N MET A 535 -39.50 4.59 0.70
CA MET A 535 -40.14 3.73 -0.28
C MET A 535 -39.14 3.27 -1.32
N CYS A 536 -39.57 2.38 -2.21
CA CYS A 536 -38.75 1.96 -3.34
C CYS A 536 -39.65 1.56 -4.50
N ALA A 537 -39.06 1.11 -5.60
CA ALA A 537 -39.82 0.77 -6.79
C ALA A 537 -40.72 -0.44 -6.56
N ASN A 538 -40.47 -1.17 -5.47
CA ASN A 538 -41.34 -2.26 -5.05
C ASN A 538 -42.47 -1.71 -4.19
N ASN A 539 -43.70 -1.80 -4.71
CA ASN A 539 -44.85 -1.19 -4.04
C ASN A 539 -45.42 -2.06 -2.93
N ASN A 540 -44.57 -2.91 -2.34
CA ASN A 540 -44.98 -3.73 -1.21
C ASN A 540 -44.01 -3.65 -0.04
N VAL A 541 -42.89 -2.97 -0.22
CA VAL A 541 -41.89 -2.86 0.84
C VAL A 541 -41.63 -1.39 1.20
N PHE A 542 -41.49 -1.14 2.49
CA PHE A 542 -41.32 0.21 3.01
C PHE A 542 -40.39 0.20 4.22
N ALA A 543 -40.04 1.39 4.71
CA ALA A 543 -39.27 1.50 5.94
C ALA A 543 -39.75 2.67 6.79
N ILE A 544 -39.90 2.43 8.09
CA ILE A 544 -40.18 3.49 9.05
C ILE A 544 -38.88 3.92 9.70
N VAL A 545 -38.49 5.17 9.47
CA VAL A 545 -37.28 5.72 10.07
C VAL A 545 -37.64 6.40 11.38
N PHE A 546 -37.32 5.75 12.49
CA PHE A 546 -37.68 6.24 13.81
C PHE A 546 -36.86 7.45 14.22
N PRO A 547 -37.41 8.30 15.10
CA PRO A 547 -36.68 9.47 15.58
C PRO A 547 -35.38 9.11 16.28
N SER A 548 -34.49 10.08 16.44
CA SER A 548 -33.16 9.85 16.97
C SER A 548 -33.19 9.70 18.49
N ALA A 556 -24.63 9.68 12.08
CA ALA A 556 -24.03 8.69 12.95
C ALA A 556 -24.72 7.34 12.79
N THR A 557 -26.02 7.32 13.10
CA THR A 557 -26.79 6.09 13.10
C THR A 557 -28.17 6.29 12.47
N VAL A 558 -28.80 5.19 12.08
CA VAL A 558 -30.20 5.21 11.68
C VAL A 558 -30.93 4.08 12.37
N VAL A 559 -32.10 4.39 12.94
CA VAL A 559 -32.98 3.38 13.50
C VAL A 559 -34.14 3.19 12.53
N TYR A 560 -34.36 1.97 12.08
CA TYR A 560 -35.42 1.73 11.10
C TYR A 560 -36.03 0.33 11.19
N SER A 561 -37.26 0.21 10.70
CA SER A 561 -37.93 -1.08 10.58
C SER A 561 -38.48 -1.23 9.17
N ILE A 562 -38.30 -2.42 8.59
CA ILE A 562 -38.82 -2.70 7.26
C ILE A 562 -40.24 -3.20 7.40
N ILE A 563 -41.10 -2.84 6.45
CA ILE A 563 -42.49 -3.24 6.47
C ILE A 563 -42.88 -3.80 5.11
N VAL A 564 -43.36 -5.04 5.10
CA VAL A 564 -43.66 -5.75 3.87
C VAL A 564 -45.14 -6.10 3.78
N LEU A 565 -45.76 -5.75 2.64
CA LEU A 565 -47.14 -6.12 2.38
C LEU A 565 -47.17 -7.34 1.47
N HIS A 566 -47.88 -8.37 1.88
CA HIS A 566 -47.90 -9.63 1.15
C HIS A 566 -49.24 -10.36 1.30
N LYS A 567 -49.57 -11.17 0.29
CA LYS A 567 -50.87 -11.85 0.25
C LYS A 567 -50.91 -13.09 1.14
N GLU A 568 -50.00 -14.03 0.90
CA GLU A 568 -49.89 -15.21 1.76
C GLU A 568 -48.96 -14.88 2.94
N GLU A 569 -49.24 -15.48 4.09
CA GLU A 569 -48.63 -15.05 5.34
C GLU A 569 -47.18 -15.49 5.53
N GLU A 570 -46.80 -16.61 4.91
CA GLU A 570 -45.43 -17.12 5.05
C GLU A 570 -44.61 -16.88 3.78
N ASN A 571 -45.13 -16.03 2.90
CA ASN A 571 -44.51 -15.81 1.60
C ASN A 571 -43.60 -14.58 1.62
N ILE A 572 -42.66 -14.57 2.57
CA ILE A 572 -41.68 -13.48 2.66
C ILE A 572 -40.27 -14.04 2.83
N PHE A 573 -39.28 -13.23 2.48
CA PHE A 573 -37.89 -13.56 2.74
C PHE A 573 -37.48 -13.05 4.12
N ASN A 574 -37.37 -13.97 5.07
CA ASN A 574 -37.04 -13.62 6.45
C ASN A 574 -35.66 -14.15 6.83
N PRO A 575 -34.61 -13.34 6.58
CA PRO A 575 -33.26 -13.73 6.97
C PRO A 575 -32.97 -13.47 8.46
N GLY A 576 -33.89 -13.90 9.32
CA GLY A 576 -33.67 -13.88 10.76
C GLY A 576 -33.87 -12.55 11.45
N CYS A 577 -34.67 -11.65 10.86
CA CYS A 577 -34.94 -10.35 11.48
C CYS A 577 -36.42 -9.94 11.38
N LEU A 578 -37.30 -10.93 11.22
CA LEU A 578 -38.72 -10.69 11.33
C LEU A 578 -39.09 -10.43 12.79
N HIS A 579 -39.92 -9.44 13.03
CA HIS A 579 -40.47 -9.23 14.37
C HIS A 579 -41.82 -9.91 14.49
N GLY A 580 -42.63 -9.80 13.45
CA GLY A 580 -43.94 -10.39 13.45
C GLY A 580 -44.70 -10.21 12.15
N THR A 581 -45.44 -11.23 11.74
CA THR A 581 -46.34 -11.14 10.61
C THR A 581 -47.76 -10.94 11.15
N PHE A 582 -48.48 -9.97 10.58
CA PHE A 582 -49.82 -9.65 11.04
C PHE A 582 -50.83 -9.70 9.91
N LYS A 583 -52.01 -10.20 10.22
CA LYS A 583 -53.14 -10.11 9.30
C LYS A 583 -53.66 -8.67 9.35
N CYS A 584 -53.93 -8.11 8.18
CA CYS A 584 -54.53 -6.79 8.10
C CYS A 584 -55.81 -6.89 7.26
N MET A 585 -56.25 -5.78 6.69
CA MET A 585 -57.49 -5.77 5.92
C MET A 585 -57.38 -6.66 4.67
N ASN A 586 -56.51 -6.26 3.74
CA ASN A 586 -56.45 -6.91 2.43
C ASN A 586 -55.20 -7.76 2.27
N GLY A 587 -54.92 -8.60 3.26
CA GLY A 587 -53.76 -9.46 3.22
C GLY A 587 -52.99 -9.43 4.53
N TYR A 588 -51.68 -9.59 4.45
CA TYR A 588 -50.83 -9.60 5.63
C TYR A 588 -49.82 -8.45 5.58
N ILE A 589 -49.28 -8.11 6.74
CA ILE A 589 -48.26 -7.07 6.84
C ILE A 589 -47.19 -7.51 7.84
N SER A 590 -45.95 -7.58 7.37
CA SER A 590 -44.84 -8.02 8.20
C SER A 590 -43.91 -6.88 8.57
N ILE A 591 -43.43 -6.90 9.81
CA ILE A 591 -42.59 -5.84 10.34
C ILE A 591 -41.29 -6.46 10.84
N SER A 592 -40.16 -5.84 10.49
CA SER A 592 -38.87 -6.32 10.97
C SER A 592 -38.53 -5.71 12.32
N ARG A 593 -37.67 -6.40 13.07
CA ARG A 593 -37.13 -5.83 14.30
C ARG A 593 -36.61 -4.43 14.01
N ALA A 594 -36.59 -3.59 15.03
CA ALA A 594 -35.96 -2.28 14.88
C ALA A 594 -34.47 -2.49 14.68
N ILE A 595 -33.90 -1.80 13.69
CA ILE A 595 -32.50 -1.97 13.35
C ILE A 595 -31.72 -0.68 13.61
N ARG A 596 -30.72 -0.76 14.46
CA ARG A 596 -29.79 0.35 14.67
C ARG A 596 -28.49 0.07 13.93
N LEU A 597 -28.31 0.73 12.79
CA LEU A 597 -27.19 0.45 11.91
C LEU A 597 -26.43 1.74 11.59
N ASP A 598 -25.12 1.74 11.81
CA ASP A 598 -24.32 2.92 11.52
C ASP A 598 -24.33 3.17 10.02
N LYS A 599 -24.21 4.44 9.64
CA LYS A 599 -24.45 4.85 8.25
C LYS A 599 -23.42 4.34 7.27
N GLU A 600 -22.24 3.96 7.76
CA GLU A 600 -21.19 3.45 6.88
C GLU A 600 -21.55 2.05 6.37
N ARG A 601 -22.09 1.22 7.26
CA ARG A 601 -22.64 -0.06 6.84
C ARG A 601 -23.78 0.14 5.85
N CYS A 602 -24.64 1.11 6.15
CA CYS A 602 -25.79 1.41 5.32
C CYS A 602 -25.35 1.76 3.90
N GLN A 603 -24.22 2.43 3.78
CA GLN A 603 -23.72 2.84 2.48
C GLN A 603 -23.25 1.63 1.68
N ARG A 604 -22.71 0.64 2.38
CA ARG A 604 -22.28 -0.59 1.72
C ARG A 604 -23.50 -1.35 1.21
N ILE A 605 -24.58 -1.33 1.98
CA ILE A 605 -25.82 -1.96 1.59
C ILE A 605 -26.29 -1.37 0.26
N VAL A 606 -26.20 -0.05 0.13
CA VAL A 606 -26.57 0.62 -1.11
C VAL A 606 -25.71 0.11 -2.26
N SER A 607 -24.45 -0.21 -1.96
CA SER A 607 -23.51 -0.66 -2.97
C SER A 607 -23.64 -2.16 -3.26
N SER A 608 -24.39 -2.86 -2.42
CA SER A 608 -24.38 -4.33 -2.42
C SER A 608 -24.76 -4.98 -3.76
N PRO A 609 -25.66 -4.37 -4.54
CA PRO A 609 -25.96 -5.00 -5.83
C PRO A 609 -24.70 -5.19 -6.70
N GLY A 610 -23.75 -4.28 -6.56
CA GLY A 610 -22.49 -4.40 -7.28
C GLY A 610 -21.65 -5.55 -6.74
N LEU A 611 -21.52 -5.62 -5.42
CA LEU A 611 -20.76 -6.67 -4.78
C LEU A 611 -21.34 -8.04 -5.14
N PHE A 612 -22.66 -8.16 -4.98
CA PHE A 612 -23.36 -9.41 -5.23
C PHE A 612 -23.20 -9.89 -6.67
N LEU A 613 -23.43 -8.99 -7.62
CA LEU A 613 -23.27 -9.34 -9.03
C LEU A 613 -21.83 -9.76 -9.31
N THR A 614 -20.90 -8.96 -8.80
CA THR A 614 -19.48 -9.24 -8.98
C THR A 614 -19.15 -10.62 -8.42
N THR A 615 -19.60 -10.88 -7.19
CA THR A 615 -19.31 -12.13 -6.51
C THR A 615 -19.85 -13.34 -7.27
N CYS A 616 -21.12 -13.28 -7.66
CA CYS A 616 -21.76 -14.41 -8.33
C CYS A 616 -21.11 -14.74 -9.67
N LEU A 617 -20.88 -13.73 -10.49
CA LEU A 617 -20.27 -13.95 -11.80
C LEU A 617 -18.84 -14.46 -11.64
N LEU A 618 -18.20 -14.07 -10.55
CA LEU A 618 -16.82 -14.48 -10.28
C LEU A 618 -16.78 -15.96 -9.90
N PHE A 619 -17.57 -16.33 -8.88
CA PHE A 619 -17.64 -17.72 -8.44
C PHE A 619 -18.09 -18.65 -9.58
N LYS A 620 -18.96 -18.14 -10.44
CA LYS A 620 -19.52 -18.96 -11.50
C LYS A 620 -18.61 -19.03 -12.72
N HIS A 621 -17.80 -17.98 -12.90
CA HIS A 621 -17.02 -17.81 -14.13
C HIS A 621 -16.41 -19.10 -14.66
N ASP A 622 -16.88 -19.51 -15.82
CA ASP A 622 -16.25 -20.56 -16.62
C ASP A 622 -16.35 -21.95 -15.98
N ASN A 623 -17.27 -22.13 -15.04
CA ASN A 623 -17.45 -23.42 -14.39
C ASN A 623 -18.86 -23.97 -14.61
N PRO A 624 -18.99 -25.04 -15.44
CA PRO A 624 -20.31 -25.61 -15.68
C PRO A 624 -20.84 -26.51 -14.56
N THR A 625 -20.00 -26.83 -13.58
CA THR A 625 -20.41 -27.75 -12.52
C THR A 625 -21.18 -27.04 -11.42
N LEU A 626 -21.11 -25.71 -11.41
CA LEU A 626 -21.72 -24.92 -10.35
C LEU A 626 -23.14 -24.50 -10.69
N VAL A 627 -24.03 -24.61 -9.71
CA VAL A 627 -25.42 -24.21 -9.87
C VAL A 627 -25.56 -22.76 -9.42
N MET A 628 -25.87 -21.88 -10.36
CA MET A 628 -25.97 -20.44 -10.07
C MET A 628 -26.89 -20.18 -8.88
N SER A 629 -27.96 -20.96 -8.78
CA SER A 629 -28.89 -20.82 -7.67
C SER A 629 -28.18 -20.96 -6.33
N ASP A 630 -27.30 -21.94 -6.24
CA ASP A 630 -26.56 -22.18 -5.01
C ASP A 630 -25.59 -21.05 -4.74
N ILE A 631 -24.95 -20.55 -5.80
CA ILE A 631 -24.03 -19.42 -5.68
C ILE A 631 -24.78 -18.23 -5.10
N MET A 632 -25.89 -17.88 -5.72
CA MET A 632 -26.66 -16.70 -5.33
C MET A 632 -27.10 -16.75 -3.86
N ASN A 633 -27.51 -17.93 -3.40
CA ASN A 633 -27.99 -18.05 -2.04
C ASN A 633 -26.88 -17.74 -1.05
N PHE A 634 -25.66 -18.15 -1.40
CA PHE A 634 -24.50 -17.88 -0.56
C PHE A 634 -24.07 -16.42 -0.70
N SER A 635 -24.04 -15.93 -1.93
CA SER A 635 -23.51 -14.60 -2.22
C SER A 635 -24.37 -13.48 -1.66
N ILE A 636 -25.69 -13.69 -1.59
CA ILE A 636 -26.57 -12.62 -1.12
C ILE A 636 -26.30 -12.36 0.36
N TYR A 637 -25.89 -13.40 1.08
CA TYR A 637 -25.62 -13.24 2.51
C TYR A 637 -24.26 -12.62 2.75
N THR A 638 -23.24 -13.03 1.99
CA THR A 638 -21.91 -12.47 2.14
C THR A 638 -21.89 -11.01 1.71
N SER A 639 -22.79 -10.66 0.80
CA SER A 639 -22.90 -9.29 0.31
C SER A 639 -23.68 -8.40 1.27
N LEU A 640 -24.58 -8.99 2.04
CA LEU A 640 -25.50 -8.20 2.86
C LEU A 640 -25.34 -8.44 4.36
N SER A 641 -24.78 -9.58 4.76
CA SER A 641 -24.56 -9.85 6.17
C SER A 641 -23.34 -9.08 6.66
N ILE A 642 -23.47 -7.75 6.65
CA ILE A 642 -22.38 -6.86 7.01
C ILE A 642 -22.28 -6.81 8.52
N THR A 643 -21.48 -7.72 9.08
CA THR A 643 -21.49 -8.02 10.50
C THR A 643 -20.11 -8.48 10.98
N LYS A 644 -19.87 -8.38 12.28
CA LYS A 644 -18.66 -8.95 12.87
C LYS A 644 -18.72 -10.47 12.79
N SER A 645 -19.93 -11.01 12.81
CA SER A 645 -20.13 -12.45 12.77
C SER A 645 -19.39 -13.08 11.59
N VAL A 646 -19.64 -12.57 10.40
CA VAL A 646 -19.00 -13.10 9.20
C VAL A 646 -17.52 -12.78 9.21
N LEU A 647 -17.15 -11.63 9.75
CA LEU A 647 -15.76 -11.20 9.80
C LEU A 647 -14.90 -12.21 10.57
N SER A 648 -15.47 -12.76 11.64
CA SER A 648 -14.76 -13.73 12.47
C SER A 648 -14.59 -15.07 11.77
N LEU A 649 -15.18 -15.21 10.59
CA LEU A 649 -15.14 -16.47 9.86
C LEU A 649 -14.26 -16.42 8.61
N THR A 650 -14.37 -15.34 7.84
CA THR A 650 -13.71 -15.26 6.55
C THR A 650 -12.19 -15.07 6.67
N GLU A 651 -11.74 -14.47 7.75
CA GLU A 651 -10.31 -14.29 7.97
C GLU A 651 -9.63 -15.62 8.27
N PRO A 652 -10.03 -16.30 9.35
CA PRO A 652 -9.35 -17.55 9.72
C PRO A 652 -9.55 -18.68 8.71
N ALA A 653 -10.59 -18.59 7.89
CA ALA A 653 -10.86 -19.64 6.90
C ALA A 653 -9.67 -19.88 6.00
N ARG A 654 -8.99 -18.80 5.62
CA ARG A 654 -7.82 -18.90 4.76
C ARG A 654 -6.76 -19.81 5.38
N TYR A 655 -6.46 -19.59 6.65
CA TYR A 655 -5.39 -20.31 7.33
C TYR A 655 -5.81 -21.74 7.67
N MET A 656 -7.05 -21.90 8.15
CA MET A 656 -7.56 -23.21 8.51
C MET A 656 -7.56 -24.15 7.31
N ILE A 657 -8.17 -23.72 6.21
CA ILE A 657 -8.26 -24.55 5.02
C ILE A 657 -6.88 -24.82 4.42
N MET A 658 -6.07 -23.77 4.32
CA MET A 658 -4.76 -23.89 3.68
C MET A 658 -3.83 -24.79 4.50
N ASN A 659 -3.87 -24.65 5.82
CA ASN A 659 -3.09 -25.51 6.69
C ASN A 659 -3.51 -26.97 6.50
N SER A 660 -4.81 -27.19 6.26
CA SER A 660 -5.35 -28.53 6.17
C SER A 660 -4.81 -29.31 4.97
N LEU A 661 -4.50 -28.63 3.88
CA LEU A 661 -4.03 -29.31 2.67
C LEU A 661 -2.54 -29.09 2.43
N ALA A 662 -1.84 -28.57 3.41
CA ALA A 662 -0.40 -28.32 3.30
C ALA A 662 0.40 -29.57 3.62
N ILE A 663 1.62 -29.63 3.09
CA ILE A 663 2.53 -30.71 3.43
C ILE A 663 2.84 -30.65 4.92
N SER A 664 3.31 -29.48 5.36
CA SER A 664 3.57 -29.24 6.77
C SER A 664 2.87 -27.97 7.22
N SER A 665 2.21 -28.05 8.37
CA SER A 665 1.48 -26.91 8.92
C SER A 665 0.99 -27.28 10.32
N ASN A 666 0.12 -26.46 10.89
CA ASN A 666 -0.42 -26.74 12.21
C ASN A 666 -1.86 -26.25 12.34
N VAL A 667 -2.79 -27.03 11.81
CA VAL A 667 -4.22 -26.73 11.94
C VAL A 667 -4.66 -26.82 13.40
N LYS A 668 -4.19 -27.85 14.09
CA LYS A 668 -4.55 -28.08 15.48
C LYS A 668 -4.44 -26.79 16.29
N ASP A 669 -3.25 -26.21 16.30
CA ASP A 669 -2.98 -25.04 17.12
C ASP A 669 -3.72 -23.80 16.61
N TYR A 670 -3.79 -23.61 15.30
CA TYR A 670 -4.46 -22.42 14.79
C TYR A 670 -5.92 -22.41 15.21
N ILE A 671 -6.61 -23.53 15.00
CA ILE A 671 -8.01 -23.64 15.38
C ILE A 671 -8.15 -23.54 16.89
N ALA A 672 -7.28 -24.23 17.61
CA ALA A 672 -7.33 -24.26 19.06
C ALA A 672 -7.18 -22.87 19.67
N GLU A 673 -6.25 -22.10 19.13
CA GLU A 673 -5.84 -20.84 19.76
C GLU A 673 -6.46 -19.58 19.14
N LYS A 674 -6.58 -19.54 17.82
CA LYS A 674 -6.87 -18.28 17.13
C LYS A 674 -8.25 -18.23 16.47
N PHE A 675 -8.79 -19.38 16.06
CA PHE A 675 -10.13 -19.41 15.47
C PHE A 675 -11.15 -19.12 16.56
N SER A 676 -11.89 -18.02 16.42
CA SER A 676 -12.79 -17.57 17.47
C SER A 676 -14.12 -17.06 16.91
N PRO A 677 -14.94 -17.97 16.38
CA PRO A 677 -16.20 -17.57 15.73
C PRO A 677 -17.12 -16.73 16.61
N TYR A 678 -17.79 -15.78 15.99
CA TYR A 678 -18.70 -14.85 16.66
C TYR A 678 -20.09 -15.05 16.07
N THR A 679 -20.60 -16.27 16.20
CA THR A 679 -21.81 -16.69 15.49
C THR A 679 -23.08 -16.14 16.13
N LYS A 680 -23.37 -14.86 15.87
CA LYS A 680 -24.56 -14.22 16.39
C LYS A 680 -25.77 -14.45 15.49
N THR A 681 -25.50 -14.78 14.23
CA THR A 681 -26.57 -14.95 13.24
C THR A 681 -26.68 -16.42 12.84
N LEU A 682 -27.79 -16.78 12.21
CA LEU A 682 -27.95 -18.14 11.72
C LEU A 682 -27.02 -18.39 10.53
N PHE A 683 -26.84 -17.37 9.68
CA PHE A 683 -25.96 -17.53 8.54
C PHE A 683 -24.54 -17.84 8.99
N SER A 684 -24.14 -17.24 10.11
CA SER A 684 -22.80 -17.47 10.64
C SER A 684 -22.64 -18.92 11.08
N VAL A 685 -23.69 -19.47 11.68
CA VAL A 685 -23.68 -20.87 12.10
C VAL A 685 -23.58 -21.77 10.88
N TYR A 686 -24.33 -21.44 9.84
CA TYR A 686 -24.30 -22.17 8.57
C TYR A 686 -22.91 -22.11 7.95
N MET A 687 -22.27 -20.96 8.06
CA MET A 687 -20.98 -20.73 7.42
C MET A 687 -19.86 -21.43 8.19
N THR A 688 -19.94 -21.39 9.52
CA THR A 688 -18.97 -22.09 10.37
C THR A 688 -18.89 -23.56 9.95
N ARG A 689 -20.01 -24.11 9.51
CA ARG A 689 -20.07 -25.51 9.13
C ARG A 689 -19.38 -25.71 7.78
N LEU A 690 -19.64 -24.82 6.84
CA LEU A 690 -18.99 -24.87 5.53
C LEU A 690 -17.48 -24.84 5.67
N ILE A 691 -17.00 -24.07 6.64
CA ILE A 691 -15.57 -23.96 6.91
C ILE A 691 -15.05 -25.26 7.50
N LYS A 692 -15.77 -25.80 8.48
CA LYS A 692 -15.39 -27.04 9.13
C LYS A 692 -15.23 -28.16 8.10
N ASN A 693 -16.24 -28.32 7.25
CA ASN A 693 -16.22 -29.36 6.24
C ASN A 693 -15.09 -29.09 5.24
N ALA A 694 -14.84 -27.81 4.98
CA ALA A 694 -13.80 -27.41 4.04
C ALA A 694 -12.43 -27.94 4.45
N CYS A 695 -12.12 -27.84 5.74
CA CYS A 695 -10.86 -28.34 6.27
C CYS A 695 -10.72 -29.85 6.06
N PHE A 696 -11.73 -30.60 6.50
CA PHE A 696 -11.73 -32.04 6.31
C PHE A 696 -11.65 -32.38 4.83
N ASP A 697 -12.47 -31.72 4.02
CA ASP A 697 -12.46 -31.95 2.58
C ASP A 697 -11.11 -31.58 1.98
N ALA A 698 -10.50 -30.54 2.52
CA ALA A 698 -9.20 -30.09 2.03
C ALA A 698 -8.15 -31.17 2.24
N TYR A 699 -8.14 -31.77 3.42
CA TYR A 699 -7.15 -32.81 3.72
C TYR A 699 -7.32 -34.02 2.83
N ASP A 700 -8.57 -34.39 2.57
CA ASP A 700 -8.86 -35.61 1.80
C ASP A 700 -8.48 -35.50 0.33
N GLN A 701 -8.24 -34.28 -0.14
CA GLN A 701 -7.79 -34.07 -1.51
C GLN A 701 -6.40 -33.43 -1.51
N ARG A 702 -5.75 -33.47 -0.36
CA ARG A 702 -4.40 -32.94 -0.18
C ARG A 702 -3.45 -33.44 -1.27
N GLN A 703 -3.51 -34.74 -1.54
CA GLN A 703 -2.64 -35.37 -2.52
C GLN A 703 -2.88 -34.87 -3.94
N ARG A 704 -4.06 -34.33 -4.20
CA ARG A 704 -4.39 -33.83 -5.54
C ARG A 704 -3.82 -32.43 -5.75
N VAL A 705 -3.66 -31.68 -4.66
CA VAL A 705 -3.08 -30.35 -4.72
C VAL A 705 -1.56 -30.48 -4.76
N GLN A 706 -1.00 -31.10 -3.74
CA GLN A 706 0.44 -31.29 -3.64
C GLN A 706 0.90 -32.28 -4.71
N LEU A 707 1.93 -31.90 -5.45
CA LEU A 707 2.40 -32.68 -6.59
C LEU A 707 3.06 -33.98 -6.16
N ARG A 708 2.95 -34.99 -7.02
CA ARG A 708 3.58 -36.30 -6.78
C ARG A 708 5.08 -36.22 -7.09
N ASP A 709 5.63 -37.28 -7.63
CA ASP A 709 7.01 -37.30 -8.09
C ASP A 709 7.11 -36.90 -9.56
N ILE A 710 6.10 -36.18 -10.05
CA ILE A 710 6.12 -35.64 -11.40
C ILE A 710 6.04 -36.78 -12.41
N ASP A 714 9.52 -31.59 -16.47
CA ASP A 714 9.44 -30.21 -16.95
C ASP A 714 8.05 -29.93 -17.52
N TYR A 715 7.61 -30.80 -18.42
CA TYR A 715 6.30 -30.66 -19.05
C TYR A 715 5.22 -31.32 -18.21
N ASP A 716 5.65 -32.11 -17.22
CA ASP A 716 4.71 -32.76 -16.30
C ASP A 716 4.38 -31.83 -15.13
N ILE A 717 5.27 -30.88 -14.84
CA ILE A 717 5.07 -29.96 -13.73
C ILE A 717 4.19 -28.79 -14.17
N THR A 718 4.55 -28.18 -15.29
CA THR A 718 3.89 -26.95 -15.75
C THR A 718 2.45 -27.18 -16.16
N GLN A 719 2.16 -28.37 -16.69
CA GLN A 719 0.80 -28.69 -17.13
C GLN A 719 -0.19 -28.63 -15.98
N LYS A 720 0.27 -28.98 -14.78
CA LYS A 720 -0.60 -29.03 -13.60
C LYS A 720 -1.23 -27.67 -13.35
N GLY A 721 -0.44 -26.61 -13.47
CA GLY A 721 -0.91 -25.26 -13.21
C GLY A 721 -1.52 -24.61 -14.44
N ILE A 722 -0.89 -24.79 -15.59
CA ILE A 722 -1.37 -24.20 -16.83
C ILE A 722 -2.63 -24.92 -17.27
N LYS A 723 -2.50 -26.20 -17.57
CA LYS A 723 -3.64 -27.02 -17.99
C LYS A 723 -4.37 -27.52 -16.75
N ASP A 724 -5.11 -26.63 -16.12
CA ASP A 724 -5.75 -26.88 -14.83
C ASP A 724 -7.08 -27.60 -14.99
N ASN A 725 -7.13 -28.87 -14.59
CA ASN A 725 -8.37 -29.63 -14.70
C ASN A 725 -9.14 -29.56 -13.38
N ARG A 726 -10.45 -29.81 -13.46
CA ARG A 726 -11.38 -29.49 -12.39
C ARG A 726 -11.71 -30.72 -11.53
N GLU A 727 -10.90 -30.96 -10.51
CA GLU A 727 -11.03 -32.20 -9.72
C GLU A 727 -11.07 -31.97 -8.21
N LEU A 728 -11.05 -30.71 -7.78
CA LEU A 728 -11.11 -30.42 -6.35
C LEU A 728 -12.56 -30.14 -5.94
N THR A 729 -12.86 -30.32 -4.66
CA THR A 729 -14.21 -30.10 -4.15
C THR A 729 -14.46 -28.64 -3.80
N SER A 730 -15.59 -28.11 -4.26
CA SER A 730 -15.97 -26.73 -3.97
C SER A 730 -16.28 -26.58 -2.48
N ILE A 731 -16.16 -25.36 -1.96
CA ILE A 731 -16.26 -25.11 -0.54
C ILE A 731 -17.63 -24.57 -0.12
N TRP A 732 -18.05 -23.48 -0.75
CA TRP A 732 -19.23 -22.74 -0.31
C TRP A 732 -20.53 -23.27 -0.92
N PHE A 733 -20.40 -24.08 -1.97
CA PHE A 733 -21.57 -24.67 -2.61
C PHE A 733 -21.17 -25.89 -3.44
N PRO A 734 -22.11 -26.83 -3.65
CA PRO A 734 -21.79 -28.10 -4.31
C PRO A 734 -21.17 -27.94 -5.69
N GLY A 735 -20.18 -28.77 -5.99
CA GLY A 735 -19.55 -28.76 -7.30
C GLY A 735 -18.08 -29.09 -7.27
N SER A 736 -17.46 -29.11 -8.44
CA SER A 736 -16.03 -29.34 -8.57
C SER A 736 -15.34 -28.05 -9.01
N VAL A 737 -14.04 -27.96 -8.76
CA VAL A 737 -13.35 -26.69 -8.86
C VAL A 737 -11.87 -26.89 -9.19
N THR A 738 -11.32 -26.04 -10.06
CA THR A 738 -9.90 -26.07 -10.36
C THR A 738 -9.11 -25.49 -9.19
N LEU A 739 -7.79 -25.67 -9.21
CA LEU A 739 -6.93 -25.16 -8.15
C LEU A 739 -7.08 -23.64 -8.02
N LYS A 740 -7.00 -22.95 -9.14
CA LYS A 740 -7.15 -21.49 -9.14
C LYS A 740 -8.48 -21.09 -8.54
N GLU A 741 -9.55 -21.67 -9.06
CA GLU A 741 -10.90 -21.39 -8.59
C GLU A 741 -11.05 -21.77 -7.11
N TYR A 742 -10.37 -22.85 -6.73
CA TYR A 742 -10.33 -23.28 -5.34
C TYR A 742 -9.71 -22.20 -4.46
N LEU A 743 -8.59 -21.65 -4.91
CA LEU A 743 -7.88 -20.61 -4.16
C LEU A 743 -8.71 -19.34 -4.03
N THR A 744 -9.47 -19.03 -5.08
CA THR A 744 -10.32 -17.84 -5.06
C THR A 744 -11.41 -18.00 -4.01
N GLN A 745 -11.96 -19.21 -3.89
CA GLN A 745 -13.00 -19.48 -2.91
C GLN A 745 -12.46 -19.34 -1.48
N ILE A 746 -11.17 -19.60 -1.30
CA ILE A 746 -10.56 -19.56 0.02
C ILE A 746 -10.20 -18.14 0.41
N TYR A 747 -9.62 -17.40 -0.54
CA TYR A 747 -9.02 -16.10 -0.24
C TYR A 747 -9.94 -14.91 -0.50
N LEU A 748 -10.86 -15.04 -1.44
CA LEU A 748 -11.75 -13.94 -1.81
C LEU A 748 -12.67 -13.50 -0.66
N PRO A 749 -13.26 -14.46 0.08
CA PRO A 749 -14.23 -14.05 1.10
C PRO A 749 -13.70 -13.02 2.10
N PHE A 750 -12.41 -13.04 2.39
CA PHE A 750 -11.83 -12.06 3.30
C PHE A 750 -12.05 -10.63 2.79
N TYR A 751 -12.16 -10.49 1.47
CA TYR A 751 -12.26 -9.16 0.86
C TYR A 751 -13.71 -8.70 0.72
N PHE A 752 -14.66 -9.56 1.08
CA PHE A 752 -16.05 -9.13 1.19
C PHE A 752 -16.15 -8.14 2.34
N ASN A 753 -15.38 -8.38 3.39
CA ASN A 753 -15.50 -7.65 4.66
C ASN A 753 -15.38 -6.15 4.49
N ALA A 754 -16.20 -5.43 5.26
CA ALA A 754 -16.15 -3.98 5.29
C ALA A 754 -15.14 -3.49 6.32
N LYS A 755 -14.65 -2.28 6.13
CA LYS A 755 -13.81 -1.63 7.13
C LYS A 755 -14.69 -1.01 8.21
N GLY A 756 -14.17 -0.95 9.44
CA GLY A 756 -14.86 -0.28 10.52
C GLY A 756 -16.13 -0.97 11.00
N LEU A 757 -16.16 -2.29 10.94
CA LEU A 757 -17.28 -3.04 11.50
C LEU A 757 -17.21 -2.99 13.02
N HIS A 758 -15.99 -2.80 13.54
CA HIS A 758 -15.80 -2.57 14.97
C HIS A 758 -16.03 -1.10 15.29
N GLU A 759 -16.36 -0.82 16.54
CA GLU A 759 -16.66 0.54 16.95
C GLU A 759 -15.37 1.35 17.16
N LYS A 760 -15.53 2.65 17.33
CA LYS A 760 -14.41 3.56 17.57
C LYS A 760 -13.68 3.16 18.85
N HIS A 761 -14.41 3.11 19.95
CA HIS A 761 -13.85 2.84 21.27
C HIS A 761 -13.23 1.45 21.37
N HIS A 762 -13.79 0.49 20.65
CA HIS A 762 -13.46 -0.92 20.90
C HIS A 762 -12.23 -1.43 20.16
N VAL A 763 -11.82 -0.77 19.08
CA VAL A 763 -10.60 -1.15 18.38
C VAL A 763 -9.40 -0.58 19.14
N MET A 764 -9.54 0.64 19.63
CA MET A 764 -8.53 1.27 20.46
C MET A 764 -8.22 0.42 21.69
N VAL A 765 -9.26 0.11 22.46
CA VAL A 765 -9.11 -0.61 23.72
C VAL A 765 -8.39 -1.93 23.52
N ASP A 766 -8.81 -2.68 22.49
CA ASP A 766 -8.17 -3.96 22.19
C ASP A 766 -6.69 -3.73 21.88
N LEU A 767 -6.40 -2.73 21.04
CA LEU A 767 -5.03 -2.44 20.66
C LEU A 767 -4.21 -1.97 21.86
N ALA A 768 -4.79 -1.10 22.68
CA ALA A 768 -4.13 -0.60 23.87
C ALA A 768 -3.78 -1.74 24.83
N LYS A 769 -4.72 -2.66 25.02
CA LYS A 769 -4.53 -3.74 25.99
C LYS A 769 -3.46 -4.74 25.55
N THR A 770 -3.45 -5.09 24.27
CA THR A 770 -2.43 -5.98 23.74
C THR A 770 -1.04 -5.38 23.91
N ILE A 771 -0.89 -4.12 23.51
CA ILE A 771 0.37 -3.39 23.67
C ILE A 771 0.82 -3.44 25.13
N LEU A 772 -0.08 -3.04 26.03
CA LEU A 772 0.24 -2.99 27.45
C LEU A 772 0.51 -4.37 28.04
N GLU A 773 -0.27 -5.36 27.61
CA GLU A 773 -0.08 -6.72 28.09
C GLU A 773 1.30 -7.23 27.71
N ILE A 774 1.66 -7.07 26.45
CA ILE A 774 2.97 -7.49 25.94
C ILE A 774 4.09 -6.80 26.72
N GLU A 775 3.94 -5.50 26.97
CA GLU A 775 4.91 -4.73 27.72
C GLU A 775 5.02 -5.25 29.15
N CYS A 776 3.88 -5.61 29.73
CA CYS A 776 3.83 -6.09 31.11
C CYS A 776 4.50 -7.45 31.24
N GLU A 777 4.27 -8.31 30.25
CA GLU A 777 4.85 -9.64 30.22
C GLU A 777 6.37 -9.54 30.21
N GLN A 778 6.88 -8.64 29.36
CA GLN A 778 8.31 -8.42 29.23
C GLN A 778 8.93 -7.93 30.54
N ARG A 779 8.25 -7.00 31.20
CA ARG A 779 8.78 -6.41 32.42
C ARG A 779 9.02 -7.47 33.50
N GLU A 780 8.23 -8.54 33.47
CA GLU A 780 8.26 -9.51 34.55
C GLU A 780 8.87 -10.86 34.16
N ASN A 781 9.01 -11.12 32.87
CA ASN A 781 9.56 -12.40 32.42
C ASN A 781 10.73 -12.28 31.44
N ILE A 782 10.71 -11.27 30.58
CA ILE A 782 11.78 -11.11 29.59
C ILE A 782 12.96 -10.35 30.21
N LYS A 783 14.04 -11.07 30.49
CA LYS A 783 15.19 -10.50 31.18
C LYS A 783 16.45 -10.55 30.30
N GLU A 784 16.57 -11.60 29.51
CA GLU A 784 17.78 -11.82 28.71
C GLU A 784 17.71 -11.12 27.36
N ILE A 785 18.87 -10.67 26.88
CA ILE A 785 18.98 -10.07 25.55
C ILE A 785 19.62 -11.06 24.59
N TRP A 786 20.63 -11.78 25.07
CA TRP A 786 21.38 -12.70 24.22
C TRP A 786 21.25 -14.14 24.72
N SER A 787 21.38 -15.10 23.80
CA SER A 787 21.35 -16.52 24.16
C SER A 787 21.80 -17.37 22.97
N THR A 788 22.26 -18.58 23.26
CA THR A 788 22.75 -19.49 22.22
C THR A 788 21.80 -20.67 22.01
N ASN A 789 20.69 -20.68 22.74
CA ASN A 789 19.75 -21.78 22.68
C ASN A 789 18.35 -21.33 22.24
N CYS A 790 18.30 -20.22 21.50
CA CYS A 790 17.04 -19.68 21.01
C CYS A 790 16.05 -19.46 22.15
N THR A 791 16.51 -18.77 23.20
CA THR A 791 15.64 -18.34 24.27
C THR A 791 14.62 -17.33 23.71
N LYS A 792 13.40 -17.35 24.24
CA LYS A 792 12.35 -16.44 23.80
C LYS A 792 12.83 -15.00 23.79
N GLN A 793 12.61 -14.31 22.67
CA GLN A 793 12.97 -12.90 22.54
C GLN A 793 14.42 -12.63 22.91
N THR A 794 15.33 -13.34 22.24
CA THR A 794 16.76 -13.09 22.36
C THR A 794 17.42 -13.18 20.99
N VAL A 795 18.67 -12.72 20.92
CA VAL A 795 19.46 -12.87 19.70
C VAL A 795 20.73 -13.62 20.05
N ASN A 796 21.20 -14.43 19.11
CA ASN A 796 22.52 -15.04 19.25
C ASN A 796 23.56 -13.99 18.87
N LEU A 797 24.23 -13.48 19.89
CA LEU A 797 25.10 -12.32 19.72
C LEU A 797 26.13 -12.50 18.61
N LYS A 798 27.02 -13.47 18.76
CA LYS A 798 28.13 -13.65 17.83
C LYS A 798 27.67 -13.96 16.41
N ILE A 799 26.55 -14.66 16.28
CA ILE A 799 26.01 -14.99 14.97
C ILE A 799 25.43 -13.74 14.30
N LEU A 800 24.74 -12.91 15.09
CA LEU A 800 24.24 -11.64 14.58
C LEU A 800 25.39 -10.81 14.03
N ILE A 801 26.40 -10.60 14.87
CA ILE A 801 27.56 -9.79 14.52
C ILE A 801 28.20 -10.29 13.23
N HIS A 802 28.51 -11.58 13.18
CA HIS A 802 29.20 -12.15 12.03
C HIS A 802 28.37 -12.01 10.75
N SER A 803 27.07 -12.29 10.86
CA SER A 803 26.18 -12.23 9.70
C SER A 803 26.01 -10.80 9.21
N LEU A 804 26.03 -9.84 10.14
CA LEU A 804 25.93 -8.43 9.77
C LEU A 804 27.17 -7.98 9.02
N CYS A 805 28.34 -8.32 9.54
CA CYS A 805 29.59 -7.98 8.87
C CYS A 805 29.60 -8.51 7.45
N LYS A 806 29.21 -9.78 7.30
CA LYS A 806 29.22 -10.43 5.99
C LYS A 806 28.26 -9.74 5.03
N ASN A 807 27.04 -9.46 5.49
CA ASN A 807 26.03 -8.86 4.64
C ASN A 807 26.33 -7.38 4.38
N LEU A 808 26.82 -6.69 5.40
CA LEU A 808 27.22 -5.29 5.22
C LEU A 808 28.36 -5.19 4.22
N LEU A 809 29.23 -6.20 4.18
CA LEU A 809 30.33 -6.22 3.23
C LEU A 809 29.83 -6.48 1.82
N ALA A 810 29.07 -7.56 1.65
CA ALA A 810 28.55 -7.94 0.33
C ALA A 810 27.67 -6.84 -0.26
N ASP A 811 26.77 -6.29 0.55
CA ASP A 811 25.82 -5.29 0.06
C ASP A 811 26.49 -3.96 -0.24
N THR A 812 27.44 -3.55 0.58
CA THR A 812 28.13 -2.28 0.37
C THR A 812 29.04 -2.35 -0.86
N SER A 813 29.52 -3.56 -1.16
CA SER A 813 30.45 -3.73 -2.27
C SER A 813 29.78 -3.61 -3.63
N ARG A 814 28.47 -3.88 -3.68
CA ARG A 814 27.78 -3.88 -4.97
C ARG A 814 27.25 -2.48 -5.33
N HIS A 815 27.64 -1.48 -4.57
CA HIS A 815 27.52 -0.09 -5.00
C HIS A 815 28.52 0.79 -4.26
N ASN A 816 29.36 1.48 -5.02
CA ASN A 816 30.47 2.23 -4.44
C ASN A 816 30.09 3.63 -3.99
N HIS A 817 29.02 4.17 -4.57
CA HIS A 817 28.53 5.49 -4.19
C HIS A 817 27.22 5.37 -3.42
N LEU A 818 27.22 4.53 -2.39
CA LEU A 818 26.00 4.26 -1.63
C LEU A 818 25.56 5.47 -0.81
N ARG A 819 26.49 6.04 -0.05
CA ARG A 819 26.17 7.16 0.83
C ARG A 819 25.60 8.31 0.01
N ASN A 820 26.10 8.45 -1.22
CA ASN A 820 25.62 9.47 -2.14
C ASN A 820 24.19 9.14 -2.57
N ARG A 821 23.96 7.87 -2.90
CA ARG A 821 22.62 7.41 -3.31
C ARG A 821 21.60 7.75 -2.24
N ILE A 822 21.92 7.43 -0.99
CA ILE A 822 21.03 7.72 0.12
C ILE A 822 20.71 9.20 0.15
N GLU A 823 21.75 10.03 0.10
CA GLU A 823 21.58 11.48 0.20
C GLU A 823 20.69 12.03 -0.90
N ASN A 824 20.92 11.59 -2.13
CA ASN A 824 20.20 12.15 -3.28
C ASN A 824 18.76 11.66 -3.36
N ARG A 825 18.57 10.36 -3.24
CA ARG A 825 17.24 9.76 -3.41
C ARG A 825 16.29 10.18 -2.29
N ASN A 826 16.84 10.51 -1.12
CA ASN A 826 16.02 10.87 0.03
C ASN A 826 16.21 12.34 0.43
N ASN A 827 16.86 13.10 -0.43
CA ASN A 827 16.98 14.55 -0.27
C ASN A 827 17.58 14.97 1.07
N PHE A 828 18.60 14.26 1.52
CA PHE A 828 19.28 14.61 2.77
C PHE A 828 19.87 16.01 2.71
N ARG A 829 20.41 16.36 1.55
CA ARG A 829 21.14 17.62 1.40
C ARG A 829 20.22 18.83 1.28
N ARG A 830 18.97 18.58 0.88
CA ARG A 830 18.06 19.67 0.55
C ARG A 830 17.24 20.11 1.75
N SER A 831 16.58 21.25 1.62
CA SER A 831 15.80 21.84 2.70
C SER A 831 14.63 20.94 3.11
N ILE A 832 14.34 20.93 4.40
CA ILE A 832 13.27 20.09 4.94
C ILE A 832 11.92 20.47 4.32
N THR A 833 11.80 21.73 3.92
CA THR A 833 10.55 22.24 3.35
C THR A 833 10.28 21.74 1.94
N THR A 834 11.18 20.93 1.39
CA THR A 834 11.04 20.44 0.02
C THR A 834 10.79 18.94 -0.03
N ILE A 835 10.46 18.36 1.12
CA ILE A 835 10.29 16.93 1.24
C ILE A 835 8.83 16.62 1.58
N SER A 836 8.16 15.91 0.67
CA SER A 836 6.73 15.63 0.78
C SER A 836 6.30 15.18 2.18
N THR A 837 6.94 14.14 2.69
CA THR A 837 6.50 13.52 3.93
C THR A 837 6.69 14.43 5.15
N PHE A 838 7.56 15.43 5.02
CA PHE A 838 7.79 16.37 6.12
C PHE A 838 6.89 17.59 6.01
N THR A 839 6.10 17.67 4.95
CA THR A 839 5.21 18.81 4.73
C THR A 839 3.79 18.34 4.39
N SER A 840 3.45 17.12 4.80
CA SER A 840 2.19 16.51 4.41
C SER A 840 1.02 16.98 5.24
N SER A 841 -0.17 16.47 4.94
CA SER A 841 -1.37 16.77 5.71
C SER A 841 -1.70 15.61 6.64
N LYS A 842 -0.71 14.76 6.92
CA LYS A 842 -0.90 13.65 7.85
C LYS A 842 -0.96 14.20 9.28
N SER A 843 -1.40 13.36 10.20
CA SER A 843 -1.45 13.75 11.61
C SER A 843 -0.05 13.75 12.21
N CYS A 844 0.11 14.52 13.28
CA CYS A 844 1.37 14.61 13.99
C CYS A 844 1.08 15.00 15.43
N LEU A 845 2.02 14.70 16.32
CA LEU A 845 1.80 14.86 17.76
C LEU A 845 2.72 15.93 18.35
N LYS A 846 2.19 16.77 19.23
CA LYS A 846 3.04 17.71 19.95
C LYS A 846 2.63 17.82 21.42
N ILE A 847 3.63 17.92 22.28
CA ILE A 847 3.43 17.94 23.72
C ILE A 847 3.58 19.37 24.24
N GLY A 848 2.84 19.70 25.29
CA GLY A 848 2.92 21.02 25.89
C GLY A 848 1.81 21.25 26.91
N ASP A 849 1.58 22.51 27.26
CA ASP A 849 0.51 22.86 28.19
C ASP A 849 -0.67 23.45 27.44
N PHE A 850 -1.72 22.64 27.27
CA PHE A 850 -2.92 23.07 26.58
C PHE A 850 -4.13 22.93 27.50
N ARG A 851 -3.91 23.13 28.80
CA ARG A 851 -4.95 22.95 29.79
C ARG A 851 -6.07 23.98 29.58
N LYS A 852 -5.68 25.25 29.43
CA LYS A 852 -6.66 26.33 29.30
C LYS A 852 -7.48 26.14 28.02
N GLU A 853 -6.81 25.90 26.91
CA GLU A 853 -7.50 25.67 25.63
C GLU A 853 -8.54 24.58 25.77
N LYS A 854 -8.11 23.44 26.32
CA LYS A 854 -8.97 22.28 26.44
C LYS A 854 -10.08 22.47 27.47
N GLU A 855 -9.73 23.12 28.59
CA GLU A 855 -10.70 23.33 29.66
C GLU A 855 -11.75 24.36 29.24
N LEU A 856 -11.36 25.31 28.39
CA LEU A 856 -12.32 26.24 27.81
C LEU A 856 -13.23 25.49 26.84
N GLN A 857 -12.62 24.64 26.03
CA GLN A 857 -13.37 23.80 25.10
C GLN A 857 -14.27 22.84 25.87
N SER A 858 -13.78 22.35 27.00
CA SER A 858 -14.56 21.47 27.85
C SER A 858 -15.84 22.18 28.29
N VAL A 859 -15.69 23.45 28.66
CA VAL A 859 -16.83 24.23 29.09
C VAL A 859 -17.74 24.55 27.91
N LYS A 860 -17.16 25.07 26.83
CA LYS A 860 -17.94 25.45 25.65
C LYS A 860 -18.63 24.25 25.01
N GLN A 861 -18.03 23.07 25.15
CA GLN A 861 -18.61 21.86 24.57
C GLN A 861 -19.82 21.41 25.37
N LYS A 862 -19.77 21.59 26.68
CA LYS A 862 -20.86 21.15 27.55
C LYS A 862 -22.05 22.10 27.45
N LYS A 863 -21.78 23.36 27.10
CA LYS A 863 -22.84 24.35 26.93
C LYS A 863 -23.70 24.02 25.71
N ILE A 864 -23.04 23.72 24.59
CA ILE A 864 -23.75 23.36 23.37
C ILE A 864 -24.46 22.03 23.54
N LEU A 865 -23.95 21.19 24.44
CA LEU A 865 -24.55 19.89 24.69
C LEU A 865 -25.89 20.04 25.40
N GLU A 866 -25.93 20.87 26.44
CA GLU A 866 -27.13 21.05 27.25
C GLU A 866 -28.22 21.82 26.51
N VAL A 867 -27.81 22.77 25.68
CA VAL A 867 -28.76 23.54 24.88
C VAL A 867 -29.59 22.59 24.01
N GLN A 868 -28.90 21.83 23.17
CA GLN A 868 -29.55 20.86 22.29
C GLN A 868 -30.28 19.80 23.10
N SER A 869 -29.77 19.51 24.30
CA SER A 869 -30.39 18.52 25.17
C SER A 869 -31.65 19.07 25.81
N ARG A 870 -31.70 20.39 25.97
CA ARG A 870 -32.87 21.05 26.54
C ARG A 870 -33.95 21.21 25.48
N LYS A 871 -33.54 21.50 24.25
CA LYS A 871 -34.46 21.58 23.13
C LYS A 871 -35.05 20.21 22.84
N MET A 872 -35.98 19.77 23.67
CA MET A 872 -36.57 18.45 23.50
C MET A 872 -38.06 18.42 23.82
N ARG A 873 -38.86 18.07 22.82
CA ARG A 873 -40.27 17.76 23.04
C ARG A 873 -40.40 16.25 23.18
N LEU A 874 -39.87 15.73 24.29
CA LEU A 874 -39.78 14.29 24.50
C LEU A 874 -39.49 14.01 25.97
N ALA A 875 -39.80 12.79 26.40
CA ALA A 875 -39.51 12.38 27.77
C ALA A 875 -39.47 10.87 27.88
N ASN A 893 -15.65 14.37 31.46
CA ASN A 893 -15.35 15.80 31.43
C ASN A 893 -13.86 16.02 31.67
N TYR A 894 -13.23 16.79 30.78
CA TYR A 894 -11.79 16.98 30.79
C TYR A 894 -11.27 17.52 32.11
N GLU A 895 -11.91 18.57 32.62
CA GLU A 895 -11.48 19.18 33.88
C GLU A 895 -11.37 18.12 34.98
N MET A 896 -12.38 17.27 35.07
CA MET A 896 -12.40 16.20 36.07
C MET A 896 -11.16 15.31 35.92
N LEU A 897 -10.81 15.01 34.67
CA LEU A 897 -9.74 14.07 34.38
C LEU A 897 -8.39 14.52 34.93
N ARG A 898 -8.10 15.81 34.81
CA ARG A 898 -6.77 16.32 35.15
C ARG A 898 -6.63 16.70 36.62
N ASN A 899 -7.73 16.64 37.36
CA ASN A 899 -7.67 16.77 38.81
C ASN A 899 -7.32 15.41 39.42
N ALA A 900 -7.67 14.36 38.70
CA ALA A 900 -7.47 12.99 39.18
C ALA A 900 -6.10 12.44 38.78
N MET A 901 -5.45 13.09 37.81
CA MET A 901 -4.20 12.58 37.26
C MET A 901 -3.03 13.54 37.46
N PRO A 902 -2.25 13.35 38.53
CA PRO A 902 -1.05 14.15 38.78
C PRO A 902 -0.06 14.18 37.62
N ASN A 903 0.26 13.02 37.06
CA ASN A 903 1.24 12.91 35.99
C ASN A 903 0.57 12.79 34.63
N TYR A 904 -0.14 13.84 34.23
CA TYR A 904 -0.79 13.87 32.94
C TYR A 904 0.09 14.59 31.92
N THR A 905 0.55 13.86 30.91
CA THR A 905 1.32 14.46 29.84
C THR A 905 0.36 15.01 28.80
N ASP A 906 0.26 16.34 28.74
CA ASP A 906 -0.72 16.98 27.88
C ASP A 906 -0.21 17.13 26.46
N TYR A 907 -1.12 17.10 25.50
CA TYR A 907 -0.76 17.02 24.09
C TYR A 907 -1.93 17.37 23.17
N ILE A 908 -1.64 17.64 21.91
CA ILE A 908 -2.68 17.72 20.88
C ILE A 908 -2.14 17.18 19.56
N SER A 909 -3.04 16.70 18.71
CA SER A 909 -2.67 16.17 17.40
C SER A 909 -2.92 17.22 16.31
N THR A 910 -1.85 17.68 15.67
CA THR A 910 -1.97 18.65 14.59
C THR A 910 -1.55 18.00 13.28
N LYS A 911 -1.36 18.82 12.25
CA LYS A 911 -0.93 18.32 10.95
C LYS A 911 0.57 18.49 10.77
N VAL A 912 1.17 17.68 9.90
CA VAL A 912 2.60 17.69 9.70
C VAL A 912 3.08 19.07 9.27
N PHE A 913 2.48 19.61 8.21
CA PHE A 913 2.91 20.91 7.68
C PHE A 913 2.73 22.00 8.73
N ASP A 914 1.70 21.88 9.55
CA ASP A 914 1.41 22.87 10.59
C ASP A 914 2.49 22.87 11.66
N ARG A 915 2.95 21.68 12.03
CA ARG A 915 3.98 21.55 13.06
C ARG A 915 5.32 22.06 12.55
N LEU A 916 5.58 21.85 11.25
CA LEU A 916 6.79 22.36 10.63
C LEU A 916 6.79 23.89 10.65
N TYR A 917 5.65 24.48 10.30
CA TYR A 917 5.48 25.93 10.35
C TYR A 917 5.82 26.47 11.73
N GLU A 918 5.22 25.88 12.76
CA GLU A 918 5.44 26.31 14.13
C GLU A 918 6.92 26.27 14.51
N LEU A 919 7.55 25.13 14.25
CA LEU A 919 8.95 24.95 14.63
C LEU A 919 9.85 25.89 13.84
N LEU A 920 9.52 26.09 12.56
CA LEU A 920 10.22 27.10 11.76
C LEU A 920 10.00 28.48 12.38
N ASP A 921 8.75 28.77 12.74
CA ASP A 921 8.39 30.07 13.29
C ASP A 921 9.12 30.36 14.61
N LYS A 922 9.32 29.33 15.41
CA LYS A 922 10.01 29.48 16.69
C LYS A 922 11.49 29.16 16.56
N LYS A 923 11.96 29.09 15.32
CA LYS A 923 13.38 28.93 15.03
C LYS A 923 13.99 27.68 15.65
N VAL A 924 13.16 26.68 15.93
CA VAL A 924 13.64 25.40 16.39
C VAL A 924 14.20 24.64 15.19
N LEU A 925 13.50 24.75 14.07
CA LEU A 925 13.97 24.21 12.80
C LEU A 925 14.39 25.35 11.89
N THR A 926 15.07 25.01 10.80
CA THR A 926 15.53 26.00 9.83
C THR A 926 15.47 25.38 8.44
N ASP A 927 16.05 26.06 7.45
CA ASP A 927 16.05 25.55 6.09
C ASP A 927 17.46 25.10 5.69
N LYS A 928 18.28 24.79 6.69
CA LYS A 928 19.53 24.09 6.44
C LYS A 928 19.21 22.69 5.94
N PRO A 929 20.18 22.01 5.30
CA PRO A 929 19.97 20.64 4.85
C PRO A 929 19.31 19.76 5.91
N VAL A 930 18.31 18.99 5.51
CA VAL A 930 17.47 18.27 6.46
C VAL A 930 18.28 17.33 7.33
N ILE A 931 19.27 16.67 6.74
CA ILE A 931 20.01 15.63 7.46
C ILE A 931 20.81 16.24 8.61
N GLU A 932 21.24 17.49 8.43
CA GLU A 932 22.01 18.17 9.46
C GLU A 932 21.14 18.46 10.67
N GLN A 933 19.88 18.82 10.43
CA GLN A 933 18.95 19.11 11.51
C GLN A 933 18.49 17.83 12.21
N ILE A 934 18.31 16.77 11.43
CA ILE A 934 18.00 15.45 11.99
C ILE A 934 19.06 15.10 13.02
N MET A 935 20.34 15.25 12.64
CA MET A 935 21.45 14.96 13.55
C MET A 935 21.28 15.76 14.84
N ASP A 936 21.06 17.06 14.71
CA ASP A 936 20.84 17.92 15.87
C ASP A 936 19.68 17.41 16.71
N MET A 937 18.59 17.04 16.03
CA MET A 937 17.37 16.62 16.70
C MET A 937 17.59 15.35 17.52
N MET A 938 18.50 14.50 17.06
CA MET A 938 18.77 13.24 17.75
C MET A 938 19.42 13.49 19.11
N ILE A 939 20.05 14.65 19.27
CA ILE A 939 20.64 15.03 20.55
C ILE A 939 19.64 15.83 21.36
N ASP A 940 18.88 16.68 20.67
CA ASP A 940 17.99 17.62 21.35
C ASP A 940 16.73 16.95 21.91
N HIS A 941 16.10 16.09 21.12
CA HIS A 941 14.89 15.41 21.57
C HIS A 941 15.25 14.18 22.39
N LYS A 942 15.09 14.30 23.71
CA LYS A 942 15.50 13.23 24.61
C LYS A 942 14.32 12.32 24.96
N LYS A 943 13.13 12.90 25.04
CA LYS A 943 11.94 12.16 25.46
C LYS A 943 10.92 12.05 24.32
N PHE A 944 10.57 10.80 23.97
CA PHE A 944 9.67 10.55 22.86
C PHE A 944 8.28 10.08 23.32
N TYR A 945 7.26 10.48 22.55
CA TYR A 945 5.88 10.12 22.85
C TYR A 945 5.16 9.64 21.59
N PHE A 946 4.27 8.66 21.76
CA PHE A 946 3.46 8.16 20.66
C PHE A 946 2.03 7.95 21.14
N THR A 947 1.10 7.83 20.21
CA THR A 947 -0.29 7.52 20.56
C THR A 947 -1.04 6.97 19.34
N PHE A 948 -2.30 6.60 19.54
CA PHE A 948 -3.12 6.04 18.46
C PHE A 948 -3.75 7.14 17.62
N PHE A 949 -4.38 6.75 16.52
CA PHE A 949 -5.02 7.70 15.61
C PHE A 949 -6.36 8.17 16.14
N ASN A 950 -6.78 9.35 15.70
CA ASN A 950 -8.06 9.93 16.09
C ASN A 950 -9.21 9.10 15.53
N GLU A 960 1.92 1.65 9.90
CA GLU A 960 1.75 2.97 10.50
C GLU A 960 0.40 3.09 11.19
N ILE A 961 0.33 2.64 12.44
CA ILE A 961 -0.89 2.73 13.23
C ILE A 961 -0.66 3.60 14.47
N PHE A 962 0.56 4.10 14.61
CA PHE A 962 0.88 5.00 15.72
C PHE A 962 1.20 6.40 15.20
N VAL A 963 0.81 7.40 15.98
CA VAL A 963 1.15 8.78 15.67
C VAL A 963 2.30 9.20 16.56
N GLY A 964 3.34 9.77 15.97
CA GLY A 964 4.48 10.22 16.72
C GLY A 964 4.68 11.72 16.63
N GLU A 965 5.63 12.23 17.39
CA GLU A 965 6.02 13.63 17.30
C GLU A 965 6.67 13.90 15.94
N TYR A 966 6.69 15.17 15.54
CA TYR A 966 7.40 15.57 14.33
C TYR A 966 8.89 15.29 14.51
N GLU A 967 9.37 15.44 15.74
CA GLU A 967 10.78 15.22 16.07
C GLU A 967 11.14 13.75 15.91
N ALA A 968 10.21 12.87 16.30
CA ALA A 968 10.41 11.43 16.18
C ALA A 968 10.50 11.04 14.71
N LYS A 969 9.70 11.73 13.90
CA LYS A 969 9.62 11.45 12.47
C LYS A 969 10.93 11.82 11.78
N MET A 970 11.56 12.90 12.23
CA MET A 970 12.83 13.35 11.66
C MET A 970 13.92 12.32 11.90
N CYS A 971 14.05 11.87 13.14
CA CYS A 971 15.08 10.91 13.52
C CYS A 971 14.97 9.60 12.75
N MET A 972 13.78 9.02 12.76
CA MET A 972 13.57 7.71 12.12
C MET A 972 13.75 7.80 10.60
N TYR A 973 13.59 9.00 10.06
CA TYR A 973 13.77 9.21 8.63
C TYR A 973 15.19 8.83 8.23
N ALA A 974 16.17 9.32 8.98
CA ALA A 974 17.57 9.03 8.69
C ALA A 974 17.86 7.53 8.76
N VAL A 975 17.42 6.90 9.84
CA VAL A 975 17.69 5.47 10.06
C VAL A 975 17.03 4.62 8.98
N GLU A 976 15.75 4.85 8.74
CA GLU A 976 14.99 4.00 7.82
C GLU A 976 15.38 4.17 6.36
N ARG A 977 15.80 5.37 5.97
CA ARG A 977 16.15 5.63 4.57
C ARG A 977 17.56 5.10 4.26
N ILE A 978 18.43 5.12 5.26
CA ILE A 978 19.71 4.45 5.16
C ILE A 978 19.45 2.99 4.88
N ALA A 979 18.65 2.37 5.75
CA ALA A 979 18.28 0.97 5.60
C ALA A 979 17.61 0.73 4.25
N LYS A 980 16.72 1.64 3.86
CA LYS A 980 15.95 1.49 2.63
C LYS A 980 16.87 1.21 1.44
N GLU A 981 17.92 2.01 1.30
CA GLU A 981 18.78 1.92 0.13
C GLU A 981 19.60 0.62 0.13
N ARG A 982 20.00 0.17 1.30
CA ARG A 982 20.79 -1.07 1.38
C ARG A 982 19.87 -2.28 1.18
N CYS A 983 18.59 -2.13 1.52
CA CYS A 983 17.61 -3.17 1.25
C CYS A 983 17.44 -3.37 -0.25
N LYS A 984 17.52 -2.26 -1.00
CA LYS A 984 17.38 -2.31 -2.45
C LYS A 984 18.54 -3.06 -3.09
N LEU A 985 19.71 -2.96 -2.46
CA LEU A 985 20.89 -3.68 -2.94
C LEU A 985 20.79 -5.16 -2.59
N ASN A 986 20.37 -5.44 -1.36
CA ASN A 986 20.19 -6.82 -0.92
C ASN A 986 19.18 -7.51 -1.84
N PRO A 987 19.56 -8.65 -2.44
CA PRO A 987 18.70 -9.24 -3.48
C PRO A 987 17.50 -10.01 -2.94
N ASP A 988 17.50 -10.32 -1.65
CA ASP A 988 16.42 -11.10 -1.07
C ASP A 988 15.36 -10.21 -0.40
N GLU A 989 15.73 -8.96 -0.13
CA GLU A 989 14.85 -8.05 0.57
C GLU A 989 13.88 -7.38 -0.41
N MET A 990 12.59 -7.53 -0.18
CA MET A 990 11.57 -7.15 -1.16
C MET A 990 10.67 -5.98 -0.75
N ILE A 991 10.65 -5.62 0.53
CA ILE A 991 9.84 -4.48 0.96
C ILE A 991 10.38 -3.23 0.27
N SER A 992 11.64 -3.29 -0.13
CA SER A 992 12.28 -2.19 -0.84
C SER A 992 12.00 -2.24 -2.34
N GLU A 993 11.47 -3.36 -2.82
CA GLU A 993 11.22 -3.54 -4.24
C GLU A 993 10.13 -2.57 -4.70
N PRO A 994 10.43 -1.72 -5.70
CA PRO A 994 9.47 -0.69 -6.14
C PRO A 994 8.32 -1.25 -6.99
N GLY A 995 7.12 -0.73 -6.76
CA GLY A 995 5.97 -1.07 -7.58
C GLY A 995 5.50 -2.51 -7.46
N ASP A 996 5.14 -3.08 -8.60
CA ASP A 996 4.63 -4.45 -8.65
C ASP A 996 5.76 -5.46 -8.87
N GLY A 997 6.98 -5.07 -8.50
CA GLY A 997 8.15 -5.88 -8.76
C GLY A 997 8.12 -7.29 -8.19
N LYS A 998 7.40 -7.47 -7.09
CA LYS A 998 7.38 -8.76 -6.40
C LYS A 998 6.82 -9.89 -7.27
N LEU A 999 5.70 -9.62 -7.94
CA LEU A 999 5.03 -10.64 -8.73
C LEU A 999 5.94 -11.17 -9.84
N LYS A 1000 6.80 -10.30 -10.36
CA LYS A 1000 7.73 -10.69 -11.42
C LYS A 1000 8.89 -11.50 -10.86
N VAL A 1001 9.37 -11.11 -9.67
CA VAL A 1001 10.48 -11.80 -9.03
C VAL A 1001 10.08 -13.23 -8.68
N LEU A 1002 8.93 -13.38 -8.03
CA LEU A 1002 8.40 -14.70 -7.68
C LEU A 1002 8.45 -15.63 -8.88
N GLU A 1003 8.04 -15.11 -10.05
CA GLU A 1003 8.01 -15.90 -11.26
C GLU A 1003 9.42 -16.30 -11.69
N GLN A 1004 10.33 -15.34 -11.68
CA GLN A 1004 11.70 -15.58 -12.10
C GLN A 1004 12.39 -16.61 -11.21
N LYS A 1005 12.08 -16.55 -9.91
CA LYS A 1005 12.64 -17.50 -8.95
C LYS A 1005 12.07 -18.90 -9.15
N SER A 1006 10.78 -18.98 -9.46
CA SER A 1006 10.11 -20.27 -9.56
C SER A 1006 10.43 -20.97 -10.89
N GLU A 1007 10.74 -20.18 -11.91
CA GLU A 1007 11.12 -20.74 -13.20
C GLU A 1007 12.59 -21.14 -13.17
N GLN A 1008 13.35 -20.47 -12.31
CA GLN A 1008 14.74 -20.84 -12.04
C GLN A 1008 14.78 -22.15 -11.25
N GLU A 1009 13.75 -22.38 -10.44
CA GLU A 1009 13.73 -23.52 -9.55
C GLU A 1009 13.22 -24.79 -10.23
N ILE A 1010 12.27 -24.64 -11.15
CA ILE A 1010 11.77 -25.78 -11.89
C ILE A 1010 12.89 -26.28 -12.79
N ARG A 1011 13.66 -25.34 -13.34
CA ARG A 1011 14.79 -25.69 -14.17
C ARG A 1011 15.80 -26.51 -13.37
N PHE A 1012 16.18 -26.00 -12.20
CA PHE A 1012 17.16 -26.67 -11.36
C PHE A 1012 16.73 -28.09 -11.01
N LEU A 1013 15.50 -28.23 -10.53
CA LEU A 1013 14.99 -29.54 -10.13
C LEU A 1013 15.06 -30.55 -11.27
N VAL A 1014 14.67 -30.12 -12.46
CA VAL A 1014 14.64 -30.99 -13.62
C VAL A 1014 16.05 -31.38 -14.05
N GLU A 1015 16.87 -30.38 -14.37
CA GLU A 1015 18.20 -30.63 -14.90
C GLU A 1015 19.11 -31.33 -13.89
N THR A 1016 18.97 -30.98 -12.61
CA THR A 1016 19.80 -31.55 -11.57
C THR A 1016 19.48 -33.03 -11.34
N THR A 1017 18.20 -33.37 -11.44
CA THR A 1017 17.76 -34.75 -11.28
C THR A 1017 18.11 -35.57 -12.52
N ARG A 1018 18.16 -34.91 -13.67
CA ARG A 1018 18.49 -35.59 -14.92
C ARG A 1018 19.98 -35.89 -15.02
N GLN A 1019 20.80 -35.01 -14.44
CA GLN A 1019 22.25 -35.17 -14.49
C GLN A 1019 22.75 -36.16 -13.44
N LYS A 1020 22.06 -36.22 -12.30
CA LYS A 1020 22.45 -37.15 -11.25
C LYS A 1020 22.06 -38.58 -11.61
N ASN A 1021 21.15 -38.73 -12.56
CA ASN A 1021 20.67 -40.05 -12.96
C ASN A 1021 20.93 -40.34 -14.44
N ARG A 1022 21.90 -39.65 -15.01
CA ARG A 1022 22.22 -39.86 -16.43
C ARG A 1022 22.74 -41.28 -16.65
N GLU A 1023 23.50 -41.77 -15.68
CA GLU A 1023 24.14 -43.07 -15.81
C GLU A 1023 23.19 -44.21 -15.43
N ILE A 1024 22.38 -43.98 -14.40
CA ILE A 1024 21.40 -44.98 -13.99
C ILE A 1024 20.37 -45.14 -15.10
N ASP A 1025 19.99 -44.03 -15.73
CA ASP A 1025 19.04 -44.06 -16.84
C ASP A 1025 19.61 -44.79 -18.05
N GLU A 1026 20.92 -44.68 -18.25
CA GLU A 1026 21.56 -45.32 -19.39
C GLU A 1026 21.62 -46.83 -19.20
N ALA A 1027 21.98 -47.25 -17.99
CA ALA A 1027 22.04 -48.68 -17.67
C ALA A 1027 20.64 -49.31 -17.74
N ILE A 1028 19.63 -48.52 -17.41
CA ILE A 1028 18.25 -49.00 -17.41
C ILE A 1028 17.74 -49.13 -18.85
N GLU A 1029 17.77 -48.05 -19.60
CA GLU A 1029 17.22 -48.04 -20.95
C GLU A 1029 18.05 -48.91 -21.91
N ALA A 1030 19.21 -49.34 -21.44
CA ALA A 1030 20.03 -50.28 -22.21
C ALA A 1030 19.35 -51.65 -22.23
N LEU A 1031 18.87 -52.07 -21.07
CA LEU A 1031 18.24 -53.37 -20.93
C LEU A 1031 16.81 -53.34 -21.46
N LEU A 1040 13.19 -58.02 -14.62
CA LEU A 1040 12.68 -56.84 -13.94
C LEU A 1040 13.20 -56.76 -12.50
N GLY A 1041 14.02 -57.74 -12.13
CA GLY A 1041 14.56 -57.79 -10.78
C GLY A 1041 15.82 -56.98 -10.60
N LYS A 1042 16.56 -56.81 -11.69
CA LYS A 1042 17.83 -56.08 -11.65
C LYS A 1042 17.66 -54.63 -12.13
N ILE A 1043 16.53 -54.35 -12.78
CA ILE A 1043 16.18 -52.97 -13.14
C ILE A 1043 15.71 -52.26 -11.88
N GLU A 1044 15.11 -53.02 -10.96
CA GLU A 1044 14.52 -52.47 -9.75
C GLU A 1044 15.59 -52.04 -8.76
N LYS A 1045 16.71 -52.77 -8.72
CA LYS A 1045 17.81 -52.43 -7.83
C LYS A 1045 18.42 -51.08 -8.23
N LEU A 1046 18.51 -50.85 -9.54
CA LEU A 1046 19.12 -49.63 -10.06
C LEU A 1046 18.22 -48.41 -9.92
N SER A 1047 16.91 -48.63 -9.94
CA SER A 1047 15.94 -47.53 -9.92
C SER A 1047 15.68 -47.02 -8.51
N LEU A 1048 16.20 -47.73 -7.50
CA LEU A 1048 16.08 -47.29 -6.12
C LEU A 1048 17.26 -46.39 -5.76
N GLY A 1049 18.44 -46.74 -6.28
CA GLY A 1049 19.66 -46.03 -5.94
C GLY A 1049 19.77 -44.64 -6.54
N LYS A 1050 18.87 -44.31 -7.47
CA LYS A 1050 18.91 -43.01 -8.11
C LYS A 1050 18.41 -41.91 -7.16
N ALA A 1051 18.75 -40.67 -7.49
CA ALA A 1051 18.47 -39.54 -6.62
C ALA A 1051 17.02 -39.08 -6.74
N LYS A 1052 16.45 -38.63 -5.63
CA LYS A 1052 15.07 -38.14 -5.59
C LYS A 1052 15.04 -36.63 -5.42
N GLY A 1053 14.11 -35.98 -6.12
CA GLY A 1053 13.96 -34.54 -6.02
C GLY A 1053 13.00 -34.14 -4.92
N LEU A 1054 13.36 -33.09 -4.19
CA LEU A 1054 12.50 -32.53 -3.15
C LEU A 1054 12.32 -31.04 -3.37
N LYS A 1055 11.07 -30.64 -3.60
CA LYS A 1055 10.73 -29.22 -3.71
C LYS A 1055 9.79 -28.87 -2.57
N MET A 1056 10.16 -27.85 -1.80
CA MET A 1056 9.27 -27.40 -0.74
C MET A 1056 9.24 -25.87 -0.65
N GLU A 1057 8.02 -25.35 -0.63
CA GLU A 1057 7.78 -23.92 -0.58
C GLU A 1057 7.32 -23.53 0.81
N ILE A 1058 8.10 -22.69 1.48
CA ILE A 1058 7.73 -22.22 2.80
C ILE A 1058 7.04 -20.88 2.69
N ASN A 1059 5.75 -20.85 2.97
CA ASN A 1059 4.97 -19.63 2.95
C ASN A 1059 4.79 -19.18 4.40
N ALA A 1060 5.71 -18.37 4.87
CA ALA A 1060 5.85 -18.11 6.30
C ALA A 1060 5.30 -16.75 6.73
N ASP A 1061 5.00 -16.67 8.01
CA ASP A 1061 4.51 -15.45 8.64
C ASP A 1061 5.20 -15.31 9.98
N MET A 1062 5.68 -14.10 10.29
CA MET A 1062 6.38 -13.87 11.54
C MET A 1062 5.43 -13.38 12.62
N SER A 1063 5.74 -13.70 13.86
CA SER A 1063 4.84 -13.44 14.98
C SER A 1063 5.30 -12.24 15.79
N LYS A 1064 4.34 -11.37 16.12
CA LYS A 1064 4.61 -10.16 16.90
C LYS A 1064 5.94 -9.54 16.48
N TRP A 1065 6.05 -9.35 15.17
CA TRP A 1065 7.23 -8.80 14.52
C TRP A 1065 7.86 -7.63 15.27
N SER A 1066 7.07 -6.59 15.51
CA SER A 1066 7.58 -5.36 16.07
C SER A 1066 7.49 -5.34 17.59
N ALA A 1067 6.56 -6.12 18.15
CA ALA A 1067 6.25 -6.03 19.56
C ALA A 1067 7.18 -6.86 20.44
N GLN A 1068 7.83 -7.87 19.86
CA GLN A 1068 8.69 -8.76 20.63
C GLN A 1068 10.04 -8.97 19.97
N ASP A 1069 10.46 -7.98 19.19
CA ASP A 1069 11.78 -7.99 18.58
C ASP A 1069 12.83 -7.63 19.61
N VAL A 1070 14.08 -7.97 19.33
CA VAL A 1070 15.19 -7.57 20.19
C VAL A 1070 15.82 -6.31 19.59
N PHE A 1071 15.29 -5.16 19.97
CA PHE A 1071 15.67 -3.88 19.40
C PHE A 1071 17.17 -3.62 19.49
N TYR A 1072 17.80 -4.16 20.54
CA TYR A 1072 19.23 -3.99 20.74
C TYR A 1072 20.05 -4.47 19.55
N LYS A 1073 19.53 -5.44 18.81
CA LYS A 1073 20.28 -6.05 17.72
C LYS A 1073 20.62 -5.02 16.65
N TYR A 1074 19.79 -3.99 16.52
CA TYR A 1074 20.01 -2.96 15.50
C TYR A 1074 21.13 -2.00 15.90
N PHE A 1075 21.54 -2.03 17.16
CA PHE A 1075 22.65 -1.20 17.61
C PHE A 1075 23.90 -1.55 16.81
N TRP A 1076 24.08 -2.85 16.53
CA TRP A 1076 25.23 -3.32 15.77
C TRP A 1076 25.13 -2.95 14.30
N LEU A 1077 23.92 -3.01 13.77
CA LEU A 1077 23.67 -2.64 12.39
C LEU A 1077 24.14 -1.20 12.14
N ILE A 1078 24.01 -0.36 13.16
CA ILE A 1078 24.43 1.03 13.06
C ILE A 1078 25.95 1.14 13.25
N ALA A 1079 26.45 0.53 14.31
CA ALA A 1079 27.85 0.65 14.69
C ALA A 1079 28.79 0.07 13.63
N LEU A 1080 28.34 -1.00 12.97
CA LEU A 1080 29.17 -1.68 11.97
C LEU A 1080 29.13 -1.02 10.60
N ASP A 1081 28.22 -0.07 10.41
CA ASP A 1081 28.00 0.51 9.09
C ASP A 1081 29.19 1.35 8.65
N PRO A 1082 29.81 1.01 7.51
CA PRO A 1082 31.02 1.74 7.07
C PRO A 1082 30.75 3.14 6.51
N ILE A 1083 29.53 3.41 6.05
CA ILE A 1083 29.24 4.70 5.42
C ILE A 1083 28.92 5.77 6.46
N LEU A 1084 28.88 5.39 7.73
CA LEU A 1084 28.55 6.35 8.78
C LEU A 1084 29.78 6.78 9.56
N TYR A 1085 29.89 8.07 9.83
CA TYR A 1085 30.98 8.61 10.63
C TYR A 1085 30.68 8.42 12.12
N PRO A 1086 31.74 8.33 12.95
CA PRO A 1086 31.60 8.19 14.40
C PRO A 1086 30.62 9.17 15.02
N GLN A 1087 30.68 10.42 14.59
CA GLN A 1087 29.79 11.44 15.14
C GLN A 1087 28.34 11.10 14.79
N GLU A 1088 28.15 10.60 13.57
CA GLU A 1088 26.82 10.24 13.10
C GLU A 1088 26.31 9.00 13.85
N LYS A 1089 27.19 8.02 14.05
CA LYS A 1089 26.82 6.82 14.78
C LYS A 1089 26.46 7.14 16.22
N GLU A 1090 27.25 7.99 16.87
CA GLU A 1090 27.03 8.33 18.27
C GLU A 1090 25.66 8.95 18.47
N ARG A 1091 25.25 9.80 17.53
CA ARG A 1091 23.97 10.48 17.63
C ARG A 1091 22.82 9.52 17.35
N ILE A 1092 23.00 8.68 16.33
CA ILE A 1092 21.98 7.71 15.95
C ILE A 1092 21.72 6.75 17.10
N LEU A 1093 22.79 6.27 17.72
CA LEU A 1093 22.67 5.29 18.81
C LEU A 1093 22.08 5.93 20.06
N TYR A 1094 22.34 7.22 20.26
CA TYR A 1094 21.77 7.96 21.38
C TYR A 1094 20.27 8.07 21.21
N PHE A 1095 19.85 8.31 19.97
CA PHE A 1095 18.44 8.35 19.64
C PHE A 1095 17.80 7.00 19.95
N MET A 1096 18.42 5.92 19.48
CA MET A 1096 17.90 4.58 19.66
C MET A 1096 17.86 4.19 21.13
N CYS A 1097 18.77 4.76 21.92
CA CYS A 1097 18.72 4.59 23.37
C CYS A 1097 17.49 5.28 23.93
N ASN A 1098 17.27 6.53 23.52
CA ASN A 1098 16.12 7.30 23.97
C ASN A 1098 14.82 6.64 23.52
N TYR A 1099 14.85 6.07 22.33
CA TYR A 1099 13.68 5.46 21.74
C TYR A 1099 13.18 4.29 22.59
N MET A 1100 14.10 3.61 23.26
CA MET A 1100 13.73 2.50 24.14
C MET A 1100 13.22 3.01 25.49
N ASP A 1101 13.13 4.33 25.63
CA ASP A 1101 12.53 4.95 26.81
C ASP A 1101 11.28 5.74 26.44
N LYS A 1102 10.79 5.52 25.23
CA LYS A 1102 9.61 6.21 24.73
C LYS A 1102 8.38 5.87 25.55
N GLU A 1103 7.38 6.74 25.48
CA GLU A 1103 6.12 6.51 26.19
C GLU A 1103 4.93 6.56 25.25
N LEU A 1104 4.01 5.62 25.44
CA LEU A 1104 2.73 5.63 24.74
C LEU A 1104 1.77 6.48 25.54
N ILE A 1105 1.04 7.37 24.87
CA ILE A 1105 0.02 8.17 25.54
C ILE A 1105 -1.35 7.52 25.31
N LEU A 1106 -2.03 7.21 26.41
CA LEU A 1106 -3.37 6.66 26.32
C LEU A 1106 -4.39 7.77 26.07
N PRO A 1107 -5.15 7.67 24.97
CA PRO A 1107 -6.16 8.71 24.70
C PRO A 1107 -7.12 8.90 25.87
N ASP A 1108 -7.54 10.14 26.11
CA ASP A 1108 -8.47 10.44 27.20
C ASP A 1108 -9.70 9.54 27.16
N GLU A 1109 -10.10 9.14 25.96
CA GLU A 1109 -11.23 8.24 25.78
C GLU A 1109 -11.14 7.00 26.67
N LEU A 1110 -9.99 6.35 26.67
CA LEU A 1110 -9.77 5.14 27.46
C LEU A 1110 -9.81 5.42 28.97
N LEU A 1111 -9.39 6.62 29.34
CA LEU A 1111 -9.21 6.96 30.75
C LEU A 1111 -10.51 7.38 31.42
N PHE A 1112 -11.37 8.08 30.67
CA PHE A 1112 -12.69 8.46 31.18
C PHE A 1112 -13.45 7.22 31.67
N ASN A 1113 -13.67 6.28 30.76
CA ASN A 1113 -14.46 5.09 31.04
C ASN A 1113 -14.04 4.39 32.33
N LEU A 1114 -12.75 4.37 32.62
CA LEU A 1114 -12.24 3.69 33.79
C LEU A 1114 -12.42 4.53 35.04
N LEU A 1115 -12.14 5.84 34.93
CA LEU A 1115 -12.38 6.76 36.03
C LEU A 1115 -13.86 6.81 36.35
N ASP A 1116 -14.68 6.70 35.31
CA ASP A 1116 -16.13 6.72 35.45
C ASP A 1116 -16.61 5.66 36.45
N GLN A 1117 -15.97 4.49 36.40
CA GLN A 1117 -16.38 3.37 37.24
C GLN A 1117 -15.26 2.92 38.18
N LYS A 1118 -14.42 3.86 38.60
CA LYS A 1118 -13.36 3.57 39.56
C LYS A 1118 -13.81 3.87 40.99
N VAL A 1119 -14.32 2.86 41.67
CA VAL A 1119 -14.72 3.01 43.06
C VAL A 1119 -13.54 2.70 43.96
N ALA A 1120 -12.71 1.76 43.54
CA ALA A 1120 -11.49 1.43 44.25
C ALA A 1120 -10.52 0.72 43.32
N TYR A 1121 -9.37 0.32 43.87
CA TYR A 1121 -8.32 -0.38 43.13
C TYR A 1121 -8.89 -1.32 42.08
N GLN A 1122 -8.37 -1.23 40.86
CA GLN A 1122 -8.85 -2.04 39.74
C GLN A 1122 -7.71 -2.75 39.03
N ASN A 1123 -8.02 -3.88 38.40
CA ASN A 1123 -7.00 -4.76 37.83
C ASN A 1123 -6.95 -4.73 36.30
N ASP A 1124 -7.76 -3.87 35.69
CA ASP A 1124 -7.69 -3.67 34.25
C ASP A 1124 -6.26 -3.27 33.90
N ILE A 1125 -5.71 -3.87 32.85
CA ILE A 1125 -4.31 -3.67 32.50
C ILE A 1125 -4.02 -2.18 32.30
N ILE A 1126 -5.00 -1.45 31.80
CA ILE A 1126 -4.84 -0.02 31.54
C ILE A 1126 -4.63 0.74 32.85
N ALA A 1127 -5.38 0.37 33.89
CA ALA A 1127 -5.25 1.00 35.19
C ALA A 1127 -3.97 0.53 35.87
N THR A 1128 -3.73 -0.77 35.80
CA THR A 1128 -2.51 -1.38 36.34
C THR A 1128 -1.26 -0.68 35.84
N MET A 1129 -1.15 -0.52 34.52
CA MET A 1129 0.07 -0.01 33.90
C MET A 1129 0.18 1.52 33.97
N THR A 1130 -0.85 2.16 34.54
CA THR A 1130 -0.85 3.61 34.71
C THR A 1130 -0.75 3.99 36.18
N ASN A 1131 -0.24 3.06 36.99
CA ASN A 1131 -0.23 3.23 38.45
C ASN A 1131 -1.62 3.67 38.92
N GLN A 1132 -2.63 2.87 38.57
CA GLN A 1132 -4.01 3.14 38.94
C GLN A 1132 -4.43 4.53 38.47
N LEU A 1133 -4.27 4.76 37.17
CA LEU A 1133 -4.72 5.99 36.54
C LEU A 1133 -4.06 7.23 37.15
N ASN A 1134 -2.81 7.07 37.57
CA ASN A 1134 -2.01 8.20 38.02
C ASN A 1134 -1.42 8.93 36.81
N SER A 1135 -1.19 8.17 35.73
CA SER A 1135 -0.58 8.70 34.52
C SER A 1135 -1.40 8.35 33.29
N ASN A 1136 -1.25 9.14 32.23
CA ASN A 1136 -1.87 8.83 30.96
C ASN A 1136 -0.83 8.25 30.00
N THR A 1137 0.34 7.94 30.55
CA THR A 1137 1.43 7.39 29.75
C THR A 1137 1.92 6.07 30.30
N VAL A 1138 2.47 5.24 29.42
CA VAL A 1138 3.10 3.99 29.81
C VAL A 1138 4.41 3.86 29.05
N LEU A 1139 5.47 3.44 29.73
CA LEU A 1139 6.74 3.26 29.08
C LEU A 1139 6.71 2.00 28.23
N ILE A 1140 7.08 2.15 26.96
CA ILE A 1140 7.09 1.05 26.01
C ILE A 1140 8.52 0.84 25.51
N LYS A 1141 9.20 -0.13 26.09
CA LYS A 1141 10.63 -0.30 25.88
C LYS A 1141 10.98 -1.15 24.66
N ARG A 1142 10.78 -2.46 24.79
CA ARG A 1142 11.28 -3.40 23.79
C ARG A 1142 10.45 -3.37 22.51
N ASN A 1143 9.17 -3.05 22.65
CA ASN A 1143 8.30 -2.94 21.49
C ASN A 1143 8.65 -1.68 20.69
N TRP A 1144 9.40 -1.84 19.60
CA TRP A 1144 9.49 -0.75 18.63
C TRP A 1144 8.19 -0.82 17.86
N LEU A 1145 7.61 0.34 17.59
CA LEU A 1145 6.20 0.40 17.25
C LEU A 1145 5.94 0.08 15.78
N GLN A 1146 4.93 -0.76 15.54
CA GLN A 1146 4.62 -1.28 14.21
C GLN A 1146 4.64 -0.18 13.15
N GLY A 1147 5.49 -0.36 12.14
CA GLY A 1147 5.57 0.55 11.02
C GLY A 1147 6.76 1.48 11.03
N ASN A 1148 7.43 1.59 12.16
CA ASN A 1148 8.49 2.58 12.32
C ASN A 1148 9.86 2.11 11.85
N PHE A 1149 10.11 0.82 11.92
CA PHE A 1149 11.42 0.29 11.56
C PHE A 1149 11.33 -0.89 10.61
N ASN A 1150 10.51 -0.75 9.58
CA ASN A 1150 10.28 -1.85 8.64
C ASN A 1150 11.53 -2.23 7.87
N TYR A 1151 12.17 -1.27 7.22
CA TYR A 1151 13.36 -1.55 6.42
C TYR A 1151 14.48 -2.13 7.28
N THR A 1152 14.79 -1.45 8.37
CA THR A 1152 15.81 -1.89 9.31
C THR A 1152 15.55 -3.34 9.76
N SER A 1153 14.32 -3.63 10.15
CA SER A 1153 13.97 -4.97 10.61
C SER A 1153 13.96 -5.96 9.46
N SER A 1154 13.60 -5.49 8.27
CA SER A 1154 13.51 -6.37 7.12
C SER A 1154 14.90 -6.71 6.59
N TYR A 1155 15.87 -5.86 6.89
CA TYR A 1155 17.24 -6.12 6.49
C TYR A 1155 17.85 -7.24 7.32
N VAL A 1156 17.59 -7.21 8.63
CA VAL A 1156 18.08 -8.26 9.51
C VAL A 1156 17.39 -9.58 9.16
N HIS A 1157 16.12 -9.51 8.81
CA HIS A 1157 15.37 -10.68 8.39
C HIS A 1157 16.10 -11.37 7.24
N SER A 1158 16.64 -10.56 6.34
CA SER A 1158 17.39 -11.08 5.19
C SER A 1158 18.65 -11.76 5.67
N CYS A 1159 19.29 -11.17 6.68
CA CYS A 1159 20.50 -11.71 7.26
C CYS A 1159 20.24 -13.08 7.89
N ALA A 1160 19.07 -13.22 8.52
CA ALA A 1160 18.70 -14.48 9.14
C ALA A 1160 18.52 -15.56 8.10
N MET A 1161 18.00 -15.20 6.94
CA MET A 1161 17.78 -16.17 5.87
C MET A 1161 19.07 -16.51 5.13
N SER A 1162 20.12 -15.71 5.33
CA SER A 1162 21.40 -15.99 4.70
C SER A 1162 22.14 -17.04 5.53
N VAL A 1163 21.93 -17.03 6.83
CA VAL A 1163 22.46 -18.06 7.72
C VAL A 1163 21.71 -19.36 7.45
N TYR A 1164 20.40 -19.26 7.23
CA TYR A 1164 19.58 -20.43 6.95
C TYR A 1164 20.06 -21.11 5.67
N LYS A 1165 20.35 -20.33 4.64
CA LYS A 1165 20.85 -20.86 3.38
C LYS A 1165 22.12 -21.66 3.60
N GLU A 1166 23.05 -21.11 4.37
CA GLU A 1166 24.34 -21.73 4.61
C GLU A 1166 24.21 -23.03 5.39
N ILE A 1167 23.22 -23.10 6.29
CA ILE A 1167 23.02 -24.30 7.08
C ILE A 1167 22.47 -25.42 6.20
N LEU A 1168 21.46 -25.10 5.39
CA LEU A 1168 20.87 -26.08 4.50
C LEU A 1168 21.91 -26.61 3.51
N LYS A 1169 22.77 -25.73 3.02
CA LYS A 1169 23.77 -26.11 2.04
C LYS A 1169 24.80 -27.07 2.64
N GLU A 1170 25.31 -26.71 3.82
CA GLU A 1170 26.29 -27.55 4.50
C GLU A 1170 25.68 -28.90 4.81
N ALA A 1171 24.41 -28.90 5.22
CA ALA A 1171 23.72 -30.13 5.58
C ALA A 1171 23.60 -31.09 4.40
N ILE A 1172 23.40 -30.53 3.20
CA ILE A 1172 23.14 -31.35 2.02
C ILE A 1172 24.45 -31.86 1.39
N THR A 1173 25.54 -31.13 1.55
CA THR A 1173 26.83 -31.60 1.05
C THR A 1173 27.32 -32.77 1.90
N LEU A 1174 26.78 -32.88 3.12
CA LEU A 1174 27.02 -34.05 3.95
C LEU A 1174 26.34 -35.27 3.35
N LEU A 1175 25.38 -35.03 2.45
CA LEU A 1175 24.72 -36.10 1.72
C LEU A 1175 25.21 -36.13 0.27
N ASP A 1176 26.17 -35.26 -0.04
CA ASP A 1176 26.69 -35.15 -1.39
C ASP A 1176 25.58 -34.89 -2.40
N GLY A 1177 24.59 -34.11 -1.99
CA GLY A 1177 23.47 -33.78 -2.86
C GLY A 1177 23.63 -32.42 -3.49
N SER A 1178 22.61 -32.02 -4.25
CA SER A 1178 22.56 -30.67 -4.83
C SER A 1178 21.40 -29.91 -4.21
N ILE A 1179 21.55 -28.59 -4.08
CA ILE A 1179 20.51 -27.78 -3.47
C ILE A 1179 20.44 -26.37 -4.05
N LEU A 1180 19.22 -25.86 -4.15
CA LEU A 1180 18.97 -24.48 -4.51
C LEU A 1180 18.04 -23.85 -3.48
N VAL A 1181 18.52 -22.79 -2.84
CA VAL A 1181 17.73 -22.11 -1.81
C VAL A 1181 17.50 -20.65 -2.22
N ASN A 1182 16.23 -20.26 -2.26
CA ASN A 1182 15.86 -18.88 -2.53
C ASN A 1182 15.00 -18.36 -1.40
N SER A 1183 15.20 -17.10 -1.03
CA SER A 1183 14.45 -16.52 0.07
C SER A 1183 14.00 -15.10 -0.25
N LEU A 1184 12.70 -14.85 -0.12
CA LEU A 1184 12.14 -13.53 -0.32
C LEU A 1184 11.60 -13.00 1.00
N VAL A 1185 12.00 -11.77 1.34
CA VAL A 1185 11.72 -11.22 2.66
C VAL A 1185 11.00 -9.87 2.55
N HIS A 1186 10.06 -9.63 3.46
CA HIS A 1186 9.19 -8.47 3.42
C HIS A 1186 8.61 -8.23 4.81
N SER A 1187 9.36 -7.51 5.64
CA SER A 1187 9.07 -7.38 7.07
C SER A 1187 8.66 -8.75 7.64
N ASP A 1188 7.41 -8.87 8.08
CA ASP A 1188 6.95 -10.11 8.71
C ASP A 1188 6.42 -11.13 7.71
N ASP A 1189 6.67 -10.89 6.43
CA ASP A 1189 6.30 -11.87 5.40
C ASP A 1189 7.55 -12.53 4.84
N ASN A 1190 7.52 -13.86 4.75
CA ASN A 1190 8.67 -14.63 4.31
C ASN A 1190 8.23 -15.77 3.40
N GLN A 1191 8.83 -15.82 2.22
CA GLN A 1191 8.65 -16.94 1.31
C GLN A 1191 10.03 -17.52 0.96
N THR A 1192 10.29 -18.74 1.43
CA THR A 1192 11.57 -19.40 1.23
C THR A 1192 11.37 -20.66 0.39
N SER A 1193 12.17 -20.79 -0.66
CA SER A 1193 12.03 -21.93 -1.58
C SER A 1193 13.26 -22.84 -1.56
N ILE A 1194 13.03 -24.13 -1.34
CA ILE A 1194 14.10 -25.10 -1.25
C ILE A 1194 13.92 -26.19 -2.30
N THR A 1195 14.97 -26.41 -3.09
CA THR A 1195 14.98 -27.47 -4.08
C THR A 1195 16.19 -28.36 -3.85
N ILE A 1196 15.94 -29.64 -3.58
CA ILE A 1196 17.01 -30.57 -3.20
C ILE A 1196 16.98 -31.83 -4.06
N VAL A 1197 18.18 -32.31 -4.40
CA VAL A 1197 18.33 -33.60 -5.08
C VAL A 1197 19.44 -34.39 -4.38
N GLN A 1198 19.08 -35.54 -3.82
CA GLN A 1198 20.04 -36.39 -3.14
C GLN A 1198 19.55 -37.83 -3.10
N ASP A 1199 20.44 -38.76 -2.79
CA ASP A 1199 20.12 -40.19 -2.89
C ASP A 1199 20.48 -41.00 -1.65
N LYS A 1200 20.45 -40.36 -0.48
CA LYS A 1200 20.91 -41.03 0.73
C LYS A 1200 19.90 -40.97 1.87
N MET A 1201 18.72 -40.42 1.59
CA MET A 1201 17.80 -40.08 2.68
C MET A 1201 16.37 -39.88 2.19
N GLU A 1202 15.42 -40.27 3.03
CA GLU A 1202 14.01 -40.09 2.71
C GLU A 1202 13.62 -38.62 2.90
N ASN A 1203 12.77 -38.12 2.00
CA ASN A 1203 12.42 -36.71 1.96
C ASN A 1203 11.74 -36.22 3.24
N ASP A 1204 11.01 -37.10 3.91
CA ASP A 1204 10.28 -36.70 5.11
C ASP A 1204 11.23 -36.25 6.23
N LYS A 1205 12.44 -36.79 6.22
CA LYS A 1205 13.43 -36.40 7.23
C LYS A 1205 14.12 -35.09 6.85
N ILE A 1206 14.19 -34.81 5.56
CA ILE A 1206 14.78 -33.56 5.09
C ILE A 1206 13.81 -32.42 5.37
N ILE A 1207 12.52 -32.66 5.16
CA ILE A 1207 11.48 -31.70 5.51
C ILE A 1207 11.54 -31.39 7.00
N ASP A 1208 11.50 -32.44 7.82
CA ASP A 1208 11.56 -32.29 9.26
C ASP A 1208 12.78 -31.48 9.68
N PHE A 1209 13.93 -31.77 9.06
CA PHE A 1209 15.16 -31.04 9.35
C PHE A 1209 15.04 -29.59 8.92
N ALA A 1210 14.57 -29.37 7.70
CA ALA A 1210 14.54 -28.04 7.10
C ALA A 1210 13.66 -27.07 7.88
N MET A 1211 12.55 -27.55 8.45
CA MET A 1211 11.62 -26.67 9.16
C MET A 1211 12.17 -26.25 10.51
N LYS A 1212 12.80 -27.19 11.22
CA LYS A 1212 13.33 -26.89 12.53
C LYS A 1212 14.45 -25.86 12.43
N GLU A 1213 15.22 -25.91 11.35
CA GLU A 1213 16.29 -24.95 11.15
C GLU A 1213 15.74 -23.61 10.69
N PHE A 1214 14.58 -23.64 10.03
CA PHE A 1214 13.88 -22.41 9.67
C PHE A 1214 13.44 -21.71 10.94
N GLU A 1215 12.78 -22.46 11.83
CA GLU A 1215 12.37 -21.91 13.12
C GLU A 1215 13.55 -21.39 13.90
N ARG A 1216 14.63 -22.17 13.95
CA ARG A 1216 15.80 -21.80 14.73
C ARG A 1216 16.50 -20.60 14.11
N ALA A 1217 16.50 -20.53 12.78
CA ALA A 1217 17.13 -19.43 12.07
C ALA A 1217 16.49 -18.11 12.47
N CYS A 1218 15.16 -18.08 12.50
CA CYS A 1218 14.44 -16.88 12.88
C CYS A 1218 14.75 -16.48 14.32
N LEU A 1219 14.71 -17.46 15.22
CA LEU A 1219 14.88 -17.20 16.64
C LEU A 1219 16.27 -16.70 17.00
N THR A 1220 17.29 -17.23 16.34
CA THR A 1220 18.67 -16.81 16.62
C THR A 1220 18.86 -15.33 16.27
N PHE A 1221 17.98 -14.80 15.44
CA PHE A 1221 18.02 -13.38 15.08
C PHE A 1221 16.89 -12.58 15.72
N GLY A 1222 16.23 -13.17 16.71
CA GLY A 1222 15.21 -12.47 17.46
C GLY A 1222 13.86 -12.36 16.78
N CYS A 1223 13.64 -13.21 15.78
CA CYS A 1223 12.34 -13.29 15.12
C CYS A 1223 11.61 -14.56 15.54
N GLN A 1224 10.30 -14.48 15.63
CA GLN A 1224 9.47 -15.61 16.01
C GLN A 1224 8.59 -16.01 14.84
N ALA A 1225 9.01 -17.03 14.10
CA ALA A 1225 8.21 -17.55 13.00
C ALA A 1225 6.92 -18.13 13.56
N ASN A 1226 5.81 -17.81 12.92
CA ASN A 1226 4.48 -18.23 13.38
C ASN A 1226 4.06 -19.50 12.65
N MET A 1227 4.06 -20.61 13.37
CA MET A 1227 3.85 -21.92 12.73
C MET A 1227 2.36 -22.28 12.65
N LYS A 1228 1.51 -21.51 13.30
CA LYS A 1228 0.07 -21.67 13.16
C LYS A 1228 -0.35 -21.22 11.76
N LYS A 1229 0.33 -20.20 11.26
CA LYS A 1229 0.01 -19.60 9.97
C LYS A 1229 0.95 -20.11 8.88
N THR A 1230 2.21 -20.31 9.24
CA THR A 1230 3.23 -20.76 8.28
C THR A 1230 2.91 -22.17 7.78
N TYR A 1231 2.89 -22.34 6.47
CA TYR A 1231 2.54 -23.63 5.90
C TYR A 1231 3.43 -23.94 4.70
N VAL A 1232 3.58 -25.24 4.40
CA VAL A 1232 4.54 -25.68 3.40
C VAL A 1232 3.84 -26.47 2.30
N THR A 1233 4.16 -26.14 1.06
CA THR A 1233 3.70 -26.91 -0.10
C THR A 1233 4.91 -27.28 -0.94
N ASN A 1234 4.65 -27.79 -2.15
CA ASN A 1234 5.73 -28.10 -3.09
C ASN A 1234 5.39 -27.59 -4.48
N CYS A 1235 4.55 -26.57 -4.54
CA CYS A 1235 4.05 -26.08 -5.82
C CYS A 1235 3.42 -24.69 -5.73
N ILE A 1236 2.87 -24.37 -4.56
CA ILE A 1236 2.17 -23.11 -4.36
C ILE A 1236 3.01 -22.16 -3.54
N LYS A 1237 3.43 -21.06 -4.15
CA LYS A 1237 4.12 -19.99 -3.43
C LYS A 1237 3.11 -18.88 -3.07
N GLU A 1238 3.20 -18.38 -1.84
CA GLU A 1238 2.40 -17.23 -1.43
C GLU A 1238 3.28 -16.21 -0.75
N PHE A 1239 3.24 -14.97 -1.25
CA PHE A 1239 4.07 -13.92 -0.72
C PHE A 1239 3.37 -12.58 -0.85
N VAL A 1240 3.02 -12.00 0.29
CA VAL A 1240 2.31 -10.72 0.33
C VAL A 1240 1.09 -10.79 -0.59
N SER A 1241 0.29 -11.84 -0.40
CA SER A 1241 -0.95 -12.04 -1.15
C SER A 1241 -0.70 -12.06 -2.67
N LEU A 1242 0.45 -12.56 -3.07
CA LEU A 1242 0.71 -12.88 -4.48
C LEU A 1242 1.04 -14.36 -4.59
N PHE A 1243 0.63 -14.98 -5.69
CA PHE A 1243 0.81 -16.43 -5.86
C PHE A 1243 1.63 -16.80 -7.08
N ASN A 1244 2.27 -17.96 -7.02
CA ASN A 1244 2.85 -18.62 -8.18
C ASN A 1244 2.50 -20.10 -8.13
N LEU A 1245 1.81 -20.58 -9.16
CA LEU A 1245 1.33 -21.96 -9.18
C LEU A 1245 2.01 -22.74 -10.29
N TYR A 1246 2.92 -23.64 -9.89
CA TYR A 1246 3.64 -24.45 -10.86
C TYR A 1246 4.31 -23.57 -11.92
N GLY A 1247 4.86 -22.44 -11.47
CA GLY A 1247 5.58 -21.55 -12.36
C GLY A 1247 4.76 -20.38 -12.88
N GLU A 1248 3.44 -20.52 -12.86
CA GLU A 1248 2.58 -19.50 -13.44
C GLU A 1248 2.09 -18.50 -12.38
N PRO A 1249 2.08 -17.20 -12.73
CA PRO A 1249 1.59 -16.20 -11.77
C PRO A 1249 0.08 -16.26 -11.58
N PHE A 1250 -0.37 -15.84 -10.40
CA PHE A 1250 -1.77 -15.90 -10.05
C PHE A 1250 -2.08 -14.87 -8.97
N SER A 1251 -3.18 -14.14 -9.14
CA SER A 1251 -3.61 -13.19 -8.13
C SER A 1251 -5.11 -13.25 -7.95
N ILE A 1252 -5.55 -13.05 -6.72
CA ILE A 1252 -6.97 -12.95 -6.42
C ILE A 1252 -7.46 -11.58 -6.88
N TYR A 1253 -7.63 -11.42 -8.18
CA TYR A 1253 -7.97 -10.11 -8.75
C TYR A 1253 -9.37 -9.67 -8.33
N GLY A 1254 -10.14 -10.60 -7.79
CA GLY A 1254 -11.49 -10.30 -7.33
C GLY A 1254 -11.55 -9.19 -6.31
N ARG A 1255 -10.54 -9.13 -5.44
CA ARG A 1255 -10.52 -8.16 -4.35
C ARG A 1255 -10.54 -6.73 -4.87
N PHE A 1256 -9.93 -6.51 -6.02
CA PHE A 1256 -9.92 -5.17 -6.62
C PHE A 1256 -11.27 -4.85 -7.26
N LEU A 1257 -11.95 -5.88 -7.75
CA LEU A 1257 -13.27 -5.70 -8.36
C LEU A 1257 -14.32 -5.34 -7.31
N LEU A 1258 -14.15 -5.87 -6.10
CA LEU A 1258 -15.09 -5.59 -5.02
C LEU A 1258 -14.93 -4.18 -4.48
N THR A 1259 -13.69 -3.68 -4.50
CA THR A 1259 -13.40 -2.33 -4.02
C THR A 1259 -13.75 -1.28 -5.07
N SER A 1260 -14.10 -1.72 -6.26
CA SER A 1260 -14.45 -0.80 -7.35
C SER A 1260 -15.91 -0.36 -7.24
N VAL A 1261 -16.48 -0.47 -6.05
CA VAL A 1261 -17.87 -0.10 -5.83
C VAL A 1261 -17.96 1.02 -4.80
N GLY A 1262 -16.97 1.11 -3.92
CA GLY A 1262 -17.03 2.04 -2.80
C GLY A 1262 -15.94 3.10 -2.70
N ASP A 1263 -14.87 2.95 -3.49
CA ASP A 1263 -13.70 3.82 -3.34
C ASP A 1263 -13.79 5.10 -4.17
N CYS A 1264 -14.22 6.18 -3.53
CA CYS A 1264 -14.13 7.51 -4.10
C CYS A 1264 -14.34 8.55 -2.99
N ALA A 1265 -13.95 9.79 -3.26
CA ALA A 1265 -14.04 10.85 -2.26
C ALA A 1265 -15.35 11.61 -2.38
N TYR A 1266 -16.16 11.24 -3.37
CA TYR A 1266 -17.45 11.89 -3.58
C TYR A 1266 -17.29 13.38 -3.84
N ILE A 1267 -16.68 13.70 -4.98
CA ILE A 1267 -16.46 15.09 -5.37
C ILE A 1267 -17.33 15.42 -6.56
N GLY A 1268 -17.36 14.52 -7.55
CA GLY A 1268 -18.17 14.74 -8.73
C GLY A 1268 -18.28 13.52 -9.63
N PRO A 1269 -19.16 13.59 -10.64
CA PRO A 1269 -19.37 12.51 -11.61
C PRO A 1269 -18.08 11.99 -12.25
N TYR A 1270 -17.21 12.90 -12.66
CA TYR A 1270 -16.00 12.52 -13.39
C TYR A 1270 -14.94 11.98 -12.44
N GLU A 1271 -14.73 12.67 -11.33
CA GLU A 1271 -13.70 12.28 -10.38
C GLU A 1271 -14.05 10.93 -9.74
N ASP A 1272 -15.30 10.79 -9.32
CA ASP A 1272 -15.73 9.57 -8.66
C ASP A 1272 -15.60 8.38 -9.60
N LEU A 1273 -15.98 8.58 -10.85
CA LEU A 1273 -15.90 7.51 -11.85
C LEU A 1273 -14.45 7.15 -12.12
N ALA A 1274 -13.60 8.16 -12.25
CA ALA A 1274 -12.17 7.94 -12.43
C ALA A 1274 -11.63 7.06 -11.30
N SER A 1275 -12.02 7.40 -10.08
CA SER A 1275 -11.53 6.71 -8.89
C SER A 1275 -11.95 5.24 -8.89
N ARG A 1276 -13.20 4.98 -9.27
CA ARG A 1276 -13.74 3.63 -9.28
C ARG A 1276 -13.16 2.79 -10.41
N ILE A 1277 -12.88 3.44 -11.54
CA ILE A 1277 -12.41 2.74 -12.73
C ILE A 1277 -11.00 2.18 -12.50
N SER A 1278 -10.20 2.89 -11.71
CA SER A 1278 -8.80 2.52 -11.52
C SER A 1278 -8.65 1.16 -10.82
N SER A 1279 -9.73 0.71 -10.19
CA SER A 1279 -9.74 -0.60 -9.55
C SER A 1279 -9.88 -1.69 -10.61
N ALA A 1280 -10.70 -1.43 -11.61
CA ALA A 1280 -10.84 -2.35 -12.73
C ALA A 1280 -9.53 -2.42 -13.51
N GLN A 1281 -8.84 -1.30 -13.59
CA GLN A 1281 -7.54 -1.24 -14.24
C GLN A 1281 -6.54 -2.09 -13.50
N THR A 1282 -6.55 -2.00 -12.17
CA THR A 1282 -5.67 -2.79 -11.32
C THR A 1282 -5.95 -4.28 -11.50
N ALA A 1283 -7.23 -4.64 -11.57
CA ALA A 1283 -7.62 -6.04 -11.71
C ALA A 1283 -7.14 -6.61 -13.05
N ILE A 1284 -7.11 -5.77 -14.07
CA ILE A 1284 -6.73 -6.21 -15.41
C ILE A 1284 -5.27 -6.67 -15.43
N LYS A 1285 -4.38 -5.87 -14.86
CA LYS A 1285 -2.97 -6.24 -14.84
C LYS A 1285 -2.74 -7.41 -13.88
N HIS A 1286 -3.71 -7.65 -13.00
CA HIS A 1286 -3.66 -8.78 -12.08
C HIS A 1286 -4.37 -10.01 -12.66
N GLY A 1287 -4.81 -9.91 -13.91
CA GLY A 1287 -5.28 -11.07 -14.63
C GLY A 1287 -6.79 -11.20 -14.81
N CYS A 1288 -7.51 -10.08 -14.67
CA CYS A 1288 -8.96 -10.12 -14.80
C CYS A 1288 -9.38 -10.36 -16.25
N PRO A 1289 -10.29 -11.34 -16.47
CA PRO A 1289 -10.72 -11.55 -17.87
C PRO A 1289 -11.56 -10.40 -18.41
N PRO A 1290 -11.56 -10.21 -19.74
CA PRO A 1290 -12.24 -9.08 -20.38
C PRO A 1290 -13.66 -8.83 -19.89
N SER A 1291 -14.52 -9.85 -19.94
CA SER A 1291 -15.94 -9.65 -19.68
C SER A 1291 -16.21 -9.17 -18.25
N LEU A 1292 -15.45 -9.68 -17.30
CA LEU A 1292 -15.64 -9.32 -15.90
C LEU A 1292 -15.14 -7.92 -15.61
N ALA A 1293 -14.21 -7.44 -16.42
CA ALA A 1293 -13.73 -6.07 -16.30
C ALA A 1293 -14.86 -5.10 -16.66
N TRP A 1294 -15.59 -5.43 -17.72
CA TRP A 1294 -16.70 -4.60 -18.18
C TRP A 1294 -17.80 -4.52 -17.11
N VAL A 1295 -18.09 -5.66 -16.46
CA VAL A 1295 -19.08 -5.68 -15.40
C VAL A 1295 -18.65 -4.71 -14.30
N SER A 1296 -17.37 -4.68 -14.00
CA SER A 1296 -16.82 -3.76 -13.00
C SER A 1296 -17.00 -2.33 -13.47
N ILE A 1297 -16.69 -2.09 -14.75
CA ILE A 1297 -16.82 -0.76 -15.33
C ILE A 1297 -18.28 -0.34 -15.34
N ALA A 1298 -19.16 -1.28 -15.64
CA ALA A 1298 -20.60 -1.03 -15.64
C ALA A 1298 -21.06 -0.61 -14.25
N ILE A 1299 -20.72 -1.41 -13.26
CA ILE A 1299 -21.10 -1.15 -11.88
C ILE A 1299 -20.60 0.22 -11.44
N SER A 1300 -19.37 0.55 -11.85
CA SER A 1300 -18.75 1.82 -11.49
C SER A 1300 -19.58 2.99 -11.97
N HIS A 1301 -20.03 2.91 -13.23
CA HIS A 1301 -20.90 3.94 -13.79
C HIS A 1301 -22.18 4.05 -12.98
N TRP A 1302 -22.83 2.91 -12.75
CA TRP A 1302 -24.09 2.87 -12.01
C TRP A 1302 -23.97 3.58 -10.67
N MET A 1303 -23.00 3.17 -9.85
CA MET A 1303 -22.81 3.75 -8.52
C MET A 1303 -22.54 5.26 -8.59
N THR A 1304 -21.72 5.66 -9.56
CA THR A 1304 -21.38 7.07 -9.71
C THR A 1304 -22.62 7.88 -10.07
N SER A 1305 -23.33 7.46 -11.10
CA SER A 1305 -24.56 8.11 -11.52
C SER A 1305 -25.58 8.11 -10.39
N LEU A 1306 -25.73 6.96 -9.74
CA LEU A 1306 -26.64 6.83 -8.61
C LEU A 1306 -26.41 7.91 -7.57
N THR A 1307 -25.15 8.31 -7.41
CA THR A 1307 -24.77 9.27 -6.38
C THR A 1307 -25.25 10.68 -6.71
N TYR A 1308 -25.42 10.96 -8.00
CA TYR A 1308 -25.80 12.29 -8.45
C TYR A 1308 -27.15 12.29 -9.17
N ASN A 1309 -27.93 11.22 -8.97
CA ASN A 1309 -29.23 11.10 -9.61
C ASN A 1309 -29.15 11.37 -11.10
N MET A 1310 -28.20 10.72 -11.75
CA MET A 1310 -27.96 10.92 -13.18
C MET A 1310 -28.30 9.67 -14.00
N LEU A 1311 -28.89 8.67 -13.36
CA LEU A 1311 -29.27 7.45 -14.06
C LEU A 1311 -30.38 7.73 -15.07
N PRO A 1312 -30.60 6.81 -16.02
CA PRO A 1312 -31.68 6.93 -17.00
C PRO A 1312 -33.03 7.33 -16.40
N GLY A 1313 -33.61 8.40 -16.93
CA GLY A 1313 -34.92 8.86 -16.51
C GLY A 1313 -34.89 9.68 -15.22
N GLN A 1314 -33.73 9.71 -14.57
CA GLN A 1314 -33.58 10.48 -13.35
C GLN A 1314 -33.47 11.96 -13.71
N SER A 1315 -33.53 12.83 -12.70
CA SER A 1315 -33.62 14.27 -12.93
C SER A 1315 -32.39 14.82 -13.66
N ASN A 1316 -31.21 14.49 -13.17
CA ASN A 1316 -29.98 15.06 -13.71
C ASN A 1316 -29.46 14.29 -14.93
N ASP A 1317 -30.28 13.38 -15.44
CA ASP A 1317 -29.96 12.66 -16.67
C ASP A 1317 -29.79 13.65 -17.83
N PRO A 1318 -28.58 13.71 -18.42
CA PRO A 1318 -28.30 14.75 -19.43
C PRO A 1318 -28.66 14.39 -20.87
N ILE A 1319 -29.15 13.19 -21.13
CA ILE A 1319 -29.31 12.71 -22.50
C ILE A 1319 -30.15 13.66 -23.36
N ASP A 1320 -31.24 14.18 -22.80
CA ASP A 1320 -32.14 15.02 -23.56
C ASP A 1320 -31.59 16.42 -23.79
N TYR A 1321 -30.66 16.84 -22.94
CA TYR A 1321 -30.15 18.21 -22.97
C TYR A 1321 -29.00 18.39 -23.96
N PHE A 1322 -28.65 17.33 -24.69
CA PHE A 1322 -27.53 17.41 -25.61
C PHE A 1322 -27.82 16.70 -26.94
N PRO A 1323 -27.10 17.07 -28.00
CA PRO A 1323 -27.28 16.43 -29.31
C PRO A 1323 -26.65 15.04 -29.35
N ALA A 1324 -27.37 14.05 -28.84
CA ALA A 1324 -26.88 12.68 -28.80
C ALA A 1324 -28.04 11.72 -28.66
N GLU A 1325 -28.03 10.68 -29.48
CA GLU A 1325 -29.08 9.65 -29.41
C GLU A 1325 -28.55 8.41 -28.71
N ASN A 1326 -27.46 8.57 -27.96
CA ASN A 1326 -26.88 7.47 -27.22
C ASN A 1326 -25.88 7.98 -26.18
N ARG A 1327 -25.85 7.32 -25.03
CA ARG A 1327 -24.97 7.70 -23.93
C ARG A 1327 -23.50 7.74 -24.34
N LYS A 1328 -23.13 6.90 -25.30
CA LYS A 1328 -21.73 6.76 -25.69
C LYS A 1328 -21.23 8.01 -26.41
N ASP A 1329 -22.16 8.79 -26.96
CA ASP A 1329 -21.80 9.97 -27.74
C ASP A 1329 -21.77 11.24 -26.89
N ILE A 1330 -22.35 11.19 -25.70
CA ILE A 1330 -22.29 12.34 -24.79
C ILE A 1330 -20.95 12.27 -24.04
N PRO A 1331 -20.21 13.40 -24.00
CA PRO A 1331 -18.90 13.44 -23.35
C PRO A 1331 -18.85 12.76 -21.98
N ILE A 1332 -17.67 12.35 -21.57
CA ILE A 1332 -17.47 11.68 -20.29
C ILE A 1332 -17.47 12.73 -19.18
N GLU A 1333 -17.12 13.96 -19.51
CA GLU A 1333 -17.06 15.04 -18.53
C GLU A 1333 -18.45 15.50 -18.10
N LEU A 1334 -19.46 15.14 -18.90
CA LEU A 1334 -20.84 15.49 -18.59
C LEU A 1334 -21.61 14.25 -18.15
N ASN A 1335 -20.89 13.35 -17.47
CA ASN A 1335 -21.44 12.07 -17.03
C ASN A 1335 -22.09 11.31 -18.17
N GLY A 1336 -21.40 11.23 -19.30
CA GLY A 1336 -21.78 10.34 -20.37
C GLY A 1336 -21.19 8.96 -20.11
N VAL A 1337 -21.63 7.95 -20.86
CA VAL A 1337 -21.10 6.61 -20.71
C VAL A 1337 -19.76 6.53 -21.42
N LEU A 1338 -18.85 5.76 -20.84
CA LEU A 1338 -17.51 5.60 -21.39
C LEU A 1338 -17.52 4.66 -22.59
N ASP A 1339 -16.91 5.10 -23.69
CA ASP A 1339 -16.83 4.30 -24.91
C ASP A 1339 -15.38 4.22 -25.40
N ALA A 1340 -14.79 3.05 -25.30
CA ALA A 1340 -13.42 2.84 -25.75
C ALA A 1340 -13.05 1.36 -25.66
N PRO A 1341 -12.09 0.92 -26.49
CA PRO A 1341 -11.62 -0.47 -26.36
C PRO A 1341 -10.98 -0.69 -24.99
N LEU A 1342 -11.22 -1.86 -24.41
CA LEU A 1342 -10.78 -2.15 -23.05
C LEU A 1342 -9.27 -2.01 -22.90
N SER A 1343 -8.53 -2.34 -23.95
CA SER A 1343 -7.08 -2.20 -23.93
C SER A 1343 -6.68 -0.76 -23.68
N MET A 1344 -7.47 0.17 -24.22
CA MET A 1344 -7.20 1.59 -24.11
C MET A 1344 -7.61 2.11 -22.73
N ILE A 1345 -8.76 1.64 -22.25
CA ILE A 1345 -9.22 2.00 -20.92
C ILE A 1345 -8.21 1.57 -19.87
N SER A 1346 -7.64 0.38 -20.07
CA SER A 1346 -6.69 -0.17 -19.13
C SER A 1346 -5.47 0.72 -18.97
N THR A 1347 -5.03 1.30 -20.08
CA THR A 1347 -3.77 2.04 -20.11
C THR A 1347 -3.91 3.51 -19.69
N VAL A 1348 -4.99 4.17 -20.09
CA VAL A 1348 -5.13 5.61 -19.87
C VAL A 1348 -6.47 6.02 -19.25
N GLY A 1349 -7.27 5.04 -18.84
CA GLY A 1349 -8.47 5.32 -18.07
C GLY A 1349 -9.55 6.12 -18.80
N LEU A 1350 -10.13 7.09 -18.09
CA LEU A 1350 -11.23 7.89 -18.62
C LEU A 1350 -10.82 8.72 -19.82
N GLU A 1351 -9.56 9.15 -19.84
CA GLU A 1351 -9.07 10.00 -20.91
C GLU A 1351 -9.11 9.28 -22.26
N SER A 1352 -9.39 7.98 -22.23
CA SER A 1352 -9.54 7.19 -23.45
C SER A 1352 -10.85 7.52 -24.16
N GLY A 1353 -11.85 7.95 -23.40
CA GLY A 1353 -13.14 8.31 -23.96
C GLY A 1353 -13.00 9.33 -25.07
N ASN A 1354 -12.24 10.39 -24.80
CA ASN A 1354 -12.01 11.43 -25.79
C ASN A 1354 -11.03 10.94 -26.85
N LEU A 1355 -9.94 10.32 -26.40
CA LEU A 1355 -8.90 9.83 -27.31
C LEU A 1355 -9.48 8.91 -28.38
N TYR A 1356 -10.42 8.05 -28.00
CA TYR A 1356 -11.04 7.14 -28.95
C TYR A 1356 -11.96 7.89 -29.91
N PHE A 1357 -12.73 8.83 -29.39
CA PHE A 1357 -13.62 9.63 -30.22
C PHE A 1357 -12.84 10.35 -31.31
N LEU A 1358 -11.71 10.95 -30.93
CA LEU A 1358 -10.84 11.63 -31.89
C LEU A 1358 -10.30 10.65 -32.93
N ILE A 1359 -10.15 9.39 -32.53
CA ILE A 1359 -9.63 8.36 -33.41
C ILE A 1359 -10.70 7.90 -34.39
N LYS A 1360 -11.96 7.92 -33.95
CA LYS A 1360 -13.07 7.59 -34.84
C LYS A 1360 -13.21 8.66 -35.92
N LEU A 1361 -12.91 9.90 -35.57
CA LEU A 1361 -13.02 11.01 -36.51
C LEU A 1361 -11.92 10.94 -37.58
N LEU A 1362 -10.71 10.56 -37.16
CA LEU A 1362 -9.61 10.40 -38.11
C LEU A 1362 -9.92 9.29 -39.11
N SER A 1363 -10.58 8.25 -38.63
CA SER A 1363 -10.96 7.12 -39.47
C SER A 1363 -12.08 7.49 -40.43
N LYS A 1364 -12.78 8.58 -40.13
CA LYS A 1364 -13.96 8.96 -40.89
C LYS A 1364 -13.70 10.13 -41.84
N TYR A 1365 -12.84 11.07 -41.44
CA TYR A 1365 -12.77 12.36 -42.12
C TYR A 1365 -11.42 12.70 -42.76
N THR A 1366 -10.45 11.79 -42.73
CA THR A 1366 -9.24 11.98 -43.51
C THR A 1366 -9.47 11.41 -44.91
N PRO A 1367 -8.77 11.96 -45.91
CA PRO A 1367 -8.99 11.51 -47.29
C PRO A 1367 -8.79 10.01 -47.46
N VAL A 1368 -9.45 9.44 -48.46
CA VAL A 1368 -9.40 8.00 -48.70
C VAL A 1368 -7.96 7.52 -48.88
N MET A 1369 -7.11 8.41 -49.41
CA MET A 1369 -5.75 8.05 -49.75
C MET A 1369 -4.82 8.02 -48.53
N GLN A 1370 -5.21 8.74 -47.48
CA GLN A 1370 -4.34 8.90 -46.32
C GLN A 1370 -4.69 7.96 -45.17
N LYS A 1371 -5.70 7.12 -45.35
CA LYS A 1371 -6.23 6.32 -44.26
C LYS A 1371 -5.19 5.37 -43.67
N ARG A 1372 -4.28 4.88 -44.51
CA ARG A 1372 -3.29 3.90 -44.07
C ARG A 1372 -2.02 4.56 -43.54
N GLU A 1373 -2.08 5.86 -43.30
CA GLU A 1373 -0.94 6.60 -42.77
C GLU A 1373 -0.89 6.53 -41.26
N SER A 1374 0.22 6.96 -40.68
CA SER A 1374 0.34 7.04 -39.22
C SER A 1374 -0.48 8.21 -38.71
N VAL A 1375 -0.49 8.38 -37.40
CA VAL A 1375 -1.34 9.39 -36.76
C VAL A 1375 -0.91 10.81 -37.14
N VAL A 1376 0.38 11.08 -37.05
CA VAL A 1376 0.90 12.43 -37.28
C VAL A 1376 0.52 12.92 -38.67
N ASN A 1377 0.51 12.02 -39.64
CA ASN A 1377 0.19 12.38 -41.02
C ASN A 1377 -1.30 12.67 -41.19
N GLN A 1378 -2.14 11.90 -40.50
CA GLN A 1378 -3.58 12.08 -40.60
C GLN A 1378 -4.06 13.35 -39.88
N ILE A 1379 -3.27 13.82 -38.93
CA ILE A 1379 -3.60 15.03 -38.18
C ILE A 1379 -3.26 16.25 -39.03
N ALA A 1380 -2.19 16.15 -39.81
CA ALA A 1380 -1.80 17.23 -40.70
C ALA A 1380 -2.85 17.46 -41.78
N GLU A 1381 -3.61 16.42 -42.08
CA GLU A 1381 -4.60 16.47 -43.16
C GLU A 1381 -5.95 17.01 -42.67
N VAL A 1382 -5.98 17.51 -41.44
CA VAL A 1382 -7.21 18.06 -40.86
C VAL A 1382 -7.51 19.42 -41.48
N LYS A 1383 -6.48 20.08 -42.00
CA LYS A 1383 -6.66 21.39 -42.62
C LYS A 1383 -7.54 21.27 -43.87
N ASN A 1384 -7.68 20.05 -44.37
CA ASN A 1384 -8.55 19.79 -45.51
C ASN A 1384 -9.84 19.10 -45.04
N TRP A 1385 -10.39 19.58 -43.92
CA TRP A 1385 -11.66 19.08 -43.41
C TRP A 1385 -12.76 20.11 -43.64
N LYS A 1386 -14.00 19.65 -43.70
CA LYS A 1386 -15.16 20.52 -43.86
C LYS A 1386 -16.05 20.46 -42.62
N VAL A 1387 -15.92 21.47 -41.77
CA VAL A 1387 -16.71 21.56 -40.54
C VAL A 1387 -18.20 21.41 -40.84
N GLU A 1388 -18.63 21.91 -41.98
CA GLU A 1388 -20.04 21.90 -42.35
C GLU A 1388 -20.57 20.48 -42.51
N ASP A 1389 -19.68 19.53 -42.82
CA ASP A 1389 -20.09 18.15 -43.06
C ASP A 1389 -20.22 17.35 -41.77
N LEU A 1390 -19.60 17.83 -40.70
CA LEU A 1390 -19.66 17.14 -39.41
C LEU A 1390 -21.08 17.13 -38.88
N THR A 1391 -21.45 16.06 -38.19
CA THR A 1391 -22.75 15.97 -37.54
C THR A 1391 -22.82 16.88 -36.32
N ASP A 1392 -24.03 17.18 -35.88
CA ASP A 1392 -24.22 18.05 -34.72
C ASP A 1392 -23.53 17.46 -33.50
N ASN A 1393 -23.67 16.15 -33.31
CA ASN A 1393 -23.05 15.46 -32.19
C ASN A 1393 -21.54 15.69 -32.21
N GLU A 1394 -20.93 15.52 -33.38
CA GLU A 1394 -19.48 15.60 -33.52
C GLU A 1394 -18.95 17.00 -33.21
N ILE A 1395 -19.71 18.03 -33.58
CA ILE A 1395 -19.29 19.41 -33.33
C ILE A 1395 -19.49 19.72 -31.85
N PHE A 1396 -20.60 19.25 -31.29
CA PHE A 1396 -20.87 19.40 -29.87
C PHE A 1396 -19.70 18.89 -29.04
N ARG A 1397 -19.29 17.65 -29.31
CA ARG A 1397 -18.13 17.06 -28.67
C ARG A 1397 -16.88 17.93 -28.82
N LEU A 1398 -16.57 18.28 -30.06
CA LEU A 1398 -15.37 19.05 -30.36
C LEU A 1398 -15.37 20.41 -29.67
N LYS A 1399 -16.53 21.07 -29.67
CA LYS A 1399 -16.65 22.37 -29.01
C LYS A 1399 -16.31 22.25 -27.53
N ILE A 1400 -16.78 21.19 -26.90
CA ILE A 1400 -16.51 20.95 -25.49
C ILE A 1400 -15.02 20.70 -25.28
N LEU A 1401 -14.43 19.89 -26.14
CA LEU A 1401 -13.00 19.60 -26.05
C LEU A 1401 -12.17 20.87 -26.16
N ARG A 1402 -12.56 21.76 -27.07
CA ARG A 1402 -11.77 22.95 -27.37
C ARG A 1402 -11.84 24.00 -26.26
N TYR A 1403 -13.04 24.37 -25.85
CA TYR A 1403 -13.22 25.52 -24.96
C TYR A 1403 -13.28 25.15 -23.47
N LEU A 1404 -13.42 23.87 -23.17
CA LEU A 1404 -13.59 23.43 -21.78
C LEU A 1404 -12.50 22.47 -21.30
N VAL A 1405 -12.22 21.44 -22.09
CA VAL A 1405 -11.33 20.37 -21.64
C VAL A 1405 -9.89 20.82 -21.56
N LEU A 1406 -9.46 21.69 -22.48
CA LEU A 1406 -8.08 22.15 -22.49
C LEU A 1406 -7.79 22.98 -21.23
N ASP A 1407 -7.01 22.41 -20.33
CA ASP A 1407 -6.73 23.01 -19.02
C ASP A 1407 -7.98 22.97 -18.14
N SER A 1426 -12.34 17.33 -15.56
CA SER A 1426 -13.58 17.51 -14.81
C SER A 1426 -14.06 18.96 -14.89
N ILE A 1427 -15.36 19.16 -14.90
CA ILE A 1427 -15.92 20.49 -15.13
C ILE A 1427 -17.21 20.75 -14.34
N LEU A 1428 -18.06 19.74 -14.21
CA LEU A 1428 -19.31 19.90 -13.47
C LEU A 1428 -19.17 19.36 -12.05
N THR A 1429 -18.50 20.13 -11.20
CA THR A 1429 -18.22 19.71 -9.83
C THR A 1429 -18.99 20.56 -8.81
N PRO A 1430 -19.91 19.92 -8.04
CA PRO A 1430 -20.65 20.66 -7.02
C PRO A 1430 -19.77 21.32 -5.96
N ARG A 1431 -20.11 22.55 -5.59
CA ARG A 1431 -19.48 23.23 -4.47
C ARG A 1431 -20.37 23.09 -3.23
N LYS A 1432 -19.74 22.98 -2.06
CA LYS A 1432 -20.48 22.80 -0.81
C LYS A 1432 -20.29 24.00 0.11
N PHE A 1433 -21.28 24.24 0.97
CA PHE A 1433 -21.24 25.37 1.88
C PHE A 1433 -20.43 25.05 3.14
N THR A 1434 -20.14 23.76 3.34
CA THR A 1434 -19.35 23.33 4.49
C THR A 1434 -20.04 23.69 5.79
N GLY A 1437 -15.17 25.16 9.18
CA GLY A 1437 -14.02 24.31 8.90
C GLY A 1437 -13.47 23.64 10.14
N SER A 1438 -13.53 24.34 11.27
CA SER A 1438 -13.02 23.82 12.54
C SER A 1438 -11.54 23.50 12.43
N LEU A 1439 -10.71 24.54 12.46
CA LEU A 1439 -9.26 24.39 12.34
C LEU A 1439 -8.56 25.06 13.51
N ARG A 1440 -9.17 24.96 14.70
CA ARG A 1440 -8.66 25.63 15.88
C ARG A 1440 -7.28 25.15 16.29
N LYS A 1441 -6.97 23.89 15.98
CA LYS A 1441 -5.73 23.27 16.46
C LYS A 1441 -4.51 23.62 15.61
N LEU A 1442 -4.72 24.30 14.49
CA LEU A 1442 -3.62 24.58 13.57
C LEU A 1442 -2.96 25.93 13.84
N TYR A 1443 -1.74 25.87 14.35
CA TYR A 1443 -0.90 27.04 14.61
C TYR A 1443 -0.88 27.99 13.42
N SER A 1444 -0.69 27.44 12.22
CA SER A 1444 -0.55 28.24 11.03
C SER A 1444 -1.86 28.91 10.63
N PHE A 1445 -2.98 28.32 11.03
CA PHE A 1445 -4.28 28.90 10.73
C PHE A 1445 -4.51 30.15 11.57
N SER A 1446 -4.05 30.11 12.81
CA SER A 1446 -4.16 31.25 13.70
C SER A 1446 -3.36 32.43 13.16
N LYS A 1447 -2.23 32.14 12.52
CA LYS A 1447 -1.40 33.17 11.91
C LYS A 1447 -2.08 33.72 10.66
N TYR A 1448 -2.73 32.84 9.91
CA TYR A 1448 -3.51 33.25 8.74
C TYR A 1448 -4.64 34.19 9.16
N GLN A 1449 -5.16 33.98 10.36
CA GLN A 1449 -6.24 34.81 10.89
C GLN A 1449 -5.71 36.17 11.34
N ASP A 1450 -4.47 36.19 11.82
CA ASP A 1450 -3.83 37.43 12.24
C ASP A 1450 -3.57 38.32 11.02
N ARG A 1451 -3.31 37.69 9.88
CA ARG A 1451 -3.03 38.41 8.65
C ARG A 1451 -4.31 38.92 8.00
N LEU A 1452 -5.40 38.17 8.16
CA LEU A 1452 -6.70 38.62 7.70
C LEU A 1452 -7.10 39.91 8.41
N SER A 1453 -6.86 39.94 9.72
CA SER A 1453 -7.23 41.08 10.55
C SER A 1453 -6.27 42.25 10.35
N SER A 1454 -5.04 41.95 9.95
CA SER A 1454 -4.04 43.00 9.73
C SER A 1454 -4.46 43.89 8.56
N PRO A 1455 -4.28 45.22 8.70
CA PRO A 1455 -4.80 46.17 7.71
C PRO A 1455 -4.44 45.85 6.25
N GLY A 1456 -3.15 45.77 5.93
CA GLY A 1456 -2.73 45.52 4.56
C GLY A 1456 -2.17 44.13 4.35
N GLY A 1457 -2.37 43.26 5.33
CA GLY A 1457 -1.75 41.95 5.36
C GLY A 1457 -1.90 41.09 4.12
N MET A 1458 -3.13 40.77 3.75
CA MET A 1458 -3.38 39.81 2.69
C MET A 1458 -2.91 40.31 1.32
N VAL A 1459 -3.24 41.55 0.98
CA VAL A 1459 -2.81 42.13 -0.29
C VAL A 1459 -1.28 42.09 -0.37
N GLU A 1460 -0.63 42.34 0.76
CA GLU A 1460 0.82 42.27 0.84
C GLU A 1460 1.31 40.87 0.46
N LEU A 1461 0.61 39.85 0.93
CA LEU A 1461 1.00 38.47 0.69
C LEU A 1461 0.67 38.05 -0.74
N PHE A 1462 -0.50 38.45 -1.24
CA PHE A 1462 -0.85 38.20 -2.63
C PHE A 1462 0.20 38.81 -3.55
N THR A 1463 0.63 40.03 -3.20
CA THR A 1463 1.66 40.73 -3.95
C THR A 1463 2.96 39.94 -3.95
N TYR A 1464 3.40 39.53 -2.77
CA TYR A 1464 4.65 38.79 -2.62
C TYR A 1464 4.67 37.53 -3.47
N LEU A 1465 3.52 36.90 -3.65
CA LEU A 1465 3.43 35.65 -4.40
C LEU A 1465 3.43 35.90 -5.91
N LEU A 1466 2.80 36.98 -6.34
CA LEU A 1466 2.82 37.36 -7.74
C LEU A 1466 4.25 37.68 -8.19
N GLU A 1467 5.04 38.20 -7.26
CA GLU A 1467 6.44 38.50 -7.52
C GLU A 1467 7.27 37.23 -7.59
N LYS A 1468 6.92 36.26 -6.74
CA LYS A 1468 7.57 34.95 -6.76
C LYS A 1468 6.55 33.87 -7.11
N PRO A 1469 6.05 33.89 -8.36
CA PRO A 1469 4.96 33.01 -8.77
C PRO A 1469 5.30 31.52 -8.68
N GLU A 1470 6.57 31.20 -8.47
CA GLU A 1470 7.00 29.83 -8.26
C GLU A 1470 6.24 29.20 -7.09
N LEU A 1471 5.90 30.02 -6.11
CA LEU A 1471 5.29 29.54 -4.86
C LEU A 1471 3.80 29.21 -5.03
N LEU A 1472 3.23 29.56 -6.17
CA LEU A 1472 1.82 29.28 -6.42
C LEU A 1472 1.59 27.80 -6.70
N VAL A 1473 2.63 27.13 -7.18
CA VAL A 1473 2.52 25.73 -7.56
C VAL A 1473 3.42 24.86 -6.68
N THR A 1474 4.64 25.31 -6.44
CA THR A 1474 5.58 24.57 -5.59
C THR A 1474 5.75 25.25 -4.24
N LYS A 1475 6.68 24.72 -3.44
CA LYS A 1475 7.09 25.38 -2.21
C LYS A 1475 8.61 25.50 -2.22
N GLY A 1476 9.09 26.73 -2.16
CA GLY A 1476 10.51 27.01 -2.29
C GLY A 1476 11.37 26.33 -1.26
N GLU A 1477 12.68 26.27 -1.54
CA GLU A 1477 13.63 25.69 -0.60
C GLU A 1477 13.81 26.60 0.61
N ASP A 1478 13.43 27.86 0.45
CA ASP A 1478 13.57 28.84 1.53
C ASP A 1478 12.48 28.67 2.58
N MET A 1479 12.81 29.06 3.82
CA MET A 1479 11.84 29.00 4.91
C MET A 1479 10.70 29.98 4.68
N LYS A 1480 11.05 31.23 4.43
CA LYS A 1480 10.06 32.28 4.18
C LYS A 1480 9.12 31.87 3.05
N ASP A 1481 9.70 31.33 1.98
CA ASP A 1481 8.91 30.86 0.85
C ASP A 1481 7.87 29.85 1.30
N TYR A 1482 8.30 28.90 2.12
CA TYR A 1482 7.40 27.87 2.61
C TYR A 1482 6.30 28.46 3.50
N MET A 1483 6.71 29.25 4.48
CA MET A 1483 5.78 29.79 5.46
C MET A 1483 4.72 30.66 4.80
N GLU A 1484 5.13 31.41 3.78
CA GLU A 1484 4.21 32.30 3.08
C GLU A 1484 3.31 31.55 2.11
N SER A 1485 3.79 30.41 1.60
CA SER A 1485 2.98 29.61 0.70
C SER A 1485 1.90 28.87 1.48
N VAL A 1486 2.18 28.56 2.74
CA VAL A 1486 1.22 27.89 3.59
C VAL A 1486 0.08 28.84 3.95
N ILE A 1487 0.43 30.04 4.41
CA ILE A 1487 -0.57 31.05 4.74
C ILE A 1487 -1.48 31.25 3.53
N PHE A 1488 -0.89 31.23 2.34
CA PHE A 1488 -1.65 31.42 1.11
C PHE A 1488 -2.67 30.32 0.90
N ARG A 1489 -2.25 29.07 1.09
CA ARG A 1489 -3.15 27.92 0.95
C ARG A 1489 -4.50 28.16 1.60
N TYR A 1490 -4.48 28.75 2.78
CA TYR A 1490 -5.70 28.94 3.57
C TYR A 1490 -6.72 29.83 2.87
N ASN A 1491 -6.27 30.58 1.87
CA ASN A 1491 -7.16 31.42 1.10
C ASN A 1491 -8.03 30.57 0.17
N SER A 1492 -7.56 29.35 -0.11
CA SER A 1492 -8.31 28.42 -0.94
C SER A 1492 -9.42 27.74 -0.15
N LYS A 1493 -10.62 27.73 -0.74
CA LYS A 1493 -11.78 27.14 -0.09
C LYS A 1493 -11.62 25.62 0.02
N ARG A 1494 -11.14 25.02 -1.06
CA ARG A 1494 -11.07 23.57 -1.15
C ARG A 1494 -9.96 23.00 -0.28
N PHE A 1495 -8.89 23.76 -0.07
CA PHE A 1495 -7.80 23.32 0.80
C PHE A 1495 -8.27 23.21 2.24
N LYS A 1496 -8.95 24.25 2.71
CA LYS A 1496 -9.39 24.31 4.10
C LYS A 1496 -10.35 23.17 4.42
N GLU A 1497 -11.07 22.70 3.40
CA GLU A 1497 -12.04 21.62 3.60
C GLU A 1497 -11.34 20.28 3.77
N SER A 1498 -10.17 20.15 3.16
CA SER A 1498 -9.40 18.92 3.19
C SER A 1498 -8.87 18.59 4.59
N LEU A 1499 -8.59 19.64 5.36
CA LEU A 1499 -7.94 19.48 6.66
C LEU A 1499 -8.86 18.82 7.69
N SER A 1500 -10.17 18.88 7.45
CA SER A 1500 -11.13 18.27 8.36
C SER A 1500 -11.53 16.90 7.86
N ILE A 1501 -11.50 15.91 8.76
CA ILE A 1501 -11.86 14.55 8.42
C ILE A 1501 -13.35 14.48 8.10
N GLN A 1502 -13.70 13.75 7.04
CA GLN A 1502 -15.09 13.67 6.60
C GLN A 1502 -15.56 12.22 6.50
N ASN A 1503 -16.71 11.92 7.09
CA ASN A 1503 -17.31 10.59 6.97
C ASN A 1503 -17.74 10.35 5.53
N PRO A 1504 -17.26 9.25 4.92
CA PRO A 1504 -17.62 9.00 3.51
C PRO A 1504 -19.11 8.79 3.31
N ALA A 1505 -19.79 8.28 4.32
CA ALA A 1505 -21.23 8.10 4.25
C ALA A 1505 -21.91 9.47 4.20
N GLN A 1506 -21.42 10.40 5.01
CA GLN A 1506 -21.97 11.75 5.03
C GLN A 1506 -21.66 12.50 3.74
N LEU A 1507 -20.48 12.24 3.16
CA LEU A 1507 -20.12 12.84 1.88
C LEU A 1507 -21.04 12.31 0.80
N PHE A 1508 -21.30 11.01 0.87
CA PHE A 1508 -22.16 10.32 -0.08
C PHE A 1508 -23.59 10.85 -0.06
N ILE A 1509 -24.16 11.00 1.13
CA ILE A 1509 -25.56 11.37 1.25
C ILE A 1509 -25.74 12.87 0.99
N GLU A 1510 -24.77 13.68 1.41
CA GLU A 1510 -24.81 15.11 1.14
C GLU A 1510 -24.88 15.37 -0.35
N GLN A 1511 -24.19 14.54 -1.12
CA GLN A 1511 -24.14 14.69 -2.57
C GLN A 1511 -25.48 14.32 -3.19
N ILE A 1512 -26.15 13.34 -2.59
CA ILE A 1512 -27.47 12.91 -3.06
C ILE A 1512 -28.50 13.99 -2.79
N LEU A 1513 -28.53 14.49 -1.56
CA LEU A 1513 -29.57 15.42 -1.13
C LEU A 1513 -29.43 16.79 -1.79
N PHE A 1514 -28.22 17.15 -2.21
CA PHE A 1514 -27.99 18.45 -2.85
C PHE A 1514 -28.06 18.36 -4.37
N SER A 1515 -28.49 17.22 -4.89
CA SER A 1515 -28.50 16.97 -6.33
C SER A 1515 -29.42 17.93 -7.09
N HIS A 1516 -30.47 18.40 -6.43
CA HIS A 1516 -31.43 19.30 -7.07
C HIS A 1516 -31.22 20.76 -6.66
N LYS A 1517 -30.37 20.99 -5.67
CA LYS A 1517 -30.01 22.35 -5.29
C LYS A 1517 -29.01 22.92 -6.29
N PRO A 1518 -28.89 24.26 -6.35
CA PRO A 1518 -27.95 24.86 -7.28
C PRO A 1518 -26.52 24.84 -6.74
N VAL A 1519 -25.67 23.99 -7.32
CA VAL A 1519 -24.35 23.73 -6.78
C VAL A 1519 -23.24 23.92 -7.81
N ILE A 1520 -23.61 24.31 -9.02
CA ILE A 1520 -22.62 24.56 -10.07
C ILE A 1520 -22.33 26.05 -10.17
N ASP A 1521 -21.07 26.41 -10.00
CA ASP A 1521 -20.64 27.79 -10.24
C ASP A 1521 -20.33 27.97 -11.71
N PHE A 1522 -21.37 28.20 -12.50
CA PHE A 1522 -21.23 28.27 -13.95
C PHE A 1522 -20.39 29.48 -14.37
N SER A 1523 -20.41 30.52 -13.54
CA SER A 1523 -19.61 31.71 -13.81
C SER A 1523 -18.12 31.35 -13.80
N GLY A 1524 -17.76 30.35 -13.01
CA GLY A 1524 -16.40 29.86 -12.98
C GLY A 1524 -16.04 29.09 -14.24
N ILE A 1525 -17.05 28.50 -14.87
CA ILE A 1525 -16.86 27.75 -16.10
C ILE A 1525 -16.96 28.68 -17.30
N ARG A 1526 -17.97 29.55 -17.29
CA ARG A 1526 -18.31 30.34 -18.47
C ARG A 1526 -17.21 31.32 -18.89
N ASP A 1527 -16.59 31.97 -17.90
CA ASP A 1527 -15.65 33.05 -18.17
C ASP A 1527 -14.50 32.63 -19.08
N LYS A 1528 -14.19 31.35 -19.09
CA LYS A 1528 -13.01 30.85 -19.80
C LYS A 1528 -13.13 30.95 -21.32
N TYR A 1529 -14.34 31.19 -21.82
CA TYR A 1529 -14.53 31.35 -23.26
C TYR A 1529 -15.33 32.59 -23.60
N ILE A 1530 -14.78 33.75 -23.23
CA ILE A 1530 -15.31 35.04 -23.63
C ILE A 1530 -14.16 35.90 -24.12
N ASN A 1531 -14.43 36.75 -25.11
CA ASN A 1531 -13.40 37.59 -25.71
C ASN A 1531 -14.00 38.83 -26.36
N ILE A 1544 -25.65 36.85 -14.31
CA ILE A 1544 -25.88 35.56 -13.67
C ILE A 1544 -25.43 35.61 -12.22
N LEU A 1545 -26.37 35.43 -11.31
CA LEU A 1545 -26.09 35.48 -9.87
C LEU A 1545 -25.85 34.09 -9.29
N GLY A 1546 -24.70 33.92 -8.65
CA GLY A 1546 -24.44 32.75 -7.83
C GLY A 1546 -24.30 31.42 -8.55
N LYS A 1547 -24.90 30.39 -7.96
CA LYS A 1547 -24.72 29.02 -8.41
C LYS A 1547 -25.89 28.57 -9.29
N VAL A 1548 -25.77 27.37 -9.85
CA VAL A 1548 -26.76 26.84 -10.78
C VAL A 1548 -26.96 25.35 -10.53
N THR A 1549 -28.13 24.84 -10.93
CA THR A 1549 -28.40 23.41 -10.84
C THR A 1549 -27.70 22.65 -11.95
N PHE A 1550 -27.53 21.34 -11.77
CA PHE A 1550 -26.98 20.48 -12.81
C PHE A 1550 -27.74 20.68 -14.12
N THR A 1551 -29.06 20.58 -14.05
CA THR A 1551 -29.90 20.58 -15.24
C THR A 1551 -29.85 21.91 -15.96
N GLU A 1552 -29.79 23.00 -15.19
CA GLU A 1552 -29.71 24.34 -15.77
C GLU A 1552 -28.33 24.57 -16.37
N ALA A 1553 -27.32 23.91 -15.82
CA ALA A 1553 -25.97 24.03 -16.34
C ALA A 1553 -25.88 23.44 -17.75
N TYR A 1554 -26.48 22.26 -17.94
CA TYR A 1554 -26.55 21.64 -19.27
C TYR A 1554 -27.07 22.64 -20.28
N ARG A 1555 -28.19 23.28 -19.92
CA ARG A 1555 -28.92 24.15 -20.82
C ARG A 1555 -28.08 25.40 -21.15
N LEU A 1556 -27.47 25.99 -20.13
CA LEU A 1556 -26.63 27.17 -20.34
C LEU A 1556 -25.41 26.81 -21.19
N LEU A 1557 -24.94 25.58 -21.05
CA LEU A 1557 -23.78 25.12 -21.78
C LEU A 1557 -24.08 25.05 -23.28
N MET A 1558 -25.17 24.37 -23.63
CA MET A 1558 -25.58 24.26 -25.01
C MET A 1558 -25.78 25.63 -25.66
N ARG A 1559 -26.42 26.54 -24.93
CA ARG A 1559 -26.72 27.87 -25.45
C ARG A 1559 -25.43 28.61 -25.81
N ASP A 1560 -24.45 28.55 -24.93
CA ASP A 1560 -23.17 29.23 -25.15
C ASP A 1560 -22.45 28.67 -26.37
N LEU A 1561 -22.44 27.35 -26.50
CA LEU A 1561 -21.75 26.70 -27.61
C LEU A 1561 -22.37 27.10 -28.95
N SER A 1562 -23.69 27.17 -28.99
CA SER A 1562 -24.39 27.55 -30.21
C SER A 1562 -23.86 28.87 -30.76
N SER A 1563 -23.49 29.76 -29.85
CA SER A 1563 -22.99 31.09 -30.23
C SER A 1563 -21.47 31.15 -30.09
N LEU A 1564 -20.82 30.03 -30.40
CA LEU A 1564 -19.37 29.92 -30.27
C LEU A 1564 -18.89 28.82 -31.22
N GLU A 1565 -18.42 29.24 -32.40
CA GLU A 1565 -18.25 28.30 -33.51
C GLU A 1565 -16.86 27.64 -33.58
N LEU A 1566 -16.76 26.64 -34.43
CA LEU A 1566 -15.62 25.73 -34.46
C LEU A 1566 -14.93 25.75 -35.82
N THR A 1567 -13.66 26.14 -35.84
CA THR A 1567 -12.90 26.24 -37.08
C THR A 1567 -11.97 25.04 -37.27
N ASN A 1568 -11.38 24.95 -38.46
CA ASN A 1568 -10.40 23.90 -38.75
C ASN A 1568 -9.18 24.05 -37.86
N ASP A 1569 -8.86 25.29 -37.51
CA ASP A 1569 -7.73 25.56 -36.62
C ASP A 1569 -8.02 25.02 -35.22
N ASP A 1570 -9.25 25.21 -34.76
CA ASP A 1570 -9.66 24.72 -33.44
C ASP A 1570 -9.45 23.21 -33.33
N ILE A 1571 -9.86 22.47 -34.35
CA ILE A 1571 -9.75 21.02 -34.34
C ILE A 1571 -8.30 20.59 -34.26
N GLN A 1572 -7.42 21.32 -34.95
CA GLN A 1572 -5.99 21.02 -34.91
C GLN A 1572 -5.43 21.24 -33.50
N VAL A 1573 -5.87 22.32 -32.87
CA VAL A 1573 -5.46 22.63 -31.50
C VAL A 1573 -5.85 21.49 -30.57
N ILE A 1574 -7.02 20.91 -30.80
CA ILE A 1574 -7.48 19.78 -30.02
C ILE A 1574 -6.50 18.62 -30.13
N TYR A 1575 -6.24 18.18 -31.36
CA TYR A 1575 -5.35 17.05 -31.61
C TYR A 1575 -3.94 17.28 -31.08
N SER A 1576 -3.48 18.53 -31.10
CA SER A 1576 -2.11 18.83 -30.74
C SER A 1576 -1.90 18.82 -29.22
N TYR A 1577 -2.92 19.21 -28.47
CA TYR A 1577 -2.83 19.24 -27.02
C TYR A 1577 -3.06 17.85 -26.42
N ILE A 1578 -3.88 17.06 -27.09
CA ILE A 1578 -4.26 15.74 -26.59
C ILE A 1578 -3.33 14.65 -27.12
N ILE A 1579 -3.25 14.53 -28.44
CA ILE A 1579 -2.49 13.45 -29.06
C ILE A 1579 -1.00 13.76 -29.11
N LEU A 1580 -0.62 14.79 -29.84
CA LEU A 1580 0.78 15.04 -30.18
C LEU A 1580 1.63 15.49 -29.00
N ASN A 1581 0.99 16.02 -27.96
CA ASN A 1581 1.72 16.49 -26.78
C ASN A 1581 2.16 15.33 -25.88
N ASP A 1582 1.57 14.16 -26.10
CA ASP A 1582 1.87 12.99 -25.28
C ASP A 1582 2.33 11.83 -26.17
N PRO A 1583 3.60 11.41 -26.05
CA PRO A 1583 4.10 10.28 -26.83
C PRO A 1583 3.28 9.02 -26.61
N MET A 1584 2.71 8.87 -25.41
CA MET A 1584 1.87 7.74 -25.08
C MET A 1584 0.61 7.72 -25.93
N MET A 1585 -0.03 8.88 -26.05
CA MET A 1585 -1.27 9.00 -26.81
C MET A 1585 -1.01 8.83 -28.31
N ILE A 1586 0.18 9.25 -28.77
CA ILE A 1586 0.56 9.01 -30.15
C ILE A 1586 0.67 7.52 -30.39
N THR A 1587 1.48 6.87 -29.56
CA THR A 1587 1.70 5.42 -29.68
C THR A 1587 0.38 4.67 -29.65
N ILE A 1588 -0.41 4.88 -28.61
CA ILE A 1588 -1.68 4.19 -28.45
C ILE A 1588 -2.58 4.45 -29.65
N ALA A 1589 -2.53 5.66 -30.18
CA ALA A 1589 -3.33 6.01 -31.35
C ALA A 1589 -2.89 5.20 -32.56
N ASN A 1590 -1.57 5.12 -32.77
CA ASN A 1590 -1.02 4.33 -33.86
C ASN A 1590 -1.35 2.84 -33.72
N THR A 1591 -1.29 2.34 -32.49
CA THR A 1591 -1.55 0.92 -32.25
C THR A 1591 -2.96 0.54 -32.70
N HIS A 1592 -3.92 1.45 -32.52
CA HIS A 1592 -5.30 1.14 -32.86
C HIS A 1592 -5.55 1.26 -34.36
N ILE A 1593 -4.90 2.23 -34.99
CA ILE A 1593 -5.08 2.48 -36.42
C ILE A 1593 -4.33 1.45 -37.25
N LEU A 1594 -3.05 1.28 -36.94
CA LEU A 1594 -2.14 0.50 -37.79
C LEU A 1594 -2.20 -1.01 -37.52
N SER A 1595 -2.94 -1.41 -36.50
CA SER A 1595 -2.95 -2.81 -36.09
C SER A 1595 -3.78 -3.69 -37.02
N ILE A 1596 -3.42 -4.95 -37.07
CA ILE A 1596 -4.18 -5.99 -37.76
C ILE A 1596 -4.01 -7.24 -36.93
N TYR A 1597 -5.07 -8.05 -36.83
CA TYR A 1597 -5.07 -9.16 -35.89
C TYR A 1597 -4.82 -10.51 -36.55
N GLY A 1598 -4.05 -11.35 -35.88
CA GLY A 1598 -3.85 -12.72 -36.31
C GLY A 1598 -4.93 -13.63 -35.77
N SER A 1599 -4.96 -14.87 -36.24
CA SER A 1599 -6.01 -15.81 -35.84
C SER A 1599 -5.99 -16.05 -34.33
N PRO A 1600 -7.15 -16.43 -33.76
CA PRO A 1600 -7.24 -16.65 -32.31
C PRO A 1600 -6.44 -17.85 -31.83
N GLN A 1601 -6.08 -17.85 -30.55
CA GLN A 1601 -5.45 -19.01 -29.93
C GLN A 1601 -5.70 -19.02 -28.42
N ARG A 1602 -5.54 -20.19 -27.82
CA ARG A 1602 -5.82 -20.37 -26.39
C ARG A 1602 -4.84 -19.61 -25.52
N ARG A 1603 -5.23 -19.39 -24.27
CA ARG A 1603 -4.33 -18.85 -23.27
C ARG A 1603 -3.68 -20.00 -22.50
N MET A 1604 -2.36 -20.11 -22.62
CA MET A 1604 -1.62 -21.16 -21.95
C MET A 1604 -0.28 -20.63 -21.48
N GLY A 1605 -0.07 -20.64 -20.17
CA GLY A 1605 1.17 -20.12 -19.62
C GLY A 1605 1.21 -18.61 -19.69
N MET A 1606 0.75 -17.97 -18.62
CA MET A 1606 0.75 -16.52 -18.55
C MET A 1606 2.09 -16.05 -17.99
N SER A 1607 2.48 -14.83 -18.36
CA SER A 1607 3.80 -14.32 -17.97
C SER A 1607 3.70 -12.89 -17.46
N CYS A 1608 4.57 -12.55 -16.51
CA CYS A 1608 4.63 -11.19 -15.98
C CYS A 1608 5.52 -10.32 -16.85
N SER A 1609 5.00 -9.17 -17.24
CA SER A 1609 5.77 -8.19 -18.01
C SER A 1609 5.58 -6.80 -17.42
N THR A 1610 6.68 -6.06 -17.30
CA THR A 1610 6.63 -4.70 -16.78
C THR A 1610 6.20 -3.73 -17.89
N MET A 1611 5.38 -2.74 -17.53
CA MET A 1611 4.93 -1.75 -18.51
C MET A 1611 6.08 -0.84 -18.89
N PRO A 1612 6.38 -0.74 -20.19
CA PRO A 1612 7.51 0.09 -20.62
C PRO A 1612 7.22 1.58 -20.61
N GLU A 1613 8.28 2.39 -20.55
CA GLU A 1613 8.17 3.84 -20.61
C GLU A 1613 7.78 4.26 -22.02
N PHE A 1614 6.88 5.24 -22.12
CA PHE A 1614 6.46 5.76 -23.41
C PHE A 1614 7.06 7.14 -23.64
N ARG A 1615 6.98 7.99 -22.62
CA ARG A 1615 7.53 9.33 -22.69
C ARG A 1615 9.06 9.27 -22.75
N ASN A 1616 9.66 10.31 -23.32
CA ASN A 1616 11.12 10.39 -23.42
C ASN A 1616 11.66 11.59 -22.65
N HIS A 1621 17.54 18.82 -17.15
CA HIS A 1621 16.60 19.57 -16.33
C HIS A 1621 17.11 19.69 -14.90
N HIS A 1622 16.29 20.27 -14.03
CA HIS A 1622 16.58 20.34 -12.61
C HIS A 1622 15.27 20.59 -11.86
N SER A 1623 15.35 20.71 -10.54
CA SER A 1623 14.16 20.88 -9.70
C SER A 1623 13.17 21.89 -10.31
N PRO A 1624 11.95 21.44 -10.61
CA PRO A 1624 10.94 22.34 -11.19
C PRO A 1624 10.79 23.66 -10.44
N ALA A 1625 10.87 23.62 -9.11
CA ALA A 1625 10.70 24.82 -8.30
C ALA A 1625 11.67 25.93 -8.72
N LEU A 1626 12.96 25.60 -8.81
CA LEU A 1626 13.98 26.57 -9.18
C LEU A 1626 13.89 26.94 -10.66
N VAL A 1627 13.64 25.95 -11.50
CA VAL A 1627 13.50 26.18 -12.94
C VAL A 1627 12.45 27.25 -13.19
N LEU A 1628 11.34 27.19 -12.44
CA LEU A 1628 10.27 28.15 -12.60
C LEU A 1628 10.66 29.54 -12.12
N ARG A 1629 11.46 29.60 -11.05
CA ARG A 1629 11.95 30.88 -10.57
C ARG A 1629 12.80 31.53 -11.64
N ALA A 1630 13.69 30.73 -12.23
CA ALA A 1630 14.56 31.20 -13.30
C ALA A 1630 13.75 31.83 -14.42
N TYR A 1631 12.56 31.28 -14.67
CA TYR A 1631 11.69 31.77 -15.73
C TYR A 1631 11.24 33.20 -15.46
N SER A 1632 11.24 33.59 -14.20
CA SER A 1632 10.89 34.96 -13.81
C SER A 1632 11.85 35.48 -12.75
N ASN A 1634 14.30 35.78 -15.53
CA ASN A 1634 15.10 35.33 -16.66
C ASN A 1634 16.58 35.35 -16.31
N ASN A 1635 16.94 34.62 -15.25
CA ASN A 1635 18.33 34.57 -14.81
C ASN A 1635 18.72 33.17 -14.33
N PRO A 1636 19.27 32.34 -15.24
CA PRO A 1636 19.81 31.03 -14.86
C PRO A 1636 21.02 31.14 -13.94
N ASP A 1637 20.86 31.85 -12.82
CA ASP A 1637 21.94 32.09 -11.88
C ASP A 1637 21.42 31.89 -10.45
N ILE A 1638 20.90 32.96 -9.86
CA ILE A 1638 20.22 32.87 -8.56
C ILE A 1638 21.06 32.08 -7.57
N PRO A 1643 24.19 27.13 -12.97
CA PRO A 1643 25.08 26.74 -14.06
C PRO A 1643 24.50 27.06 -15.43
N THR A 1644 25.17 26.62 -16.49
CA THR A 1644 24.72 26.89 -17.85
C THR A 1644 23.53 26.00 -18.20
N GLU A 1645 23.48 24.80 -17.63
CA GLU A 1645 22.42 23.86 -17.94
C GLU A 1645 21.06 24.40 -17.49
N MET A 1646 21.08 25.28 -16.48
CA MET A 1646 19.86 25.93 -16.04
C MET A 1646 19.30 26.76 -17.18
N ALA A 1647 20.19 27.33 -17.99
CA ALA A 1647 19.79 28.07 -19.17
C ALA A 1647 19.28 27.10 -20.24
N ARG A 1648 19.95 25.95 -20.35
CA ARG A 1648 19.53 24.93 -21.31
C ARG A 1648 18.10 24.51 -21.04
N ASP A 1649 17.75 24.39 -19.76
CA ASP A 1649 16.39 24.10 -19.36
C ASP A 1649 15.48 25.25 -19.78
N LEU A 1650 15.92 26.46 -19.47
CA LEU A 1650 15.11 27.66 -19.66
C LEU A 1650 14.85 27.98 -21.13
N VAL A 1651 15.81 27.67 -22.00
CA VAL A 1651 15.69 28.00 -23.41
C VAL A 1651 14.49 27.27 -24.03
N HIS A 1652 14.37 25.97 -23.77
CA HIS A 1652 13.32 25.18 -24.39
C HIS A 1652 12.04 25.15 -23.55
N LEU A 1653 12.06 25.84 -22.41
CA LEU A 1653 10.83 26.14 -21.70
C LEU A 1653 10.14 27.29 -22.41
N LYS A 1654 10.94 28.23 -22.90
CA LYS A 1654 10.44 29.40 -23.60
C LYS A 1654 9.85 29.03 -24.95
N GLU A 1655 10.36 27.97 -25.56
CA GLU A 1655 9.85 27.52 -26.86
C GLU A 1655 8.45 26.96 -26.70
N PHE A 1656 8.23 26.19 -25.64
CA PHE A 1656 6.93 25.64 -25.33
C PHE A 1656 5.91 26.75 -25.12
N VAL A 1657 6.37 27.86 -24.55
CA VAL A 1657 5.51 29.00 -24.27
C VAL A 1657 5.07 29.69 -25.56
N GLU A 1658 6.05 30.18 -26.33
CA GLU A 1658 5.77 31.06 -27.46
C GLU A 1658 5.13 30.36 -28.65
N ASN A 1659 5.29 29.04 -28.75
CA ASN A 1659 4.68 28.29 -29.86
C ASN A 1659 3.16 28.28 -29.71
N THR A 1660 2.68 27.67 -28.63
CA THR A 1660 1.28 27.78 -28.25
C THR A 1660 1.15 28.96 -27.31
N ASN A 1661 1.30 30.16 -27.87
CA ASN A 1661 1.49 31.40 -27.10
C ASN A 1661 0.72 31.45 -25.78
N LEU A 1662 1.42 31.77 -24.70
CA LEU A 1662 0.82 31.84 -23.37
C LEU A 1662 1.19 33.16 -22.68
N GLU A 1663 2.47 33.51 -22.72
CA GLU A 1663 2.95 34.72 -22.08
C GLU A 1663 2.18 35.94 -22.59
N GLU A 1664 1.88 35.95 -23.88
CA GLU A 1664 1.16 37.05 -24.49
C GLU A 1664 -0.35 36.85 -24.36
N LYS A 1665 -0.77 35.64 -24.03
CA LYS A 1665 -2.19 35.31 -23.94
C LYS A 1665 -2.81 35.78 -22.63
N MET A 1666 -2.14 35.54 -21.52
CA MET A 1666 -2.68 35.93 -20.21
C MET A 1666 -2.44 37.42 -19.96
N LYS A 1667 -1.37 37.95 -20.53
CA LYS A 1667 -1.08 39.38 -20.43
C LYS A 1667 -2.23 40.17 -21.06
N VAL A 1668 -2.76 39.64 -22.16
CA VAL A 1668 -3.91 40.24 -22.83
C VAL A 1668 -5.17 39.94 -22.01
N ARG A 1669 -5.28 38.70 -21.55
CA ARG A 1669 -6.44 38.25 -20.79
C ARG A 1669 -6.57 39.04 -19.48
N ILE A 1670 -5.43 39.44 -18.92
CA ILE A 1670 -5.40 40.26 -17.71
C ILE A 1670 -5.83 41.69 -18.05
N ALA A 1671 -5.25 42.22 -19.13
CA ALA A 1671 -5.52 43.60 -19.54
C ALA A 1671 -7.00 43.81 -19.83
N MET A 1672 -7.63 42.80 -20.43
CA MET A 1672 -9.05 42.87 -20.74
C MET A 1672 -9.88 42.97 -19.46
N ASN A 1673 -9.66 42.03 -18.54
CA ASN A 1673 -10.46 41.93 -17.33
C ASN A 1673 -10.46 43.23 -16.52
N GLU A 1674 -9.30 43.85 -16.40
CA GLU A 1674 -9.17 45.03 -15.56
C GLU A 1674 -9.73 46.27 -16.25
N ALA A 1675 -9.56 46.35 -17.56
CA ALA A 1675 -10.13 47.44 -18.34
C ALA A 1675 -11.65 47.44 -18.19
N GLU A 1676 -12.22 46.25 -18.11
CA GLU A 1676 -13.65 46.08 -17.92
C GLU A 1676 -14.07 46.53 -16.53
N LYS A 1677 -13.25 46.18 -15.53
CA LYS A 1677 -13.56 46.52 -14.14
C LYS A 1677 -13.08 47.91 -13.77
N GLY A 1678 -12.18 48.47 -14.57
CA GLY A 1678 -11.67 49.81 -14.32
C GLY A 1678 -10.72 49.89 -13.14
N GLN A 1679 -10.46 48.75 -12.50
CA GLN A 1679 -9.55 48.69 -11.36
C GLN A 1679 -8.79 47.38 -11.39
N ARG A 1680 -7.64 47.33 -10.70
CA ARG A 1680 -6.84 46.11 -10.68
C ARG A 1680 -7.59 44.98 -9.99
N ASP A 1681 -7.51 43.79 -10.56
CA ASP A 1681 -8.12 42.60 -9.99
C ASP A 1681 -7.03 41.63 -9.58
N ILE A 1682 -6.63 41.69 -8.32
CA ILE A 1682 -5.50 40.90 -7.83
C ILE A 1682 -5.85 39.43 -7.80
N VAL A 1683 -7.13 39.13 -7.56
CA VAL A 1683 -7.61 37.76 -7.50
C VAL A 1683 -7.49 37.10 -8.87
N PHE A 1684 -8.05 37.75 -9.89
CA PHE A 1684 -8.03 37.21 -11.25
C PHE A 1684 -6.60 37.00 -11.74
N GLU A 1685 -5.70 37.92 -11.37
CA GLU A 1685 -4.30 37.81 -11.76
C GLU A 1685 -3.64 36.61 -11.11
N LEU A 1686 -4.05 36.29 -9.89
CA LEU A 1686 -3.53 35.12 -9.19
C LEU A 1686 -3.99 33.83 -9.88
N LYS A 1687 -5.29 33.72 -10.10
CA LYS A 1687 -5.85 32.55 -10.78
C LYS A 1687 -5.14 32.28 -12.10
N GLU A 1688 -5.06 33.31 -12.94
CA GLU A 1688 -4.41 33.19 -14.24
C GLU A 1688 -2.96 32.74 -14.09
N MET A 1689 -2.21 33.44 -13.23
CA MET A 1689 -0.82 33.10 -12.98
C MET A 1689 -0.67 31.65 -12.52
N THR A 1690 -1.51 31.25 -11.57
CA THR A 1690 -1.48 29.90 -11.02
C THR A 1690 -1.53 28.85 -12.13
N ARG A 1691 -2.56 28.93 -12.97
CA ARG A 1691 -2.74 27.97 -14.05
C ARG A 1691 -1.64 28.11 -15.09
N PHE A 1692 -1.14 29.32 -15.30
CA PHE A 1692 -0.05 29.54 -16.25
C PHE A 1692 1.20 28.82 -15.77
N TYR A 1693 1.47 28.90 -14.46
CA TYR A 1693 2.65 28.27 -13.90
C TYR A 1693 2.41 26.80 -13.59
N GLN A 1694 1.15 26.43 -13.36
CA GLN A 1694 0.82 25.03 -13.11
C GLN A 1694 0.92 24.24 -14.40
N VAL A 1695 0.70 24.92 -15.53
CA VAL A 1695 0.95 24.32 -16.83
C VAL A 1695 2.45 24.07 -16.97
N CYS A 1696 3.24 25.05 -16.53
CA CYS A 1696 4.69 24.94 -16.60
C CYS A 1696 5.24 23.91 -15.61
N TYR A 1697 4.59 23.80 -14.46
CA TYR A 1697 5.04 22.85 -13.43
C TYR A 1697 4.84 21.42 -13.88
N GLU A 1698 3.81 21.20 -14.68
CA GLU A 1698 3.48 19.85 -15.14
C GLU A 1698 4.03 19.61 -16.55
N TYR A 1699 4.93 20.50 -16.99
CA TYR A 1699 5.65 20.30 -18.23
C TYR A 1699 7.11 20.02 -17.92
N VAL A 1700 7.63 20.68 -16.89
CA VAL A 1700 9.03 20.56 -16.50
C VAL A 1700 9.28 19.24 -15.77
N LYS A 1701 8.45 18.94 -14.79
CA LYS A 1701 8.71 17.80 -13.91
C LYS A 1701 8.62 16.47 -14.64
N SER A 1702 9.75 15.75 -14.64
CA SER A 1702 9.80 14.40 -15.19
C SER A 1702 9.23 13.41 -14.20
N THR A 1703 8.30 12.57 -14.65
CA THR A 1703 7.74 11.53 -13.81
C THR A 1703 8.70 10.35 -13.72
N GLU A 1704 9.11 10.00 -12.51
CA GLU A 1704 9.95 8.82 -12.32
C GLU A 1704 9.15 7.59 -12.74
N HIS A 1705 9.70 6.82 -13.67
CA HIS A 1705 8.99 5.67 -14.22
C HIS A 1705 8.57 4.70 -13.14
N LYS A 1706 7.26 4.49 -13.01
CA LYS A 1706 6.72 3.57 -12.01
C LYS A 1706 6.77 2.14 -12.53
N ILE A 1707 7.00 1.19 -11.63
CA ILE A 1707 7.04 -0.21 -11.99
C ILE A 1707 5.65 -0.81 -11.82
N LYS A 1708 5.04 -1.24 -12.92
CA LYS A 1708 3.75 -1.90 -12.86
C LYS A 1708 3.74 -3.12 -13.78
N VAL A 1709 3.30 -4.25 -13.23
CA VAL A 1709 3.47 -5.54 -13.89
C VAL A 1709 2.13 -6.13 -14.33
N PHE A 1710 2.08 -6.56 -15.59
CA PHE A 1710 0.87 -7.14 -16.16
C PHE A 1710 1.04 -8.62 -16.42
N ILE A 1711 0.01 -9.40 -16.10
CA ILE A 1711 -0.02 -10.81 -16.46
C ILE A 1711 -0.51 -10.91 -17.90
N LEU A 1712 0.32 -11.50 -18.77
CA LEU A 1712 0.02 -11.53 -20.20
C LEU A 1712 0.25 -12.92 -20.82
N PRO A 1713 -0.36 -13.18 -21.99
CA PRO A 1713 -0.23 -14.47 -22.67
C PRO A 1713 1.20 -14.80 -23.10
N ALA A 1714 2.03 -13.78 -23.26
CA ALA A 1714 3.43 -13.98 -23.64
C ALA A 1714 4.30 -12.95 -22.95
N LYS A 1715 5.56 -12.87 -23.34
CA LYS A 1715 6.50 -11.92 -22.74
C LYS A 1715 6.64 -10.67 -23.59
N SER A 1716 6.69 -9.52 -22.94
CA SER A 1716 6.87 -8.25 -23.61
C SER A 1716 8.32 -7.80 -23.49
N TYR A 1717 8.98 -7.61 -24.63
CA TYR A 1717 10.38 -7.23 -24.64
C TYR A 1717 10.56 -5.77 -25.07
N THR A 1718 9.51 -5.18 -25.64
CA THR A 1718 9.57 -3.80 -26.09
C THR A 1718 8.23 -3.08 -25.84
N THR A 1719 8.17 -1.81 -26.23
CA THR A 1719 6.94 -1.05 -26.16
C THR A 1719 5.96 -1.58 -27.20
N THR A 1720 6.48 -2.09 -28.30
CA THR A 1720 5.66 -2.67 -29.36
C THR A 1720 5.00 -3.96 -28.90
N ASP A 1721 5.76 -4.77 -28.15
CA ASP A 1721 5.23 -6.03 -27.64
C ASP A 1721 4.12 -5.78 -26.62
N PHE A 1722 4.34 -4.83 -25.71
CA PHE A 1722 3.40 -4.56 -24.64
C PHE A 1722 2.04 -4.13 -25.17
N CYS A 1723 2.06 -3.24 -26.17
CA CYS A 1723 0.81 -2.74 -26.76
C CYS A 1723 0.06 -3.86 -27.49
N SER A 1724 0.79 -4.58 -28.34
CA SER A 1724 0.20 -5.68 -29.11
C SER A 1724 -0.47 -6.71 -28.21
N LEU A 1725 0.22 -7.08 -27.13
CA LEU A 1725 -0.29 -8.08 -26.21
C LEU A 1725 -1.51 -7.56 -25.45
N MET A 1726 -1.43 -6.33 -24.95
CA MET A 1726 -2.54 -5.71 -24.25
C MET A 1726 -3.75 -5.61 -25.18
N GLN A 1727 -3.49 -5.10 -26.38
CA GLN A 1727 -4.54 -4.91 -27.37
C GLN A 1727 -5.18 -6.24 -27.76
N GLY A 1728 -4.38 -7.30 -27.75
CA GLY A 1728 -4.84 -8.61 -28.18
C GLY A 1728 -5.33 -9.51 -27.05
N ASN A 1729 -5.04 -9.15 -25.81
CA ASN A 1729 -5.39 -10.00 -24.68
C ASN A 1729 -6.75 -9.65 -24.08
N LEU A 1730 -7.26 -8.45 -24.36
CA LEU A 1730 -8.47 -7.96 -23.70
C LEU A 1730 -9.64 -7.78 -24.65
N ILE A 1731 -9.99 -8.83 -25.38
CA ILE A 1731 -11.11 -8.78 -26.32
C ILE A 1731 -12.07 -9.94 -26.07
N LYS A 1732 -11.53 -11.15 -25.94
CA LYS A 1732 -12.34 -12.33 -25.66
C LYS A 1732 -11.79 -13.10 -24.47
N ASP A 1733 -12.69 -13.65 -23.66
CA ASP A 1733 -12.31 -14.42 -22.49
C ASP A 1733 -11.63 -15.73 -22.89
N LYS A 1734 -12.22 -16.42 -23.87
CA LYS A 1734 -11.80 -17.77 -24.21
C LYS A 1734 -10.50 -17.81 -25.00
N GLU A 1735 -10.13 -16.72 -25.65
CA GLU A 1735 -9.00 -16.71 -26.56
C GLU A 1735 -8.30 -15.36 -26.62
N TRP A 1736 -7.13 -15.34 -27.23
CA TRP A 1736 -6.40 -14.09 -27.45
C TRP A 1736 -5.80 -14.07 -28.85
N TYR A 1737 -5.44 -12.88 -29.30
CA TYR A 1737 -5.02 -12.69 -30.68
C TYR A 1737 -3.63 -12.05 -30.77
N THR A 1738 -2.91 -12.39 -31.82
CA THR A 1738 -1.63 -11.73 -32.11
C THR A 1738 -1.91 -10.41 -32.82
N VAL A 1739 -1.18 -9.36 -32.45
CA VAL A 1739 -1.42 -8.04 -33.00
C VAL A 1739 -0.16 -7.53 -33.68
N HIS A 1740 -0.22 -7.40 -35.01
CA HIS A 1740 0.90 -6.87 -35.78
C HIS A 1740 0.53 -5.50 -36.32
N TYR A 1741 1.52 -4.79 -36.84
CA TYR A 1741 1.33 -3.42 -37.29
C TYR A 1741 1.88 -3.19 -38.70
N LEU A 1742 1.27 -2.24 -39.40
CA LEU A 1742 1.57 -2.00 -40.81
C LEU A 1742 2.71 -1.00 -40.98
N LYS A 1743 2.91 -0.16 -39.97
CA LYS A 1743 3.93 0.88 -40.03
C LYS A 1743 4.59 1.09 -38.66
N GLN A 1744 5.61 1.92 -38.62
CA GLN A 1744 6.26 2.27 -37.36
C GLN A 1744 5.24 2.90 -36.43
N ILE A 1745 5.49 2.78 -35.13
CA ILE A 1745 4.51 3.17 -34.12
C ILE A 1745 5.04 4.33 -33.29
N LEU A 1746 6.16 4.11 -32.61
CA LEU A 1746 6.77 5.13 -31.77
C LEU A 1746 8.16 5.49 -32.30
#